data_8UBU
#
_entry.id   8UBU
#
_cell.length_a   1.00
_cell.length_b   1.00
_cell.length_c   1.00
_cell.angle_alpha   90.00
_cell.angle_beta   90.00
_cell.angle_gamma   90.00
#
_symmetry.space_group_name_H-M   'P 1'
#
loop_
_entity.id
_entity.type
_entity.pdbx_description
1 polymer Cullin-1
2 polymer 'E3 ubiquitin-protein ligase RBX1, N-terminally processed'
3 polymer 'S-phase kinase-associated protein 1'
4 polymer 'F-box/LRR-repeat protein 17'
5 polymer 'Transcription regulator protein BACH1'
#
loop_
_entity_poly.entity_id
_entity_poly.type
_entity_poly.pdbx_seq_one_letter_code
_entity_poly.pdbx_strand_id
1 'polypeptide(L)'
;KQIGLDQIWDDLRAGIQQVYTRQSMAKSRYMELYTHVYNYCTSVHQSNQARGAGVPPSKSKKGQTPGGAQFVGLELYKRL
KEFLKNYLTNLLKDGEDLMDESVLKFYTQQWEDYRFSSKVLNGICAYLNRHWVRRECDEGRKGIYEIYSLALVTWRDCLF
RPLNKQVTNAVLKLIEKERNGETINTRLISGVVQSYVELGLNEDDAFAKGPTLTVYKESFESQFLADTERFYTRESTEFL
QQNPVTEYMKKAEARLLEEQRRVQVYLHESTQDELARKCEQVLIEKHLEIFHTEFQNLLDADKNEDLGRMYNLVSRIQDG
LGELKKLLETHIHNQGLAAIEKCGEAALNDPKMYVQTVLDVHKKYNALVMSAFNNDAGFVAALDKACGRFINNNAVTKMA
QSSSKSPELLARYCDSLLKKSSKNPEEAELEDTLNQVMVVFKYIEDKDVFQKFYAKMLAKRLVHQNSASDDAEASMISKL
KQACGFEYTSKLQRMFQDIGVSKDLNEQFKKHLTNSEPLDLDFSIQVLSSGSWPFQQSCTFALPSELERSYQRFTAFYAS
RHSGRKLTWLYQLSKGELVTNCFKNRYTLQASTFQMAILLQYNTEDAYTVQQLTDSTQIKMDILAQVLQILLKSKLLVLE
DENANVDEVELKPDTLIKLYLGYKNKKLRVNINVPMKTEQKQEQETTHKNIEEDRKLLIQAAIVRIMKMRKVLKHQQLLG
EVLTQLSSRFKPRVPVIKKCIDILIEKEYLERVDGEKDTYSYLA
;
A,H
2 'polypeptide(L)'
;GAGKKRFEVKKWNAVALWAWDIVVDNCAICRNHIMDLCIECQANQASATSEECTVAWGVCNHAFHFHCISRWLKTRQVCP
LDNREWEFQKYGH
;
B,I
3 'polypeptide(L)'
;MPSIKLQSSDGEIFEVDVEIAKQSTIKTMLEDLGMDDEGDDDPVPLPNVNAAILKKVIQWCTHHKDDPPPPEDDENKEKR
TDDIPVWDQEFLKVDQGTLFELILAANYLDIKGLLDVTCKTVANMIKGKTPEEIRKTFNIKNDFTEEEEAQVRKENQWCE
EK
;
C,G
4 'polypeptide(L)'
;CHREPPPETPDINQLPPSILLKIFSNLSLDERCLSASLVCKYWRDLCLDFQFWKQLDLSSRQQVTDELLEKIASRSQNII
EINISDCRSMSDNGVCVLAFKCPGLLRYTAYRCKQLSDTSIIAVASHCPLLQKVHVGNQDKLTDEGLKQLGSKCRELKDI
HFGQCYKISDEGMIVIAKGCLKLQRIYMQENKLVTDQSVKAFAEHCPELQYVGFMGCSVTSKGVIHLTKLRNLSSLDLRH
ITELDNETVMEIVKRCKNLSSLNLCLNWIINDRCVEVIAKEGQNLKELYLVSCKITDYALIAIGRYSMTIETVDVGWCKE
ITDQGATLIAQSSKSLRYLGLMRCDKVNEVTVEQLVQQYPHITFSTVLQDCKRTLERAYQMGWTPNMSAASS
;
D,K
5 'polypeptide(L)'
;SVFAYESSVHSTNVLLSLNDQRKKDVLCDVTIFVEGQRFRAHRSVLAACSSYFHSRIVGQADGELNITLPEEVTVKGFEP
LIQFAYTAKLILSKENVDEVCKCVEFLSVHNIEESCFQFLKF
;
E,L
#
# COMPACT_ATOMS: atom_id res chain seq x y z
N LEU A 5 54.19 -68.25 -37.50
CA LEU A 5 54.52 -69.66 -37.30
C LEU A 5 53.98 -70.49 -38.46
N ASP A 6 54.89 -71.12 -39.21
CA ASP A 6 54.47 -71.93 -40.35
C ASP A 6 53.86 -73.25 -39.92
N GLN A 7 54.29 -73.79 -38.77
CA GLN A 7 53.67 -74.99 -38.24
C GLN A 7 52.17 -74.79 -38.01
N ILE A 8 51.77 -73.57 -37.63
CA ILE A 8 50.36 -73.24 -37.55
C ILE A 8 49.80 -72.93 -38.93
N TRP A 9 50.53 -72.13 -39.70
CA TRP A 9 49.96 -71.54 -40.92
C TRP A 9 49.69 -72.57 -42.00
N ASP A 10 50.46 -73.65 -42.07
CA ASP A 10 50.17 -74.66 -43.09
C ASP A 10 48.76 -75.20 -42.94
N ASP A 11 48.43 -75.67 -41.74
CA ASP A 11 47.09 -76.20 -41.49
C ASP A 11 46.04 -75.11 -41.44
N LEU A 12 46.41 -73.90 -40.98
CA LEU A 12 45.46 -72.80 -40.98
C LEU A 12 45.02 -72.44 -42.39
N ARG A 13 45.97 -72.35 -43.31
CA ARG A 13 45.63 -72.10 -44.71
C ARG A 13 44.87 -73.28 -45.30
N ALA A 14 45.26 -74.51 -44.96
CA ALA A 14 44.54 -75.67 -45.47
C ALA A 14 43.10 -75.74 -44.97
N GLY A 15 42.80 -75.08 -43.85
CA GLY A 15 41.43 -75.04 -43.38
C GLY A 15 40.66 -73.85 -43.91
N ILE A 16 41.34 -72.71 -44.08
CA ILE A 16 40.69 -71.52 -44.63
C ILE A 16 40.32 -71.74 -46.10
N GLN A 17 41.19 -72.45 -46.84
CA GLN A 17 40.91 -72.74 -48.24
C GLN A 17 39.68 -73.62 -48.42
N GLN A 18 39.30 -74.38 -47.41
CA GLN A 18 38.11 -75.23 -47.47
C GLN A 18 36.94 -74.61 -46.73
N VAL A 19 37.16 -73.54 -45.96
CA VAL A 19 36.06 -72.69 -45.54
C VAL A 19 35.42 -72.01 -46.75
N TYR A 20 36.24 -71.61 -47.73
CA TYR A 20 35.76 -70.85 -48.87
C TYR A 20 35.20 -71.74 -49.99
N THR A 21 35.61 -73.01 -50.04
CA THR A 21 34.94 -74.02 -50.85
C THR A 21 33.97 -74.72 -49.92
N ARG A 22 32.69 -74.37 -50.02
CA ARG A 22 31.75 -74.65 -48.95
C ARG A 22 31.43 -76.13 -48.85
N GLN A 23 32.39 -76.90 -48.33
CA GLN A 23 32.26 -78.34 -48.15
C GLN A 23 31.50 -78.72 -46.90
N SER A 24 31.29 -77.79 -45.97
CA SER A 24 30.51 -78.01 -44.76
C SER A 24 31.10 -79.13 -43.91
N MET A 25 32.31 -78.89 -43.42
CA MET A 25 32.94 -79.83 -42.51
C MET A 25 32.41 -79.63 -41.08
N ALA A 26 32.70 -80.58 -40.22
CA ALA A 26 32.04 -80.66 -38.91
C ALA A 26 32.57 -79.60 -37.96
N LYS A 27 32.10 -79.65 -36.72
CA LYS A 27 32.46 -78.69 -35.68
C LYS A 27 33.73 -79.05 -34.95
N SER A 28 34.26 -80.26 -35.15
CA SER A 28 35.53 -80.64 -34.54
C SER A 28 36.72 -80.02 -35.23
N ARG A 29 36.53 -79.53 -36.45
CA ARG A 29 37.55 -78.81 -37.23
C ARG A 29 37.43 -77.30 -37.12
N TYR A 30 36.22 -76.77 -37.17
CA TYR A 30 36.10 -75.31 -37.09
C TYR A 30 36.22 -74.80 -35.68
N MET A 31 36.49 -75.70 -34.74
CA MET A 31 36.98 -75.34 -33.42
C MET A 31 38.47 -75.62 -33.26
N GLU A 32 39.04 -76.45 -34.13
CA GLU A 32 40.47 -76.67 -34.18
C GLU A 32 41.20 -75.57 -34.95
N LEU A 33 40.50 -74.85 -35.83
CA LEU A 33 41.09 -73.71 -36.52
C LEU A 33 41.07 -72.46 -35.66
N TYR A 34 40.03 -72.29 -34.84
CA TYR A 34 40.02 -71.20 -33.86
C TYR A 34 41.15 -71.35 -32.87
N THR A 35 41.47 -72.60 -32.51
CA THR A 35 42.56 -72.84 -31.56
C THR A 35 43.91 -72.43 -32.14
N HIS A 36 44.10 -72.57 -33.46
CA HIS A 36 45.34 -72.13 -34.06
C HIS A 36 45.53 -70.62 -33.89
N VAL A 37 44.49 -69.85 -34.19
CA VAL A 37 44.57 -68.40 -34.03
C VAL A 37 44.78 -68.03 -32.57
N TYR A 38 44.04 -68.66 -31.66
CA TYR A 38 44.20 -68.35 -30.24
C TYR A 38 45.62 -68.66 -29.76
N ASN A 39 46.15 -69.84 -30.11
CA ASN A 39 47.48 -70.23 -29.67
C ASN A 39 48.55 -69.32 -30.25
N TYR A 40 48.41 -68.94 -31.54
CA TYR A 40 49.36 -68.02 -32.11
C TYR A 40 49.34 -66.67 -31.39
N CYS A 41 48.15 -66.08 -31.24
CA CYS A 41 48.06 -64.72 -30.69
C CYS A 41 48.62 -64.67 -29.28
N THR A 42 48.31 -65.67 -28.47
CA THR A 42 48.81 -65.74 -27.09
C THR A 42 50.03 -66.66 -27.04
N SER A 43 51.13 -66.16 -27.60
CA SER A 43 52.39 -66.90 -27.60
C SER A 43 53.56 -65.99 -27.23
N VAL A 72 51.52 -61.23 -30.61
CA VAL A 72 50.55 -60.43 -31.34
C VAL A 72 50.47 -60.90 -32.80
N GLY A 73 49.45 -60.43 -33.51
CA GLY A 73 49.13 -61.00 -34.81
C GLY A 73 49.20 -60.07 -36.02
N LEU A 74 50.25 -59.24 -36.09
CA LEU A 74 50.38 -58.35 -37.24
C LEU A 74 50.63 -59.15 -38.53
N GLU A 75 51.60 -60.06 -38.49
CA GLU A 75 51.90 -60.84 -39.69
C GLU A 75 50.80 -61.84 -40.00
N LEU A 76 50.05 -62.29 -38.99
CA LEU A 76 48.85 -63.08 -39.27
C LEU A 76 47.84 -62.28 -40.08
N TYR A 77 47.64 -61.01 -39.71
CA TYR A 77 46.79 -60.13 -40.49
C TYR A 77 47.31 -59.97 -41.91
N LYS A 78 48.63 -59.84 -42.06
CA LYS A 78 49.21 -59.73 -43.40
C LYS A 78 48.95 -60.99 -44.23
N ARG A 79 49.12 -62.16 -43.62
CA ARG A 79 48.87 -63.41 -44.34
C ARG A 79 47.42 -63.53 -44.75
N LEU A 80 46.49 -63.16 -43.87
CA LEU A 80 45.07 -63.23 -44.22
C LEU A 80 44.75 -62.27 -45.36
N LYS A 81 45.29 -61.05 -45.31
CA LYS A 81 45.05 -60.08 -46.38
C LYS A 81 45.61 -60.57 -47.71
N GLU A 82 46.83 -61.12 -47.70
CA GLU A 82 47.42 -61.66 -48.91
C GLU A 82 46.62 -62.83 -49.47
N PHE A 83 46.15 -63.72 -48.58
CA PHE A 83 45.32 -64.84 -49.01
C PHE A 83 44.06 -64.35 -49.70
N LEU A 84 43.36 -63.39 -49.09
CA LEU A 84 42.13 -62.90 -49.69
C LEU A 84 42.38 -62.24 -51.04
N LYS A 85 43.45 -61.44 -51.14
CA LYS A 85 43.76 -60.75 -52.39
C LYS A 85 44.06 -61.76 -53.50
N ASN A 86 44.90 -62.77 -53.21
CA ASN A 86 45.21 -63.77 -54.22
C ASN A 86 43.98 -64.61 -54.58
N TYR A 87 43.16 -64.94 -53.59
CA TYR A 87 41.95 -65.72 -53.85
C TYR A 87 41.04 -64.99 -54.82
N LEU A 88 40.81 -63.69 -54.58
CA LEU A 88 39.95 -62.94 -55.50
C LEU A 88 40.60 -62.78 -56.87
N THR A 89 41.91 -62.50 -56.90
CA THR A 89 42.58 -62.33 -58.19
C THR A 89 42.49 -63.58 -59.04
N ASN A 90 42.64 -64.77 -58.43
CA ASN A 90 42.51 -66.01 -59.21
C ASN A 90 41.06 -66.34 -59.51
N LEU A 91 40.13 -66.00 -58.60
CA LEU A 91 38.72 -66.26 -58.84
C LEU A 91 38.22 -65.46 -60.04
N LEU A 92 38.73 -64.26 -60.22
CA LEU A 92 38.14 -63.30 -61.14
C LEU A 92 38.68 -63.40 -62.55
N LYS A 93 39.61 -64.32 -62.81
CA LYS A 93 39.97 -64.63 -64.18
C LYS A 93 38.88 -65.42 -64.88
N ASP A 94 38.03 -66.09 -64.10
CA ASP A 94 36.80 -66.67 -64.60
C ASP A 94 35.67 -65.65 -64.48
N GLY A 95 34.60 -65.88 -65.22
CA GLY A 95 33.43 -65.02 -65.17
C GLY A 95 33.60 -63.64 -65.76
N GLU A 96 34.83 -63.21 -66.04
CA GLU A 96 35.06 -61.96 -66.76
C GLU A 96 34.76 -62.18 -68.23
N ASP A 97 34.57 -61.07 -68.96
CA ASP A 97 34.22 -60.98 -70.39
C ASP A 97 33.18 -62.02 -70.82
N LEU A 98 32.21 -62.29 -69.94
CA LEU A 98 30.97 -63.00 -70.27
C LEU A 98 29.85 -62.02 -69.94
N MET A 99 29.54 -61.11 -70.87
CA MET A 99 28.99 -59.81 -70.51
C MET A 99 27.52 -59.84 -70.10
N ASP A 100 26.62 -60.20 -71.01
CA ASP A 100 25.20 -59.92 -70.82
C ASP A 100 24.49 -61.09 -70.15
N GLU A 101 23.83 -60.80 -69.03
CA GLU A 101 22.94 -61.74 -68.34
C GLU A 101 23.75 -62.91 -67.80
N SER A 102 25.06 -62.90 -68.04
CA SER A 102 25.97 -63.91 -67.53
C SER A 102 26.97 -63.37 -66.52
N VAL A 103 27.23 -62.06 -66.51
CA VAL A 103 27.92 -61.48 -65.37
C VAL A 103 26.97 -61.44 -64.17
N LEU A 104 25.65 -61.45 -64.42
CA LEU A 104 24.70 -61.41 -63.32
C LEU A 104 24.75 -62.71 -62.50
N LYS A 105 24.68 -63.85 -63.19
CA LYS A 105 24.75 -65.14 -62.50
C LYS A 105 26.06 -65.27 -61.74
N PHE A 106 27.17 -65.05 -62.44
CA PHE A 106 28.50 -65.06 -61.84
C PHE A 106 28.56 -64.20 -60.59
N TYR A 107 28.25 -62.90 -60.74
CA TYR A 107 28.44 -61.97 -59.65
C TYR A 107 27.55 -62.33 -58.46
N THR A 108 26.28 -62.65 -58.70
CA THR A 108 25.39 -62.97 -57.58
C THR A 108 25.85 -64.21 -56.83
N GLN A 109 26.15 -65.29 -57.57
CA GLN A 109 26.54 -66.54 -56.93
C GLN A 109 27.84 -66.37 -56.15
N GLN A 110 28.86 -65.79 -56.80
CA GLN A 110 30.14 -65.64 -56.13
C GLN A 110 30.04 -64.68 -54.94
N TRP A 111 29.20 -63.65 -55.04
CA TRP A 111 29.03 -62.72 -53.94
C TRP A 111 28.41 -63.40 -52.73
N GLU A 112 27.34 -64.19 -52.92
CA GLU A 112 26.73 -64.83 -51.77
C GLU A 112 27.68 -65.85 -51.14
N ASP A 113 28.39 -66.63 -51.98
CA ASP A 113 29.35 -67.59 -51.42
C ASP A 113 30.45 -66.89 -50.63
N TYR A 114 31.02 -65.82 -51.21
CA TYR A 114 32.08 -65.08 -50.56
C TYR A 114 31.61 -64.47 -49.24
N ARG A 115 30.41 -63.90 -49.23
CA ARG A 115 29.90 -63.25 -48.03
C ARG A 115 29.68 -64.26 -46.90
N PHE A 116 29.09 -65.43 -47.22
CA PHE A 116 28.90 -66.43 -46.18
C PHE A 116 30.23 -66.94 -45.64
N SER A 117 31.15 -67.29 -46.54
CA SER A 117 32.43 -67.83 -46.08
C SER A 117 33.24 -66.79 -45.33
N SER A 118 33.07 -65.50 -45.65
CA SER A 118 33.79 -64.45 -44.92
C SER A 118 33.19 -64.23 -43.53
N LYS A 119 31.88 -64.38 -43.38
CA LYS A 119 31.31 -64.38 -42.04
C LYS A 119 31.85 -65.53 -41.22
N VAL A 120 31.97 -66.72 -41.81
CA VAL A 120 32.53 -67.86 -41.09
C VAL A 120 33.98 -67.58 -40.68
N LEU A 121 34.78 -67.02 -41.60
CA LEU A 121 36.18 -66.74 -41.29
C LEU A 121 36.30 -65.68 -40.19
N ASN A 122 35.41 -64.69 -40.19
CA ASN A 122 35.41 -63.72 -39.08
C ASN A 122 35.09 -64.39 -37.75
N GLY A 123 34.11 -65.31 -37.76
CA GLY A 123 33.84 -66.07 -36.56
C GLY A 123 35.06 -66.82 -36.06
N ILE A 124 35.84 -67.37 -37.00
CA ILE A 124 37.08 -68.06 -36.61
C ILE A 124 38.10 -67.08 -36.02
N CYS A 125 38.30 -65.93 -36.67
CA CYS A 125 39.32 -64.97 -36.29
C CYS A 125 38.84 -63.95 -35.25
N ALA A 126 37.74 -64.26 -34.56
CA ALA A 126 37.21 -63.38 -33.53
C ALA A 126 38.24 -62.96 -32.47
N TYR A 127 39.20 -63.81 -32.13
CA TYR A 127 40.19 -63.42 -31.11
C TYR A 127 41.11 -62.32 -31.62
N LEU A 128 41.63 -62.49 -32.84
CA LEU A 128 42.44 -61.43 -33.45
C LEU A 128 41.62 -60.15 -33.60
N ASN A 129 40.34 -60.29 -33.91
CA ASN A 129 39.46 -59.12 -33.99
C ASN A 129 39.35 -58.42 -32.64
N ARG A 130 39.09 -59.18 -31.58
CA ARG A 130 38.76 -58.57 -30.29
C ARG A 130 39.99 -57.96 -29.61
N HIS A 131 41.16 -58.59 -29.73
CA HIS A 131 42.27 -58.14 -28.90
C HIS A 131 43.35 -57.37 -29.65
N TRP A 132 43.73 -57.79 -30.86
CA TRP A 132 44.77 -57.07 -31.57
C TRP A 132 44.21 -55.91 -32.39
N VAL A 133 43.19 -56.16 -33.21
CA VAL A 133 42.63 -55.11 -34.06
C VAL A 133 42.02 -54.00 -33.23
N ARG A 134 41.24 -54.35 -32.20
CA ARG A 134 40.61 -53.34 -31.35
C ARG A 134 41.65 -52.48 -30.66
N ARG A 135 42.68 -53.11 -30.10
CA ARG A 135 43.76 -52.37 -29.46
C ARG A 135 44.61 -51.61 -30.47
N GLU A 136 44.63 -52.06 -31.73
CA GLU A 136 45.46 -51.42 -32.76
C GLU A 136 44.77 -50.23 -33.40
N CYS A 137 43.47 -50.31 -33.64
CA CYS A 137 42.82 -49.16 -34.27
C CYS A 137 42.64 -48.03 -33.27
N ASP A 138 41.68 -48.19 -32.35
CA ASP A 138 41.57 -47.49 -31.08
C ASP A 138 41.74 -45.97 -31.18
N GLU A 139 41.96 -45.47 -32.39
CA GLU A 139 42.11 -44.04 -32.64
C GLU A 139 41.44 -43.60 -33.93
N GLY A 140 41.01 -44.52 -34.78
CA GLY A 140 40.70 -44.22 -36.16
C GLY A 140 41.82 -44.50 -37.14
N ARG A 141 42.87 -45.21 -36.71
CA ARG A 141 43.98 -45.54 -37.60
C ARG A 141 43.48 -46.36 -38.78
N LYS A 142 43.91 -45.99 -39.98
CA LYS A 142 43.45 -46.61 -41.21
C LYS A 142 44.38 -47.75 -41.62
N GLY A 143 43.86 -48.61 -42.49
CA GLY A 143 44.61 -49.72 -43.02
C GLY A 143 44.50 -51.00 -42.22
N ILE A 144 43.81 -51.00 -41.09
CA ILE A 144 43.66 -52.17 -40.25
C ILE A 144 42.19 -52.28 -39.87
N TYR A 145 41.53 -53.35 -40.31
CA TYR A 145 40.11 -53.55 -40.12
C TYR A 145 39.87 -54.92 -39.49
N GLU A 146 38.62 -55.17 -39.12
CA GLU A 146 38.20 -56.52 -38.77
C GLU A 146 38.21 -57.38 -40.03
N ILE A 147 38.14 -58.70 -39.83
CA ILE A 147 38.28 -59.62 -40.96
C ILE A 147 37.13 -59.47 -41.94
N TYR A 148 35.91 -59.28 -41.42
CA TYR A 148 34.76 -59.09 -42.31
C TYR A 148 34.91 -57.80 -43.12
N SER A 149 35.30 -56.71 -42.47
CA SER A 149 35.51 -55.46 -43.20
C SER A 149 36.69 -55.56 -44.15
N LEU A 150 37.73 -56.28 -43.77
CA LEU A 150 38.86 -56.50 -44.66
C LEU A 150 38.44 -57.24 -45.93
N ALA A 151 37.64 -58.30 -45.77
CA ALA A 151 37.15 -59.04 -46.93
C ALA A 151 36.20 -58.18 -47.75
N LEU A 152 35.39 -57.34 -47.10
CA LEU A 152 34.51 -56.45 -47.83
C LEU A 152 35.30 -55.44 -48.67
N VAL A 153 36.38 -54.92 -48.12
CA VAL A 153 37.23 -53.99 -48.88
C VAL A 153 37.89 -54.70 -50.05
N THR A 154 38.37 -55.93 -49.82
CA THR A 154 38.98 -56.69 -50.91
C THR A 154 37.96 -56.97 -52.02
N TRP A 155 36.73 -57.32 -51.64
CA TRP A 155 35.71 -57.54 -52.68
C TRP A 155 35.27 -56.24 -53.31
N ARG A 156 35.39 -55.11 -52.62
CA ARG A 156 35.12 -53.83 -53.27
C ARG A 156 36.17 -53.53 -54.33
N ASP A 157 37.43 -53.86 -54.06
CA ASP A 157 38.45 -53.77 -55.10
C ASP A 157 38.26 -54.84 -56.17
N CYS A 158 37.48 -55.88 -55.88
CA CYS A 158 36.94 -56.74 -56.93
C CYS A 158 35.87 -56.02 -57.76
N LEU A 159 35.04 -55.21 -57.10
CA LEU A 159 34.10 -54.37 -57.82
C LEU A 159 34.81 -53.22 -58.52
N PHE A 160 35.84 -52.67 -57.87
CA PHE A 160 36.61 -51.59 -58.50
C PHE A 160 37.46 -52.20 -59.60
N ARG A 161 36.79 -52.66 -60.64
CA ARG A 161 37.34 -53.50 -61.69
C ARG A 161 36.25 -53.68 -62.75
N PRO A 162 36.62 -54.07 -63.99
CA PRO A 162 35.60 -54.27 -65.04
C PRO A 162 34.34 -54.99 -64.61
N LEU A 163 34.35 -55.75 -63.51
CA LEU A 163 33.10 -56.34 -63.04
C LEU A 163 32.33 -55.37 -62.15
N ASN A 164 32.15 -54.14 -62.62
CA ASN A 164 31.12 -53.26 -62.09
C ASN A 164 30.46 -52.42 -63.16
N LYS A 165 30.94 -52.50 -64.42
CA LYS A 165 30.33 -51.77 -65.52
C LYS A 165 29.49 -52.64 -66.44
N GLN A 166 29.88 -53.90 -66.67
CA GLN A 166 29.04 -54.78 -67.48
C GLN A 166 27.96 -55.48 -66.67
N VAL A 167 28.16 -55.67 -65.36
CA VAL A 167 27.04 -56.09 -64.53
C VAL A 167 26.01 -54.97 -64.45
N THR A 168 26.47 -53.72 -64.31
CA THR A 168 25.53 -52.60 -64.29
C THR A 168 24.89 -52.40 -65.66
N ASN A 169 25.66 -52.51 -66.74
CA ASN A 169 25.07 -52.39 -68.08
C ASN A 169 24.06 -53.48 -68.34
N ALA A 170 24.34 -54.71 -67.89
CA ALA A 170 23.39 -55.79 -68.07
C ALA A 170 22.17 -55.65 -67.17
N VAL A 171 22.32 -55.08 -65.98
CA VAL A 171 21.17 -54.76 -65.14
C VAL A 171 20.29 -53.73 -65.83
N LEU A 172 20.90 -52.71 -66.43
CA LEU A 172 20.12 -51.71 -67.16
C LEU A 172 19.44 -52.34 -68.37
N LYS A 173 20.13 -53.20 -69.10
CA LYS A 173 19.53 -53.87 -70.25
C LYS A 173 18.42 -54.82 -69.84
N LEU A 174 18.50 -55.36 -68.61
CA LEU A 174 17.48 -56.29 -68.14
C LEU A 174 16.26 -55.53 -67.62
N ILE A 175 16.48 -54.37 -66.99
CA ILE A 175 15.39 -53.47 -66.62
C ILE A 175 14.73 -52.88 -67.86
N GLU A 176 15.50 -52.75 -68.95
CA GLU A 176 15.03 -52.16 -70.19
C GLU A 176 14.04 -53.06 -70.93
N LYS A 177 13.62 -54.11 -70.24
CA LYS A 177 12.43 -54.86 -70.60
C LYS A 177 11.18 -54.26 -69.98
N GLU A 178 11.20 -52.94 -69.76
CA GLU A 178 9.99 -52.20 -69.38
C GLU A 178 8.89 -52.39 -70.40
N ARG A 179 9.23 -52.78 -71.63
CA ARG A 179 8.23 -53.02 -72.67
C ARG A 179 7.52 -54.35 -72.45
N ASN A 180 8.27 -55.45 -72.45
CA ASN A 180 7.68 -56.76 -72.25
C ASN A 180 8.72 -57.75 -71.78
N GLY A 181 8.29 -58.69 -70.92
CA GLY A 181 9.15 -59.73 -70.39
C GLY A 181 8.70 -60.15 -69.01
N GLU A 182 8.63 -61.46 -68.76
CA GLU A 182 8.12 -61.97 -67.50
C GLU A 182 9.08 -62.87 -66.76
N THR A 183 9.94 -63.60 -67.45
CA THR A 183 11.00 -64.37 -66.78
C THR A 183 12.25 -63.51 -66.59
N ILE A 184 12.04 -62.32 -66.02
CA ILE A 184 13.11 -61.35 -65.88
C ILE A 184 14.09 -61.76 -64.80
N ASN A 185 13.71 -62.68 -63.91
CA ASN A 185 14.56 -63.15 -62.82
C ASN A 185 15.00 -61.99 -61.93
N THR A 186 14.02 -61.45 -61.20
CA THR A 186 14.27 -60.31 -60.33
C THR A 186 15.42 -60.56 -59.37
N ARG A 187 15.59 -61.81 -58.94
CA ARG A 187 16.64 -62.15 -57.98
C ARG A 187 18.03 -61.86 -58.51
N LEU A 188 18.19 -61.78 -59.83
CA LEU A 188 19.49 -61.43 -60.39
C LEU A 188 19.82 -59.96 -60.16
N ILE A 189 18.80 -59.09 -60.22
CA ILE A 189 19.02 -57.65 -60.11
C ILE A 189 19.10 -57.26 -58.65
N SER A 190 18.08 -57.64 -57.88
CA SER A 190 18.00 -57.23 -56.47
C SER A 190 19.26 -57.60 -55.71
N GLY A 191 19.76 -58.84 -55.90
CA GLY A 191 20.99 -59.24 -55.23
C GLY A 191 22.14 -58.31 -55.55
N VAL A 192 22.29 -57.98 -56.83
CA VAL A 192 23.32 -57.01 -57.23
C VAL A 192 23.16 -55.72 -56.44
N VAL A 193 21.92 -55.21 -56.37
CA VAL A 193 21.67 -53.99 -55.61
C VAL A 193 22.16 -54.17 -54.19
N GLN A 194 21.84 -55.31 -53.57
CA GLN A 194 22.25 -55.56 -52.20
C GLN A 194 23.75 -55.44 -52.06
N SER A 195 24.50 -56.00 -53.01
CA SER A 195 25.95 -55.90 -52.95
C SER A 195 26.39 -54.44 -52.90
N TYR A 196 25.83 -53.61 -53.78
CA TYR A 196 26.25 -52.22 -53.85
C TYR A 196 25.91 -51.46 -52.58
N VAL A 197 25.00 -51.98 -51.77
CA VAL A 197 24.70 -51.32 -50.50
C VAL A 197 25.62 -51.84 -49.39
N GLU A 198 26.05 -53.11 -49.46
CA GLU A 198 26.93 -53.64 -48.44
C GLU A 198 28.34 -53.07 -48.56
N LEU A 199 28.75 -52.69 -49.77
CA LEU A 199 30.08 -52.18 -50.02
C LEU A 199 30.21 -50.68 -49.78
N GLY A 200 29.26 -50.08 -49.07
CA GLY A 200 29.45 -48.71 -48.61
C GLY A 200 30.62 -48.62 -47.65
N LEU A 201 31.25 -47.44 -47.64
CA LEU A 201 32.56 -47.25 -47.01
C LEU A 201 32.62 -47.85 -45.61
N ASN A 202 33.43 -48.91 -45.47
CA ASN A 202 33.56 -49.67 -44.23
C ASN A 202 34.78 -49.27 -43.42
N GLU A 203 35.54 -48.27 -43.88
CA GLU A 203 36.90 -48.08 -43.40
C GLU A 203 36.98 -47.26 -42.12
N ASP A 204 36.23 -47.68 -41.10
CA ASP A 204 36.34 -47.23 -39.72
C ASP A 204 36.58 -45.72 -39.61
N ASP A 205 35.60 -44.94 -40.09
CA ASP A 205 35.72 -43.50 -39.98
C ASP A 205 35.54 -43.09 -38.53
N ALA A 206 34.33 -43.24 -38.00
CA ALA A 206 34.14 -43.29 -36.56
C ALA A 206 33.26 -44.43 -36.11
N PHE A 207 32.16 -44.70 -36.83
CA PHE A 207 31.21 -45.77 -36.55
C PHE A 207 30.13 -45.77 -37.61
N ALA A 208 29.47 -46.91 -37.79
CA ALA A 208 28.38 -47.01 -38.77
C ALA A 208 27.15 -46.27 -38.22
N LYS A 209 26.90 -45.06 -38.74
CA LYS A 209 25.77 -44.27 -38.26
C LYS A 209 24.45 -44.81 -38.80
N GLY A 210 24.29 -44.81 -40.12
CA GLY A 210 23.08 -45.28 -40.74
C GLY A 210 23.35 -45.95 -42.07
N PRO A 211 22.42 -45.79 -43.02
CA PRO A 211 22.64 -46.32 -44.36
C PRO A 211 23.87 -45.72 -45.00
N THR A 212 24.57 -46.53 -45.79
CA THR A 212 25.85 -46.13 -46.36
C THR A 212 25.84 -46.27 -47.88
N LEU A 213 24.78 -45.79 -48.53
CA LEU A 213 24.63 -45.93 -49.98
C LEU A 213 25.38 -44.80 -50.71
N THR A 214 26.68 -45.02 -50.84
CA THR A 214 27.53 -44.19 -51.70
C THR A 214 27.89 -44.92 -52.99
N VAL A 215 28.41 -46.15 -52.87
CA VAL A 215 28.68 -46.96 -54.05
C VAL A 215 27.38 -47.24 -54.80
N TYR A 216 26.29 -47.52 -54.07
CA TYR A 216 25.00 -47.76 -54.70
C TYR A 216 24.62 -46.59 -55.62
N LYS A 217 24.50 -45.40 -55.04
CA LYS A 217 24.18 -44.21 -55.82
C LYS A 217 25.14 -44.07 -57.00
N GLU A 218 26.43 -43.90 -56.71
CA GLU A 218 27.42 -43.54 -57.72
C GLU A 218 27.48 -44.54 -58.87
N SER A 219 27.31 -45.83 -58.57
CA SER A 219 27.53 -46.87 -59.58
C SER A 219 26.27 -47.37 -60.24
N PHE A 220 25.10 -47.19 -59.64
CA PHE A 220 23.87 -47.67 -60.25
C PHE A 220 22.85 -46.57 -60.50
N GLU A 221 22.60 -45.69 -59.52
CA GLU A 221 21.38 -44.90 -59.54
C GLU A 221 21.46 -43.77 -60.56
N SER A 222 22.64 -43.17 -60.72
CA SER A 222 22.81 -42.12 -61.71
C SER A 222 22.52 -42.64 -63.11
N GLN A 223 23.10 -43.79 -63.46
CA GLN A 223 22.87 -44.39 -64.77
C GLN A 223 21.42 -44.83 -64.92
N PHE A 224 20.83 -45.38 -63.85
CA PHE A 224 19.43 -45.81 -63.91
C PHE A 224 18.52 -44.64 -64.24
N LEU A 225 18.72 -43.51 -63.57
CA LEU A 225 17.89 -42.33 -63.79
C LEU A 225 18.12 -41.74 -65.18
N ALA A 226 19.40 -41.60 -65.59
CA ALA A 226 19.71 -41.05 -66.90
C ALA A 226 19.26 -41.96 -68.04
N ASP A 227 19.03 -43.24 -67.76
CA ASP A 227 18.51 -44.15 -68.77
C ASP A 227 16.98 -44.12 -68.83
N THR A 228 16.33 -44.07 -67.67
CA THR A 228 14.88 -43.97 -67.64
C THR A 228 14.41 -42.66 -68.28
N GLU A 229 15.16 -41.57 -68.08
CA GLU A 229 14.79 -40.31 -68.72
C GLU A 229 14.76 -40.44 -70.24
N ARG A 230 15.81 -41.02 -70.82
CA ARG A 230 15.87 -41.18 -72.26
C ARG A 230 14.77 -42.11 -72.76
N PHE A 231 14.56 -43.23 -72.07
CA PHE A 231 13.52 -44.17 -72.46
C PHE A 231 12.16 -43.50 -72.51
N TYR A 232 11.80 -42.78 -71.44
CA TYR A 232 10.47 -42.19 -71.37
C TYR A 232 10.33 -40.99 -72.28
N THR A 233 11.40 -40.24 -72.54
CA THR A 233 11.34 -39.17 -73.52
C THR A 233 11.01 -39.73 -74.90
N ARG A 234 11.75 -40.75 -75.34
CA ARG A 234 11.51 -41.33 -76.65
C ARG A 234 10.10 -41.93 -76.72
N GLU A 235 9.70 -42.66 -75.67
CA GLU A 235 8.40 -43.30 -75.68
C GLU A 235 7.26 -42.29 -75.71
N SER A 236 7.39 -41.21 -74.93
CA SER A 236 6.36 -40.18 -74.92
C SER A 236 6.23 -39.51 -76.27
N THR A 237 7.37 -39.15 -76.88
CA THR A 237 7.31 -38.52 -78.20
C THR A 237 6.66 -39.46 -79.23
N GLU A 238 7.09 -40.72 -79.25
CA GLU A 238 6.54 -41.67 -80.21
C GLU A 238 5.04 -41.86 -80.01
N PHE A 239 4.61 -42.03 -78.76
CA PHE A 239 3.20 -42.29 -78.50
C PHE A 239 2.34 -41.08 -78.84
N LEU A 240 2.81 -39.87 -78.50
CA LEU A 240 2.03 -38.68 -78.82
C LEU A 240 1.95 -38.45 -80.33
N GLN A 241 3.01 -38.77 -81.08
CA GLN A 241 2.88 -38.70 -82.53
C GLN A 241 2.08 -39.86 -83.11
N GLN A 242 1.85 -40.92 -82.33
CA GLN A 242 1.09 -42.07 -82.82
C GLN A 242 -0.37 -42.06 -82.40
N ASN A 243 -0.69 -41.48 -81.24
CA ASN A 243 -2.02 -41.53 -80.67
C ASN A 243 -2.40 -40.14 -80.17
N PRO A 244 -3.70 -39.88 -79.98
CA PRO A 244 -4.10 -38.57 -79.45
C PRO A 244 -3.92 -38.47 -77.95
N VAL A 245 -4.23 -37.30 -77.38
CA VAL A 245 -3.88 -37.02 -76.00
C VAL A 245 -4.84 -37.65 -75.01
N THR A 246 -6.06 -38.02 -75.44
CA THR A 246 -7.09 -38.45 -74.49
C THR A 246 -6.67 -39.71 -73.74
N GLU A 247 -6.08 -40.68 -74.44
CA GLU A 247 -5.66 -41.93 -73.80
C GLU A 247 -4.16 -42.05 -73.65
N TYR A 248 -3.41 -40.95 -73.86
CA TYR A 248 -2.01 -40.93 -73.43
C TYR A 248 -1.90 -40.75 -71.93
N MET A 249 -2.90 -40.12 -71.32
CA MET A 249 -2.89 -39.94 -69.87
C MET A 249 -3.02 -41.27 -69.15
N LYS A 250 -3.83 -42.18 -69.69
CA LYS A 250 -3.92 -43.52 -69.13
C LYS A 250 -2.55 -44.17 -69.09
N LYS A 251 -1.81 -44.08 -70.20
CA LYS A 251 -0.48 -44.68 -70.29
C LYS A 251 0.48 -44.00 -69.32
N ALA A 252 0.42 -42.68 -69.22
CA ALA A 252 1.31 -41.98 -68.28
C ALA A 252 1.05 -42.40 -66.84
N GLU A 253 -0.22 -42.51 -66.45
CA GLU A 253 -0.53 -42.94 -65.10
C GLU A 253 -0.09 -44.39 -64.87
N ALA A 254 -0.33 -45.26 -65.84
CA ALA A 254 0.07 -46.66 -65.71
C ALA A 254 1.58 -46.78 -65.57
N ARG A 255 2.34 -46.02 -66.37
CA ARG A 255 3.79 -46.07 -66.28
C ARG A 255 4.30 -45.50 -64.97
N LEU A 256 3.65 -44.45 -64.44
CA LEU A 256 4.03 -43.94 -63.13
C LEU A 256 3.80 -44.99 -62.05
N LEU A 257 2.66 -45.69 -62.09
CA LEU A 257 2.41 -46.75 -61.13
C LEU A 257 3.42 -47.89 -61.28
N GLU A 258 3.76 -48.23 -62.52
CA GLU A 258 4.74 -49.30 -62.77
C GLU A 258 6.10 -48.94 -62.20
N GLU A 259 6.54 -47.69 -62.40
CA GLU A 259 7.82 -47.25 -61.86
C GLU A 259 7.78 -47.21 -60.34
N GLN A 260 6.64 -46.82 -59.76
CA GLN A 260 6.51 -46.86 -58.31
C GLN A 260 6.65 -48.28 -57.78
N ARG A 261 6.01 -49.24 -58.44
CA ARG A 261 6.05 -50.62 -57.97
C ARG A 261 7.42 -51.27 -58.20
N ARG A 262 8.13 -50.86 -59.26
CA ARG A 262 9.42 -51.47 -59.57
C ARG A 262 10.44 -51.23 -58.48
N VAL A 263 10.33 -50.12 -57.74
CA VAL A 263 11.25 -49.82 -56.65
C VAL A 263 11.00 -50.71 -55.44
N GLN A 264 9.93 -51.50 -55.44
CA GLN A 264 9.63 -52.38 -54.32
C GLN A 264 9.98 -53.84 -54.57
N VAL A 265 10.27 -54.22 -55.81
CA VAL A 265 10.76 -55.56 -56.11
C VAL A 265 12.24 -55.56 -56.44
N TYR A 266 12.84 -54.40 -56.69
CA TYR A 266 14.28 -54.27 -56.85
C TYR A 266 14.70 -53.42 -55.66
N LEU A 267 14.16 -53.75 -54.49
CA LEU A 267 13.88 -52.77 -53.45
C LEU A 267 15.14 -52.11 -52.89
N HIS A 268 15.20 -50.79 -53.03
CA HIS A 268 15.89 -49.94 -52.07
C HIS A 268 14.98 -48.76 -51.77
N GLU A 269 14.87 -48.41 -50.48
CA GLU A 269 13.84 -47.48 -50.05
C GLU A 269 14.08 -46.07 -50.61
N SER A 270 15.32 -45.63 -50.67
CA SER A 270 15.63 -44.26 -51.06
C SER A 270 15.98 -44.24 -52.55
N THR A 271 14.98 -44.49 -53.37
CA THR A 271 15.00 -44.14 -54.79
C THR A 271 13.66 -43.59 -55.27
N GLN A 272 12.58 -43.80 -54.50
CA GLN A 272 11.24 -43.53 -54.98
C GLN A 272 11.04 -42.04 -55.28
N ASP A 273 11.52 -41.17 -54.40
CA ASP A 273 11.31 -39.73 -54.58
C ASP A 273 11.98 -39.25 -55.88
N GLU A 274 13.26 -39.60 -56.06
CA GLU A 274 14.00 -39.11 -57.22
C GLU A 274 13.45 -39.72 -58.51
N LEU A 275 13.14 -41.01 -58.50
CA LEU A 275 12.59 -41.64 -59.69
C LEU A 275 11.22 -41.06 -60.05
N ALA A 276 10.39 -40.80 -59.04
CA ALA A 276 9.10 -40.17 -59.28
C ALA A 276 9.27 -38.78 -59.86
N ARG A 277 10.24 -38.01 -59.35
CA ARG A 277 10.43 -36.67 -59.88
C ARG A 277 10.92 -36.70 -61.32
N LYS A 278 11.82 -37.64 -61.64
CA LYS A 278 12.24 -37.82 -63.04
C LYS A 278 11.05 -38.17 -63.91
N CYS A 279 10.24 -39.13 -63.48
CA CYS A 279 9.12 -39.60 -64.30
C CYS A 279 8.07 -38.52 -64.49
N GLU A 280 7.77 -37.75 -63.45
CA GLU A 280 6.82 -36.65 -63.59
C GLU A 280 7.37 -35.55 -64.47
N GLN A 281 8.66 -35.24 -64.37
CA GLN A 281 9.22 -34.17 -65.19
C GLN A 281 9.31 -34.58 -66.65
N VAL A 282 9.44 -35.88 -66.93
CA VAL A 282 9.55 -36.32 -68.32
C VAL A 282 8.18 -36.58 -68.94
N LEU A 283 7.32 -37.35 -68.26
CA LEU A 283 6.03 -37.70 -68.84
C LEU A 283 5.10 -36.50 -68.87
N ILE A 284 5.07 -35.72 -67.78
CA ILE A 284 4.28 -34.50 -67.71
C ILE A 284 5.32 -33.39 -67.58
N GLU A 285 4.89 -32.12 -67.53
CA GLU A 285 5.74 -30.94 -67.43
C GLU A 285 6.58 -30.73 -68.69
N LYS A 286 6.48 -31.62 -69.66
CA LYS A 286 7.10 -31.44 -70.97
C LYS A 286 6.07 -31.42 -72.09
N HIS A 287 4.85 -31.88 -71.82
CA HIS A 287 3.74 -31.81 -72.78
C HIS A 287 2.58 -31.02 -72.21
N LEU A 288 2.87 -29.99 -71.42
CA LEU A 288 1.81 -29.16 -70.85
C LEU A 288 1.15 -28.28 -71.89
N GLU A 289 1.92 -27.86 -72.90
CA GLU A 289 1.38 -26.95 -73.91
C GLU A 289 0.25 -27.59 -74.69
N ILE A 290 0.34 -28.88 -74.98
CA ILE A 290 -0.78 -29.60 -75.59
C ILE A 290 -1.83 -29.99 -74.55
N PHE A 291 -1.44 -30.14 -73.29
CA PHE A 291 -2.42 -30.38 -72.23
C PHE A 291 -3.42 -29.25 -72.14
N HIS A 292 -2.97 -28.00 -72.31
CA HIS A 292 -3.88 -26.86 -72.23
C HIS A 292 -4.92 -26.89 -73.35
N THR A 293 -4.48 -27.13 -74.58
CA THR A 293 -5.41 -27.19 -75.71
C THR A 293 -6.36 -28.37 -75.56
N GLU A 294 -5.86 -29.52 -75.10
CA GLU A 294 -6.74 -30.65 -74.87
C GLU A 294 -7.72 -30.35 -73.74
N PHE A 295 -7.31 -29.57 -72.74
CA PHE A 295 -8.23 -29.15 -71.68
C PHE A 295 -9.37 -28.32 -72.26
N GLN A 296 -9.05 -27.37 -73.13
CA GLN A 296 -10.11 -26.57 -73.74
C GLN A 296 -11.05 -27.44 -74.57
N ASN A 297 -10.49 -28.35 -75.37
CA ASN A 297 -11.33 -29.21 -76.21
C ASN A 297 -12.15 -30.19 -75.38
N LEU A 298 -11.64 -30.61 -74.22
CA LEU A 298 -12.40 -31.46 -73.32
C LEU A 298 -13.51 -30.69 -72.63
N LEU A 299 -13.27 -29.41 -72.34
CA LEU A 299 -14.31 -28.57 -71.77
C LEU A 299 -15.43 -28.35 -72.76
N ASP A 300 -15.09 -28.15 -74.04
CA ASP A 300 -16.12 -27.89 -75.04
C ASP A 300 -17.12 -29.04 -75.14
N ALA A 301 -16.63 -30.27 -75.27
CA ALA A 301 -17.47 -31.46 -75.31
C ALA A 301 -17.25 -32.19 -73.99
N ASP A 302 -18.27 -32.17 -73.12
CA ASP A 302 -18.02 -32.48 -71.71
C ASP A 302 -17.69 -33.95 -71.48
N LYS A 303 -16.39 -34.22 -71.37
CA LYS A 303 -15.87 -35.54 -70.99
C LYS A 303 -15.34 -35.38 -69.57
N ASN A 304 -16.17 -35.70 -68.58
CA ASN A 304 -15.84 -35.41 -67.19
C ASN A 304 -14.91 -36.45 -66.58
N GLU A 305 -14.63 -37.55 -67.28
CA GLU A 305 -13.71 -38.55 -66.76
C GLU A 305 -12.27 -38.24 -67.16
N ASP A 306 -12.06 -37.61 -68.32
CA ASP A 306 -10.71 -37.24 -68.74
C ASP A 306 -10.19 -36.03 -67.96
N LEU A 307 -11.09 -35.14 -67.54
CA LEU A 307 -10.67 -33.96 -66.81
C LEU A 307 -10.12 -34.31 -65.44
N GLY A 308 -10.65 -35.36 -64.79
CA GLY A 308 -10.07 -35.80 -63.53
C GLY A 308 -8.67 -36.33 -63.70
N ARG A 309 -8.44 -37.11 -64.76
CA ARG A 309 -7.10 -37.60 -65.06
C ARG A 309 -6.14 -36.44 -65.32
N MET A 310 -6.58 -35.45 -66.10
CA MET A 310 -5.73 -34.29 -66.36
C MET A 310 -5.44 -33.53 -65.07
N TYR A 311 -6.45 -33.36 -64.22
CA TYR A 311 -6.24 -32.65 -62.96
C TYR A 311 -5.22 -33.37 -62.10
N ASN A 312 -5.32 -34.69 -61.99
CA ASN A 312 -4.33 -35.44 -61.21
C ASN A 312 -2.93 -35.30 -61.80
N LEU A 313 -2.81 -35.45 -63.13
CA LEU A 313 -1.50 -35.39 -63.77
C LEU A 313 -0.84 -34.03 -63.59
N VAL A 314 -1.61 -32.95 -63.79
CA VAL A 314 -1.03 -31.61 -63.66
C VAL A 314 -0.90 -31.19 -62.20
N SER A 315 -1.65 -31.81 -61.28
CA SER A 315 -1.49 -31.52 -59.87
C SER A 315 -0.28 -32.24 -59.28
N ARG A 316 0.17 -33.34 -59.89
CA ARG A 316 1.46 -33.91 -59.50
C ARG A 316 2.58 -32.89 -59.67
N ILE A 317 2.47 -32.01 -60.67
CA ILE A 317 3.45 -30.93 -60.83
C ILE A 317 3.28 -29.89 -59.74
N GLN A 318 4.36 -29.18 -59.44
CA GLN A 318 4.32 -27.99 -58.60
C GLN A 318 4.02 -26.78 -59.46
N ASP A 319 2.93 -26.07 -59.14
CA ASP A 319 2.54 -24.84 -59.83
C ASP A 319 2.33 -25.09 -61.32
N GLY A 320 1.34 -25.92 -61.63
CA GLY A 320 1.04 -26.25 -63.02
C GLY A 320 -0.40 -26.04 -63.41
N LEU A 321 -1.28 -25.86 -62.42
CA LEU A 321 -2.71 -25.71 -62.66
C LEU A 321 -3.12 -24.30 -63.04
N GLY A 322 -2.16 -23.40 -63.25
CA GLY A 322 -2.51 -21.99 -63.44
C GLY A 322 -3.32 -21.72 -64.69
N GLU A 323 -2.92 -22.30 -65.81
CA GLU A 323 -3.62 -22.02 -67.07
C GLU A 323 -4.94 -22.77 -67.15
N LEU A 324 -5.01 -23.98 -66.58
CA LEU A 324 -6.28 -24.69 -66.52
C LEU A 324 -7.28 -23.93 -65.66
N LYS A 325 -6.81 -23.36 -64.55
CA LYS A 325 -7.68 -22.65 -63.62
C LYS A 325 -8.24 -21.37 -64.22
N LYS A 326 -7.60 -20.83 -65.27
CA LYS A 326 -8.08 -19.66 -65.98
C LYS A 326 -8.96 -20.04 -67.18
N LEU A 327 -8.59 -21.11 -67.88
CA LEU A 327 -9.42 -21.58 -68.97
C LEU A 327 -10.79 -22.02 -68.46
N LEU A 328 -10.84 -22.65 -67.30
CA LEU A 328 -12.12 -23.02 -66.70
C LEU A 328 -13.00 -21.80 -66.48
N GLU A 329 -12.44 -20.76 -65.86
CA GLU A 329 -13.23 -19.56 -65.57
C GLU A 329 -13.72 -18.90 -66.85
N THR A 330 -12.83 -18.77 -67.84
CA THR A 330 -13.24 -18.14 -69.10
C THR A 330 -14.34 -18.95 -69.78
N HIS A 331 -14.19 -20.28 -69.82
CA HIS A 331 -15.18 -21.13 -70.47
C HIS A 331 -16.53 -21.01 -69.78
N ILE A 332 -16.55 -21.07 -68.45
CA ILE A 332 -17.83 -21.06 -67.76
C ILE A 332 -18.48 -19.69 -67.83
N HIS A 333 -17.68 -18.61 -67.85
CA HIS A 333 -18.26 -17.29 -68.03
C HIS A 333 -18.92 -17.16 -69.40
N ASN A 334 -18.20 -17.58 -70.46
CA ASN A 334 -18.81 -17.54 -71.79
C ASN A 334 -20.01 -18.46 -71.88
N GLN A 335 -20.03 -19.56 -71.14
CA GLN A 335 -21.17 -20.48 -71.20
C GLN A 335 -22.41 -19.87 -70.54
N GLY A 336 -22.23 -19.22 -69.38
CA GLY A 336 -23.35 -18.51 -68.78
C GLY A 336 -23.86 -17.40 -69.66
N LEU A 337 -22.95 -16.62 -70.24
CA LEU A 337 -23.36 -15.57 -71.16
C LEU A 337 -24.11 -16.15 -72.36
N ALA A 338 -23.63 -17.26 -72.91
CA ALA A 338 -24.28 -17.88 -74.07
C ALA A 338 -25.68 -18.36 -73.71
N ALA A 339 -25.84 -18.96 -72.52
CA ALA A 339 -27.17 -19.36 -72.10
C ALA A 339 -28.12 -18.17 -72.00
N ILE A 340 -27.63 -17.07 -71.43
CA ILE A 340 -28.49 -15.90 -71.27
C ILE A 340 -28.84 -15.29 -72.61
N GLU A 341 -27.89 -15.27 -73.57
CA GLU A 341 -28.20 -14.85 -74.93
C GLU A 341 -29.21 -15.77 -75.60
N LYS A 342 -29.06 -17.08 -75.40
CA LYS A 342 -30.02 -18.02 -75.98
C LYS A 342 -31.41 -17.77 -75.45
N CYS A 343 -31.52 -17.36 -74.18
CA CYS A 343 -32.78 -16.80 -73.71
C CYS A 343 -33.04 -15.44 -74.36
N GLY A 344 -32.18 -14.46 -74.07
CA GLY A 344 -32.12 -13.21 -74.81
C GLY A 344 -33.09 -12.10 -74.43
N GLU A 345 -34.34 -12.20 -74.86
CA GLU A 345 -35.29 -11.10 -74.73
C GLU A 345 -36.54 -11.41 -73.93
N ALA A 346 -36.89 -12.68 -73.74
CA ALA A 346 -38.05 -13.04 -72.95
C ALA A 346 -37.77 -13.05 -71.45
N ALA A 347 -36.61 -12.57 -71.03
CA ALA A 347 -36.23 -12.56 -69.61
C ALA A 347 -36.38 -11.19 -68.98
N LEU A 348 -36.68 -10.14 -69.74
CA LEU A 348 -36.90 -8.82 -69.15
C LEU A 348 -38.08 -8.84 -68.20
N ASN A 349 -39.17 -9.51 -68.60
CA ASN A 349 -40.43 -9.45 -67.88
C ASN A 349 -40.82 -10.80 -67.29
N ASP A 350 -39.88 -11.73 -67.14
CA ASP A 350 -40.14 -13.02 -66.50
C ASP A 350 -38.90 -13.41 -65.70
N PRO A 351 -38.86 -13.08 -64.40
CA PRO A 351 -37.64 -13.34 -63.62
C PRO A 351 -37.37 -14.79 -63.31
N LYS A 352 -38.40 -15.64 -63.29
CA LYS A 352 -38.25 -17.03 -62.90
C LYS A 352 -37.21 -17.76 -63.76
N MET A 353 -37.38 -17.70 -65.08
CA MET A 353 -36.51 -18.47 -65.95
C MET A 353 -35.14 -17.82 -66.15
N TYR A 354 -35.02 -16.51 -65.96
CA TYR A 354 -33.72 -15.86 -65.90
C TYR A 354 -32.91 -16.38 -64.70
N VAL A 355 -33.52 -16.36 -63.52
CA VAL A 355 -32.83 -16.86 -62.33
C VAL A 355 -32.55 -18.35 -62.48
N GLN A 356 -33.46 -19.09 -63.12
CA GLN A 356 -33.26 -20.52 -63.31
C GLN A 356 -32.13 -20.81 -64.29
N THR A 357 -31.97 -19.99 -65.34
CA THR A 357 -30.82 -20.15 -66.23
C THR A 357 -29.51 -19.94 -65.47
N VAL A 358 -29.45 -18.86 -64.67
CA VAL A 358 -28.25 -18.61 -63.89
C VAL A 358 -27.96 -19.78 -62.96
N LEU A 359 -29.01 -20.30 -62.30
CA LEU A 359 -28.83 -21.39 -61.36
C LEU A 359 -28.44 -22.69 -62.05
N ASP A 360 -28.98 -22.94 -63.24
CA ASP A 360 -28.61 -24.14 -63.97
C ASP A 360 -27.13 -24.13 -64.34
N VAL A 361 -26.65 -23.00 -64.86
CA VAL A 361 -25.22 -22.89 -65.19
C VAL A 361 -24.37 -23.09 -63.93
N HIS A 362 -24.76 -22.41 -62.85
CA HIS A 362 -23.99 -22.49 -61.61
C HIS A 362 -23.96 -23.92 -61.08
N LYS A 363 -25.10 -24.61 -61.05
CA LYS A 363 -25.12 -25.95 -60.49
C LYS A 363 -24.34 -26.93 -61.35
N LYS A 364 -24.45 -26.82 -62.67
CA LYS A 364 -23.69 -27.70 -63.55
C LYS A 364 -22.20 -27.57 -63.28
N TYR A 365 -21.69 -26.33 -63.31
CA TYR A 365 -20.25 -26.21 -63.15
C TYR A 365 -19.78 -26.37 -61.71
N ASN A 366 -20.66 -26.15 -60.72
CA ASN A 366 -20.30 -26.47 -59.35
C ASN A 366 -20.15 -27.97 -59.15
N ALA A 367 -21.08 -28.75 -59.72
CA ALA A 367 -20.94 -30.21 -59.66
C ALA A 367 -19.68 -30.67 -60.38
N LEU A 368 -19.40 -30.06 -61.55
CA LEU A 368 -18.18 -30.41 -62.26
C LEU A 368 -16.93 -30.12 -61.42
N VAL A 369 -16.89 -28.96 -60.77
CA VAL A 369 -15.74 -28.60 -59.94
C VAL A 369 -15.60 -29.55 -58.77
N MET A 370 -16.71 -29.88 -58.10
CA MET A 370 -16.62 -30.75 -56.93
C MET A 370 -16.18 -32.16 -57.32
N SER A 371 -16.70 -32.70 -58.42
CA SER A 371 -16.38 -34.08 -58.78
C SER A 371 -15.02 -34.18 -59.47
N ALA A 372 -14.88 -33.51 -60.62
CA ALA A 372 -13.67 -33.70 -61.42
C ALA A 372 -12.44 -33.03 -60.81
N PHE A 373 -12.60 -31.85 -60.21
CA PHE A 373 -11.47 -31.06 -59.74
C PHE A 373 -11.23 -31.17 -58.25
N ASN A 374 -11.83 -32.18 -57.59
CA ASN A 374 -11.54 -32.51 -56.20
C ASN A 374 -11.82 -31.37 -55.23
N ASN A 375 -12.73 -30.46 -55.58
CA ASN A 375 -13.14 -29.36 -54.71
C ASN A 375 -11.95 -28.50 -54.29
N ASP A 376 -11.06 -28.23 -55.25
CA ASP A 376 -9.91 -27.38 -54.99
C ASP A 376 -10.36 -25.95 -54.70
N ALA A 377 -9.53 -25.22 -53.96
CA ALA A 377 -9.89 -23.85 -53.59
C ALA A 377 -9.85 -22.92 -54.80
N GLY A 378 -8.79 -23.01 -55.60
CA GLY A 378 -8.67 -22.12 -56.76
C GLY A 378 -9.75 -22.36 -57.80
N PHE A 379 -10.19 -23.60 -57.97
CA PHE A 379 -11.20 -23.88 -58.99
C PHE A 379 -12.57 -23.36 -58.56
N VAL A 380 -12.90 -23.50 -57.28
CA VAL A 380 -14.13 -22.88 -56.76
C VAL A 380 -14.03 -21.37 -56.83
N ALA A 381 -12.82 -20.82 -56.62
CA ALA A 381 -12.63 -19.39 -56.76
C ALA A 381 -12.90 -18.94 -58.19
N ALA A 382 -12.42 -19.70 -59.17
CA ALA A 382 -12.69 -19.37 -60.58
C ALA A 382 -14.19 -19.46 -60.87
N LEU A 383 -14.85 -20.48 -60.34
CA LEU A 383 -16.30 -20.58 -60.46
C LEU A 383 -16.97 -19.32 -59.92
N ASP A 384 -16.59 -18.89 -58.72
CA ASP A 384 -17.21 -17.74 -58.09
C ASP A 384 -16.98 -16.47 -58.91
N LYS A 385 -15.75 -16.26 -59.36
CA LYS A 385 -15.45 -15.03 -60.12
C LYS A 385 -16.20 -14.99 -61.44
N ALA A 386 -16.22 -16.11 -62.17
CA ALA A 386 -16.94 -16.12 -63.45
C ALA A 386 -18.44 -15.96 -63.24
N CYS A 387 -18.99 -16.58 -62.19
CA CYS A 387 -20.42 -16.47 -61.95
C CYS A 387 -20.81 -15.05 -61.57
N GLY A 388 -20.03 -14.42 -60.68
CA GLY A 388 -20.27 -13.03 -60.36
C GLY A 388 -20.05 -12.10 -61.54
N ARG A 389 -19.19 -12.50 -62.48
CA ARG A 389 -18.99 -11.68 -63.68
C ARG A 389 -20.19 -11.75 -64.60
N PHE A 390 -20.73 -12.94 -64.85
CA PHE A 390 -21.81 -13.00 -65.84
C PHE A 390 -23.18 -12.76 -65.24
N ILE A 391 -23.32 -12.70 -63.92
CA ILE A 391 -24.62 -12.35 -63.35
C ILE A 391 -24.89 -10.86 -63.48
N ASN A 392 -23.90 -10.02 -63.19
CA ASN A 392 -24.11 -8.58 -63.10
C ASN A 392 -24.12 -7.87 -64.45
N ASN A 393 -23.66 -8.52 -65.52
CA ASN A 393 -23.61 -7.89 -66.84
C ASN A 393 -23.84 -8.99 -67.89
N ASN A 394 -25.01 -8.98 -68.50
CA ASN A 394 -25.40 -10.03 -69.44
C ASN A 394 -26.34 -9.41 -70.48
N ALA A 395 -27.09 -10.26 -71.18
CA ALA A 395 -27.92 -9.80 -72.29
C ALA A 395 -29.02 -8.85 -71.81
N VAL A 396 -29.79 -9.24 -70.79
CA VAL A 396 -30.89 -8.40 -70.35
C VAL A 396 -30.37 -7.14 -69.66
N THR A 397 -29.26 -7.25 -68.94
CA THR A 397 -28.66 -6.08 -68.33
C THR A 397 -28.23 -5.06 -69.38
N LYS A 398 -27.58 -5.51 -70.45
CA LYS A 398 -27.21 -4.62 -71.54
C LYS A 398 -28.43 -4.05 -72.22
N MET A 399 -29.45 -4.89 -72.44
CA MET A 399 -30.65 -4.45 -73.14
C MET A 399 -31.40 -3.37 -72.36
N ALA A 400 -31.45 -3.50 -71.04
CA ALA A 400 -32.04 -2.47 -70.19
C ALA A 400 -31.05 -1.36 -69.83
N GLN A 401 -29.78 -1.52 -70.18
CA GLN A 401 -28.73 -0.53 -69.91
C GLN A 401 -28.70 -0.14 -68.44
N SER A 402 -28.81 -1.15 -67.57
CA SER A 402 -28.78 -0.91 -66.13
C SER A 402 -28.43 -2.21 -65.44
N SER A 403 -27.30 -2.22 -64.71
CA SER A 403 -26.95 -3.41 -63.94
C SER A 403 -27.95 -3.70 -62.84
N SER A 404 -28.68 -2.68 -62.38
CA SER A 404 -29.70 -2.88 -61.36
C SER A 404 -30.87 -3.69 -61.87
N LYS A 405 -30.96 -3.93 -63.18
CA LYS A 405 -31.96 -4.84 -63.71
C LYS A 405 -31.69 -6.28 -63.28
N SER A 406 -30.45 -6.57 -62.86
CA SER A 406 -30.15 -7.94 -62.42
C SER A 406 -30.68 -8.22 -61.01
N PRO A 407 -30.44 -7.36 -59.99
CA PRO A 407 -31.04 -7.64 -58.68
C PRO A 407 -32.55 -7.42 -58.66
N GLU A 408 -33.03 -6.38 -59.35
CA GLU A 408 -34.46 -6.12 -59.45
C GLU A 408 -35.23 -7.39 -59.79
N LEU A 409 -34.88 -8.02 -60.92
CA LEU A 409 -35.53 -9.27 -61.31
C LEU A 409 -35.45 -10.29 -60.19
N LEU A 410 -34.27 -10.46 -59.59
CA LEU A 410 -34.14 -11.36 -58.45
C LEU A 410 -35.16 -11.04 -57.37
N ALA A 411 -35.25 -9.75 -57.00
CA ALA A 411 -36.25 -9.35 -56.02
C ALA A 411 -37.65 -9.76 -56.46
N ARG A 412 -37.98 -9.51 -57.72
CA ARG A 412 -39.29 -9.90 -58.23
C ARG A 412 -39.48 -11.40 -58.10
N TYR A 413 -38.43 -12.18 -58.39
CA TYR A 413 -38.52 -13.62 -58.23
C TYR A 413 -38.90 -13.98 -56.79
N CYS A 414 -38.26 -13.31 -55.81
CA CYS A 414 -38.63 -13.53 -54.42
C CYS A 414 -40.10 -13.25 -54.21
N ASP A 415 -40.59 -12.14 -54.74
CA ASP A 415 -42.01 -11.81 -54.63
C ASP A 415 -42.86 -12.94 -55.20
N SER A 416 -42.45 -13.47 -56.36
CA SER A 416 -43.22 -14.54 -56.99
C SER A 416 -43.27 -15.78 -56.11
N LEU A 417 -42.22 -16.00 -55.30
CA LEU A 417 -42.22 -17.13 -54.39
C LEU A 417 -43.06 -16.92 -53.15
N LEU A 418 -43.34 -15.66 -52.78
CA LEU A 418 -43.92 -15.37 -51.48
C LEU A 418 -45.30 -14.73 -51.56
N LYS A 419 -45.98 -14.83 -52.71
CA LYS A 419 -47.34 -14.36 -52.82
C LYS A 419 -48.29 -15.43 -52.28
N LYS A 420 -49.59 -15.26 -52.49
CA LYS A 420 -50.55 -16.25 -52.06
C LYS A 420 -51.46 -16.65 -53.23
N GLU A 426 -43.84 -29.07 -49.73
CA GLU A 426 -44.46 -27.96 -48.99
C GLU A 426 -43.42 -26.95 -48.54
N GLU A 427 -43.13 -26.94 -47.24
CA GLU A 427 -42.18 -25.97 -46.69
C GLU A 427 -40.75 -26.28 -47.15
N ALA A 428 -40.40 -27.57 -47.26
CA ALA A 428 -39.04 -27.92 -47.63
C ALA A 428 -38.70 -27.46 -49.04
N GLU A 429 -39.63 -27.63 -49.97
CA GLU A 429 -39.39 -27.20 -51.35
C GLU A 429 -39.18 -25.69 -51.43
N LEU A 430 -40.03 -24.93 -50.73
CA LEU A 430 -39.88 -23.48 -50.72
C LEU A 430 -38.58 -23.06 -50.05
N GLU A 431 -38.19 -23.74 -48.97
CA GLU A 431 -36.95 -23.42 -48.30
C GLU A 431 -35.74 -23.67 -49.19
N ASP A 432 -35.76 -24.79 -49.94
CA ASP A 432 -34.68 -25.05 -50.89
C ASP A 432 -34.65 -24.01 -51.99
N THR A 433 -35.83 -23.59 -52.48
CA THR A 433 -35.87 -22.56 -53.51
C THR A 433 -35.30 -21.24 -53.00
N LEU A 434 -35.62 -20.87 -51.76
CA LEU A 434 -35.06 -19.64 -51.21
C LEU A 434 -33.58 -19.77 -50.92
N ASN A 435 -33.09 -20.97 -50.59
CA ASN A 435 -31.64 -21.14 -50.46
C ASN A 435 -30.95 -20.99 -51.80
N GLN A 436 -31.58 -21.45 -52.88
CA GLN A 436 -31.05 -21.20 -54.22
C GLN A 436 -31.07 -19.70 -54.53
N VAL A 437 -32.13 -19.00 -54.12
CA VAL A 437 -32.17 -17.55 -54.25
C VAL A 437 -30.98 -16.93 -53.53
N MET A 438 -30.64 -17.47 -52.36
CA MET A 438 -29.48 -16.97 -51.61
C MET A 438 -28.17 -17.24 -52.33
N VAL A 439 -28.03 -18.41 -52.96
CA VAL A 439 -26.76 -18.70 -53.63
C VAL A 439 -26.63 -17.84 -54.89
N VAL A 440 -27.77 -17.39 -55.44
CA VAL A 440 -27.70 -16.35 -56.47
C VAL A 440 -27.34 -15.00 -55.85
N PHE A 441 -27.96 -14.66 -54.73
CA PHE A 441 -27.84 -13.33 -54.14
C PHE A 441 -26.43 -13.06 -53.62
N LYS A 442 -25.69 -14.11 -53.25
CA LYS A 442 -24.34 -13.88 -52.74
C LYS A 442 -23.41 -13.29 -53.81
N TYR A 443 -23.81 -13.36 -55.08
CA TYR A 443 -23.03 -12.82 -56.18
C TYR A 443 -23.48 -11.43 -56.60
N ILE A 444 -24.46 -10.85 -55.91
CA ILE A 444 -25.00 -9.55 -56.29
C ILE A 444 -24.15 -8.44 -55.66
N GLU A 445 -23.66 -7.55 -56.50
CA GLU A 445 -22.91 -6.39 -56.02
C GLU A 445 -23.80 -5.17 -55.76
N ASP A 446 -24.96 -5.10 -56.41
CA ASP A 446 -25.93 -4.04 -56.13
C ASP A 446 -26.95 -4.55 -55.12
N LYS A 447 -26.47 -4.77 -53.90
CA LYS A 447 -27.32 -5.34 -52.86
C LYS A 447 -28.34 -4.33 -52.35
N ASP A 448 -28.00 -3.04 -52.37
CA ASP A 448 -28.94 -2.03 -51.89
C ASP A 448 -30.13 -1.89 -52.84
N VAL A 449 -29.91 -2.03 -54.14
CA VAL A 449 -31.01 -1.97 -55.11
C VAL A 449 -32.00 -3.10 -54.85
N PHE A 450 -31.48 -4.33 -54.74
CA PHE A 450 -32.32 -5.48 -54.44
C PHE A 450 -33.02 -5.31 -53.11
N GLN A 451 -32.33 -4.77 -52.13
CA GLN A 451 -32.90 -4.65 -50.79
C GLN A 451 -34.02 -3.62 -50.76
N LYS A 452 -33.88 -2.51 -51.49
CA LYS A 452 -34.96 -1.55 -51.57
C LYS A 452 -36.16 -2.11 -52.32
N PHE A 453 -35.92 -2.81 -53.44
CA PHE A 453 -37.04 -3.45 -54.14
C PHE A 453 -37.75 -4.44 -53.25
N TYR A 454 -36.99 -5.28 -52.53
CA TYR A 454 -37.61 -6.29 -51.69
C TYR A 454 -38.32 -5.68 -50.50
N ALA A 455 -37.81 -4.58 -49.96
CA ALA A 455 -38.50 -3.89 -48.87
C ALA A 455 -39.84 -3.32 -49.35
N LYS A 456 -39.86 -2.68 -50.52
CA LYS A 456 -41.11 -2.14 -51.01
C LYS A 456 -42.11 -3.25 -51.32
N MET A 457 -41.64 -4.37 -51.88
CA MET A 457 -42.53 -5.49 -52.18
C MET A 457 -43.04 -6.15 -50.90
N LEU A 458 -42.18 -6.28 -49.89
CA LEU A 458 -42.61 -6.82 -48.61
C LEU A 458 -43.63 -5.92 -47.94
N ALA A 459 -43.45 -4.61 -48.05
CA ALA A 459 -44.45 -3.68 -47.51
C ALA A 459 -45.79 -3.86 -48.21
N LYS A 460 -45.78 -3.89 -49.55
CA LYS A 460 -47.01 -4.08 -50.29
C LYS A 460 -47.67 -5.41 -49.95
N ARG A 461 -46.87 -6.45 -49.69
CA ARG A 461 -47.44 -7.73 -49.30
C ARG A 461 -48.04 -7.66 -47.90
N LEU A 462 -47.32 -7.09 -46.94
CA LEU A 462 -47.73 -7.16 -45.55
C LEU A 462 -48.88 -6.22 -45.23
N VAL A 463 -49.08 -5.18 -46.03
CA VAL A 463 -50.12 -4.19 -45.72
C VAL A 463 -51.48 -4.87 -45.60
N HIS A 464 -51.98 -5.44 -46.70
CA HIS A 464 -53.36 -5.91 -46.74
C HIS A 464 -53.48 -7.43 -46.70
N GLN A 465 -52.91 -8.11 -47.67
CA GLN A 465 -53.12 -9.54 -47.86
C GLN A 465 -52.03 -10.07 -48.79
N ASN A 466 -52.21 -11.29 -49.29
CA ASN A 466 -51.31 -11.91 -50.26
C ASN A 466 -49.93 -12.14 -49.64
N SER A 467 -49.91 -12.98 -48.61
CA SER A 467 -48.67 -13.43 -47.98
C SER A 467 -48.75 -14.92 -47.72
N ALA A 468 -47.65 -15.62 -48.00
CA ALA A 468 -47.58 -17.06 -47.76
C ALA A 468 -47.33 -17.30 -46.27
N SER A 469 -46.97 -18.53 -45.91
CA SER A 469 -46.68 -18.86 -44.53
C SER A 469 -45.58 -17.95 -43.99
N ASP A 470 -45.86 -17.28 -42.88
CA ASP A 470 -44.91 -16.33 -42.30
C ASP A 470 -43.65 -17.01 -41.78
N ASP A 471 -43.66 -18.34 -41.65
CA ASP A 471 -42.42 -19.06 -41.39
C ASP A 471 -41.41 -18.82 -42.50
N ALA A 472 -41.87 -18.85 -43.75
CA ALA A 472 -40.99 -18.59 -44.89
C ALA A 472 -40.44 -17.16 -44.86
N GLU A 473 -41.29 -16.19 -44.52
CA GLU A 473 -40.84 -14.81 -44.48
C GLU A 473 -39.83 -14.59 -43.36
N ALA A 474 -40.07 -15.18 -42.19
CA ALA A 474 -39.11 -15.09 -41.10
C ALA A 474 -37.80 -15.77 -41.46
N SER A 475 -37.86 -16.91 -42.15
CA SER A 475 -36.65 -17.59 -42.58
C SER A 475 -35.89 -16.75 -43.60
N MET A 476 -36.59 -16.07 -44.51
CA MET A 476 -35.95 -15.16 -45.45
C MET A 476 -35.25 -14.02 -44.71
N ILE A 477 -35.90 -13.47 -43.69
CA ILE A 477 -35.29 -12.38 -42.94
C ILE A 477 -34.06 -12.89 -42.19
N SER A 478 -34.13 -14.11 -41.66
CA SER A 478 -32.98 -14.70 -40.97
C SER A 478 -31.82 -14.94 -41.94
N LYS A 479 -32.13 -15.40 -43.16
CA LYS A 479 -31.07 -15.62 -44.15
C LYS A 479 -30.41 -14.31 -44.55
N LEU A 480 -31.22 -13.25 -44.71
CA LEU A 480 -30.64 -11.93 -44.94
C LEU A 480 -29.82 -11.46 -43.74
N LYS A 481 -30.22 -11.86 -42.53
CA LYS A 481 -29.44 -11.56 -41.34
C LYS A 481 -28.05 -12.18 -41.43
N GLN A 482 -28.00 -13.49 -41.70
CA GLN A 482 -26.72 -14.19 -41.78
C GLN A 482 -25.86 -13.65 -42.92
N ALA A 483 -26.47 -13.40 -44.08
CA ALA A 483 -25.69 -12.98 -45.24
C ALA A 483 -25.24 -11.53 -45.13
N CYS A 484 -26.20 -10.60 -45.04
CA CYS A 484 -25.90 -9.18 -45.01
C CYS A 484 -25.53 -8.75 -43.58
N GLY A 485 -25.50 -7.44 -43.36
CA GLY A 485 -25.15 -6.89 -42.07
C GLY A 485 -26.26 -7.02 -41.04
N PHE A 486 -26.36 -6.04 -40.15
CA PHE A 486 -27.25 -6.12 -39.00
C PHE A 486 -28.37 -5.09 -39.01
N GLU A 487 -28.16 -3.92 -39.60
CA GLU A 487 -29.13 -2.83 -39.48
C GLU A 487 -30.34 -3.00 -40.39
N TYR A 488 -30.13 -3.41 -41.66
CA TYR A 488 -31.24 -3.48 -42.59
C TYR A 488 -32.21 -4.60 -42.23
N THR A 489 -31.67 -5.77 -41.88
CA THR A 489 -32.52 -6.85 -41.43
C THR A 489 -33.25 -6.50 -40.15
N SER A 490 -32.65 -5.66 -39.30
CA SER A 490 -33.38 -5.17 -38.13
C SER A 490 -34.50 -4.23 -38.53
N LYS A 491 -34.31 -3.44 -39.58
CA LYS A 491 -35.40 -2.63 -40.13
C LYS A 491 -36.57 -3.51 -40.57
N LEU A 492 -36.26 -4.58 -41.30
CA LEU A 492 -37.30 -5.50 -41.75
C LEU A 492 -37.98 -6.19 -40.56
N GLN A 493 -37.19 -6.64 -39.60
CA GLN A 493 -37.76 -7.26 -38.40
C GLN A 493 -38.60 -6.26 -37.62
N ARG A 494 -38.25 -4.98 -37.67
CA ARG A 494 -39.02 -3.97 -36.96
C ARG A 494 -40.36 -3.72 -37.64
N MET A 495 -40.42 -3.78 -38.98
CA MET A 495 -41.74 -3.66 -39.60
C MET A 495 -42.58 -4.92 -39.39
N PHE A 496 -41.94 -6.10 -39.32
CA PHE A 496 -42.67 -7.29 -38.90
C PHE A 496 -43.22 -7.13 -37.48
N GLN A 497 -42.40 -6.61 -36.57
CA GLN A 497 -42.85 -6.36 -35.21
C GLN A 497 -43.96 -5.32 -35.19
N ASP A 498 -43.93 -4.36 -36.11
CA ASP A 498 -44.99 -3.37 -36.19
C ASP A 498 -46.32 -4.02 -36.58
N ILE A 499 -46.29 -4.91 -37.59
CA ILE A 499 -47.54 -5.57 -37.97
C ILE A 499 -48.03 -6.47 -36.85
N GLY A 500 -47.10 -7.11 -36.11
CA GLY A 500 -47.49 -7.89 -34.96
C GLY A 500 -48.11 -7.06 -33.86
N VAL A 501 -47.55 -5.88 -33.60
CA VAL A 501 -48.09 -4.99 -32.59
C VAL A 501 -49.48 -4.49 -32.99
N SER A 502 -49.66 -4.19 -34.28
CA SER A 502 -50.99 -3.78 -34.74
C SER A 502 -52.00 -4.92 -34.58
N LYS A 503 -51.58 -6.16 -34.87
CA LYS A 503 -52.47 -7.29 -34.65
C LYS A 503 -52.81 -7.45 -33.17
N ASP A 504 -51.82 -7.25 -32.29
CA ASP A 504 -52.08 -7.34 -30.85
C ASP A 504 -53.03 -6.24 -30.40
N LEU A 505 -52.90 -5.03 -30.95
CA LEU A 505 -53.83 -3.95 -30.61
C LEU A 505 -55.24 -4.28 -31.08
N ASN A 506 -55.36 -4.87 -32.28
CA ASN A 506 -56.67 -5.31 -32.75
C ASN A 506 -57.28 -6.37 -31.83
N GLU A 507 -56.45 -7.31 -31.37
CA GLU A 507 -56.92 -8.32 -30.43
C GLU A 507 -57.37 -7.69 -29.12
N GLN A 508 -56.63 -6.67 -28.64
CA GLN A 508 -57.02 -5.97 -27.43
C GLN A 508 -58.36 -5.26 -27.62
N PHE A 509 -58.56 -4.64 -28.79
CA PHE A 509 -59.84 -3.99 -29.07
C PHE A 509 -60.97 -5.00 -29.10
N LYS A 510 -60.74 -6.17 -29.72
CA LYS A 510 -61.75 -7.21 -29.75
C LYS A 510 -62.07 -7.71 -28.34
N LYS A 511 -61.06 -7.87 -27.49
CA LYS A 511 -61.29 -8.28 -26.12
C LYS A 511 -62.08 -7.22 -25.36
N HIS A 512 -61.77 -5.94 -25.59
CA HIS A 512 -62.52 -4.86 -24.95
C HIS A 512 -63.99 -4.89 -25.38
N LEU A 513 -64.24 -5.11 -26.66
CA LEU A 513 -65.63 -5.20 -27.13
C LEU A 513 -66.31 -6.46 -26.62
N THR A 514 -65.55 -7.51 -26.33
CA THR A 514 -66.15 -8.77 -25.87
C THR A 514 -66.86 -8.59 -24.54
N ASN A 515 -66.23 -7.86 -23.60
CA ASN A 515 -66.81 -7.63 -22.28
C ASN A 515 -67.54 -6.30 -22.19
N SER A 516 -68.10 -5.83 -23.30
CA SER A 516 -68.85 -4.59 -23.34
C SER A 516 -69.91 -4.70 -24.42
N GLU A 517 -70.53 -3.57 -24.76
CA GLU A 517 -71.57 -3.56 -25.77
C GLU A 517 -70.94 -3.34 -27.15
N PRO A 518 -71.02 -4.30 -28.06
CA PRO A 518 -70.39 -4.12 -29.38
C PRO A 518 -71.07 -3.01 -30.18
N LEU A 519 -70.27 -2.36 -31.01
CA LEU A 519 -70.75 -1.26 -31.82
C LEU A 519 -71.60 -1.77 -32.99
N ASP A 520 -72.24 -0.83 -33.69
CA ASP A 520 -73.07 -1.18 -34.83
C ASP A 520 -72.26 -1.72 -36.01
N LEU A 521 -70.98 -1.37 -36.09
CA LEU A 521 -70.13 -1.83 -37.18
C LEU A 521 -68.73 -2.10 -36.63
N ASP A 522 -67.98 -2.93 -37.34
CA ASP A 522 -66.64 -3.33 -36.93
C ASP A 522 -65.61 -2.48 -37.65
N PHE A 523 -64.67 -1.93 -36.89
CA PHE A 523 -63.60 -1.10 -37.43
C PHE A 523 -62.26 -1.80 -37.23
N SER A 524 -61.45 -1.82 -38.28
CA SER A 524 -60.13 -2.43 -38.25
C SER A 524 -59.12 -1.46 -38.83
N ILE A 525 -57.99 -1.31 -38.14
CA ILE A 525 -56.94 -0.38 -38.53
C ILE A 525 -55.59 -1.07 -38.38
N GLN A 526 -54.60 -0.57 -39.13
CA GLN A 526 -53.22 -1.05 -39.03
C GLN A 526 -52.34 0.15 -38.69
N VAL A 527 -51.93 0.23 -37.43
CA VAL A 527 -51.14 1.35 -36.95
C VAL A 527 -49.67 1.00 -37.18
N LEU A 528 -49.01 1.73 -38.09
CA LEU A 528 -47.68 1.41 -38.56
C LEU A 528 -46.74 2.59 -38.33
N SER A 529 -45.49 2.27 -37.99
CA SER A 529 -44.47 3.29 -37.80
C SER A 529 -44.14 3.95 -39.13
N SER A 530 -44.09 5.29 -39.11
CA SER A 530 -43.79 6.03 -40.34
C SER A 530 -42.36 5.79 -40.82
N GLY A 531 -41.41 5.72 -39.88
CA GLY A 531 -40.01 5.60 -40.27
C GLY A 531 -39.71 4.29 -40.96
N SER A 532 -40.29 3.20 -40.49
CA SER A 532 -40.01 1.88 -41.03
C SER A 532 -40.66 1.64 -42.39
N TRP A 533 -41.76 2.32 -42.70
CA TRP A 533 -42.52 1.98 -43.88
C TRP A 533 -42.35 3.05 -44.94
N PRO A 534 -42.11 2.67 -46.20
CA PRO A 534 -41.68 3.65 -47.21
C PRO A 534 -42.81 4.48 -47.82
N PHE A 535 -43.97 4.49 -47.18
CA PHE A 535 -45.13 5.17 -47.75
C PHE A 535 -44.96 6.68 -47.71
N GLN A 536 -45.64 7.36 -48.64
CA GLN A 536 -45.56 8.80 -48.79
C GLN A 536 -46.98 9.38 -48.78
N GLN A 537 -47.09 10.60 -48.28
CA GLN A 537 -48.39 11.25 -48.20
C GLN A 537 -48.97 11.49 -49.59
N SER A 538 -50.27 11.25 -49.72
CA SER A 538 -50.96 11.38 -50.99
C SER A 538 -51.73 12.70 -51.03
N CYS A 539 -52.54 12.88 -52.07
CA CYS A 539 -53.34 14.09 -52.21
C CYS A 539 -54.40 14.17 -51.12
N THR A 540 -54.80 15.40 -50.80
CA THR A 540 -55.78 15.62 -49.75
C THR A 540 -57.14 15.06 -50.15
N PHE A 541 -57.82 14.45 -49.18
CA PHE A 541 -59.14 13.87 -49.40
C PHE A 541 -60.05 14.28 -48.25
N ALA A 542 -61.31 14.56 -48.57
CA ALA A 542 -62.28 15.00 -47.59
C ALA A 542 -63.19 13.83 -47.21
N LEU A 543 -63.27 13.54 -45.92
CA LEU A 543 -64.12 12.46 -45.45
C LEU A 543 -65.59 12.78 -45.68
N PRO A 544 -66.37 11.85 -46.21
CA PRO A 544 -67.80 12.10 -46.42
C PRO A 544 -68.54 12.16 -45.09
N SER A 545 -69.76 12.71 -45.14
CA SER A 545 -70.55 12.91 -43.94
C SER A 545 -71.10 11.61 -43.35
N GLU A 546 -70.95 10.48 -44.06
CA GLU A 546 -71.50 9.22 -43.58
C GLU A 546 -70.70 8.61 -42.43
N LEU A 547 -69.47 9.06 -42.20
CA LEU A 547 -68.62 8.48 -41.16
C LEU A 547 -67.97 9.52 -40.27
N GLU A 548 -68.33 10.80 -40.41
CA GLU A 548 -67.67 11.85 -39.64
C GLU A 548 -67.93 11.69 -38.14
N ARG A 549 -69.17 11.34 -37.77
CA ARG A 549 -69.48 11.18 -36.34
C ARG A 549 -68.70 10.03 -35.74
N SER A 550 -68.63 8.90 -36.44
CA SER A 550 -67.88 7.75 -35.94
C SER A 550 -66.40 8.08 -35.84
N TYR A 551 -65.85 8.79 -36.84
CA TYR A 551 -64.44 9.14 -36.79
C TYR A 551 -64.15 10.08 -35.63
N GLN A 552 -65.03 11.06 -35.39
CA GLN A 552 -64.86 11.96 -34.26
C GLN A 552 -64.93 11.21 -32.94
N ARG A 553 -65.88 10.27 -32.82
CA ARG A 553 -66.01 9.50 -31.58
C ARG A 553 -64.76 8.66 -31.32
N PHE A 554 -64.25 8.00 -32.36
CA PHE A 554 -63.05 7.19 -32.18
C PHE A 554 -61.83 8.06 -31.88
N THR A 555 -61.75 9.24 -32.51
CA THR A 555 -60.65 10.15 -32.22
C THR A 555 -60.69 10.61 -30.76
N ALA A 556 -61.89 10.94 -30.27
CA ALA A 556 -62.02 11.33 -28.86
C ALA A 556 -61.64 10.18 -27.93
N PHE A 557 -62.08 8.97 -28.26
CA PHE A 557 -61.73 7.80 -27.43
C PHE A 557 -60.23 7.57 -27.43
N TYR A 558 -59.58 7.69 -28.60
CA TYR A 558 -58.14 7.51 -28.69
C TYR A 558 -57.40 8.58 -27.89
N ALA A 559 -57.86 9.83 -27.98
CA ALA A 559 -57.24 10.91 -27.21
C ALA A 559 -57.39 10.66 -25.71
N SER A 560 -58.56 10.17 -25.27
CA SER A 560 -58.74 9.84 -23.88
C SER A 560 -57.80 8.70 -23.46
N ARG A 561 -57.66 7.67 -24.30
CA ARG A 561 -56.79 6.56 -23.98
C ARG A 561 -55.31 6.93 -24.15
N HIS A 562 -54.99 7.60 -25.25
CA HIS A 562 -53.60 7.99 -25.57
C HIS A 562 -53.64 9.31 -26.33
N SER A 563 -53.48 10.41 -25.60
CA SER A 563 -53.53 11.73 -26.22
C SER A 563 -52.23 12.11 -26.92
N GLY A 564 -51.14 11.38 -26.67
CA GLY A 564 -49.86 11.72 -27.24
C GLY A 564 -49.57 11.16 -28.61
N ARG A 565 -50.51 10.44 -29.21
CA ARG A 565 -50.31 9.84 -30.52
C ARG A 565 -51.40 10.32 -31.48
N LYS A 566 -50.98 10.63 -32.71
CA LYS A 566 -51.88 11.05 -33.76
C LYS A 566 -51.77 10.08 -34.94
N LEU A 567 -52.90 9.88 -35.63
CA LEU A 567 -53.00 8.92 -36.72
C LEU A 567 -53.00 9.65 -38.05
N THR A 568 -52.03 9.33 -38.90
CA THR A 568 -51.93 9.91 -40.24
C THR A 568 -52.60 8.93 -41.20
N TRP A 569 -53.88 9.20 -41.51
CA TRP A 569 -54.68 8.27 -42.29
C TRP A 569 -54.29 8.32 -43.76
N LEU A 570 -54.08 7.14 -44.35
CA LEU A 570 -53.77 7.01 -45.78
C LEU A 570 -54.98 6.37 -46.45
N TYR A 571 -55.83 7.20 -47.04
CA TYR A 571 -57.03 6.70 -47.69
C TYR A 571 -56.74 6.04 -49.04
N GLN A 572 -55.52 6.18 -49.57
CA GLN A 572 -55.20 5.57 -50.85
C GLN A 572 -54.98 4.07 -50.71
N LEU A 573 -54.58 3.60 -49.53
CA LEU A 573 -54.24 2.20 -49.31
C LEU A 573 -55.33 1.42 -48.56
N SER A 574 -56.54 1.97 -48.49
CA SER A 574 -57.64 1.29 -47.82
C SER A 574 -58.25 0.25 -48.75
N LYS A 575 -58.87 -0.75 -48.13
CA LYS A 575 -59.43 -1.90 -48.86
C LYS A 575 -60.93 -2.01 -48.61
N GLY A 576 -61.51 -3.07 -49.16
CA GLY A 576 -62.95 -3.31 -49.03
C GLY A 576 -63.41 -4.58 -49.74
N GLU A 577 -64.30 -5.32 -49.09
CA GLU A 577 -64.86 -6.54 -49.66
C GLU A 577 -66.35 -6.35 -49.90
N LEU A 578 -66.82 -6.78 -51.07
CA LEU A 578 -68.21 -6.62 -51.46
C LEU A 578 -68.80 -7.99 -51.81
N VAL A 579 -70.01 -8.24 -51.34
CA VAL A 579 -70.75 -9.45 -51.65
C VAL A 579 -72.04 -9.04 -52.37
N THR A 580 -72.24 -9.58 -53.57
CA THR A 580 -73.40 -9.23 -54.39
C THR A 580 -74.54 -10.19 -54.04
N ASN A 581 -75.40 -9.77 -53.13
CA ASN A 581 -76.55 -10.57 -52.71
C ASN A 581 -77.79 -10.25 -53.54
N CYS A 582 -77.65 -10.31 -54.86
CA CYS A 582 -78.76 -10.07 -55.76
C CYS A 582 -78.89 -11.09 -56.88
N PHE A 583 -77.88 -11.92 -57.11
CA PHE A 583 -77.90 -12.94 -58.15
C PHE A 583 -78.09 -14.32 -57.52
N LYS A 584 -78.22 -15.32 -58.38
CA LYS A 584 -78.36 -16.69 -57.90
C LYS A 584 -77.09 -17.16 -57.20
N ASN A 585 -75.93 -16.81 -57.75
CA ASN A 585 -74.64 -17.18 -57.18
C ASN A 585 -74.04 -16.01 -56.42
N ARG A 586 -73.28 -16.32 -55.38
CA ARG A 586 -72.67 -15.33 -54.51
C ARG A 586 -71.22 -15.12 -54.93
N TYR A 587 -70.87 -13.88 -55.25
CA TYR A 587 -69.52 -13.51 -55.65
C TYR A 587 -68.85 -12.70 -54.55
N THR A 588 -67.52 -12.66 -54.61
CA THR A 588 -66.71 -11.84 -53.72
C THR A 588 -65.90 -10.88 -54.57
N LEU A 589 -65.97 -9.59 -54.25
CA LEU A 589 -65.27 -8.55 -54.99
C LEU A 589 -64.31 -7.82 -54.05
N GLN A 590 -63.07 -7.63 -54.49
CA GLN A 590 -62.10 -6.84 -53.73
C GLN A 590 -61.95 -5.48 -54.40
N ALA A 591 -62.23 -4.41 -53.64
CA ALA A 591 -62.17 -3.07 -54.19
C ALA A 591 -61.83 -2.09 -53.08
N SER A 592 -61.30 -0.94 -53.48
CA SER A 592 -60.87 0.08 -52.54
C SER A 592 -62.00 1.07 -52.27
N THR A 593 -61.69 2.10 -51.46
CA THR A 593 -62.68 3.10 -51.11
C THR A 593 -63.03 3.98 -52.31
N PHE A 594 -62.10 4.12 -53.26
CA PHE A 594 -62.38 4.89 -54.47
C PHE A 594 -63.52 4.27 -55.25
N GLN A 595 -63.53 2.94 -55.38
CA GLN A 595 -64.60 2.24 -56.07
C GLN A 595 -65.94 2.52 -55.42
N MET A 596 -66.02 2.44 -54.09
CA MET A 596 -67.29 2.64 -53.41
C MET A 596 -67.73 4.10 -53.48
N ALA A 597 -66.77 5.03 -53.45
CA ALA A 597 -67.13 6.44 -53.62
C ALA A 597 -67.73 6.68 -55.00
N ILE A 598 -67.12 6.11 -56.04
CA ILE A 598 -67.67 6.24 -57.39
C ILE A 598 -69.06 5.64 -57.47
N LEU A 599 -69.24 4.46 -56.86
CA LEU A 599 -70.54 3.80 -56.89
C LEU A 599 -71.60 4.62 -56.14
N LEU A 600 -71.23 5.18 -54.98
CA LEU A 600 -72.15 6.01 -54.22
C LEU A 600 -72.52 7.27 -54.98
N GLN A 601 -71.61 7.78 -55.81
CA GLN A 601 -71.94 8.94 -56.63
C GLN A 601 -73.05 8.67 -57.64
N TYR A 602 -73.36 7.40 -57.93
CA TYR A 602 -74.35 7.06 -58.94
C TYR A 602 -75.79 7.13 -58.44
N ASN A 603 -76.00 7.50 -57.18
CA ASN A 603 -77.35 7.56 -56.64
C ASN A 603 -78.21 8.63 -57.30
N THR A 604 -77.60 9.64 -57.92
CA THR A 604 -78.32 10.74 -58.54
C THR A 604 -78.31 10.68 -60.06
N GLU A 605 -77.15 10.43 -60.67
CA GLU A 605 -77.03 10.38 -62.12
C GLU A 605 -76.40 9.05 -62.54
N ASP A 606 -76.48 8.76 -63.84
CA ASP A 606 -75.94 7.53 -64.40
C ASP A 606 -74.75 7.76 -65.33
N ALA A 607 -74.77 8.81 -66.13
CA ALA A 607 -73.67 9.13 -67.04
C ALA A 607 -72.89 10.33 -66.51
N TYR A 608 -71.56 10.20 -66.49
CA TYR A 608 -70.70 11.18 -65.87
C TYR A 608 -69.71 11.76 -66.87
N THR A 609 -69.55 13.08 -66.84
CA THR A 609 -68.56 13.77 -67.64
C THR A 609 -67.30 13.99 -66.82
N VAL A 610 -66.14 13.76 -67.45
CA VAL A 610 -64.87 13.89 -66.75
C VAL A 610 -64.67 15.32 -66.28
N GLN A 611 -65.09 16.30 -67.08
CA GLN A 611 -64.87 17.70 -66.73
C GLN A 611 -65.59 18.09 -65.44
N GLN A 612 -66.84 17.66 -65.29
CA GLN A 612 -67.62 18.04 -64.11
C GLN A 612 -67.00 17.47 -62.84
N LEU A 613 -66.69 16.17 -62.84
CA LEU A 613 -66.09 15.55 -61.67
C LEU A 613 -64.71 16.13 -61.38
N THR A 614 -63.94 16.43 -62.43
CA THR A 614 -62.62 17.03 -62.24
C THR A 614 -62.73 18.41 -61.59
N ASP A 615 -63.67 19.23 -62.05
CA ASP A 615 -63.86 20.54 -61.45
C ASP A 615 -64.38 20.44 -60.02
N SER A 616 -65.23 19.44 -59.74
CA SER A 616 -65.81 19.32 -58.41
C SER A 616 -64.82 18.76 -57.39
N THR A 617 -63.96 17.83 -57.80
CA THR A 617 -63.11 17.10 -56.85
C THR A 617 -61.62 17.34 -57.06
N GLN A 618 -61.21 17.96 -58.16
CA GLN A 618 -59.79 18.28 -58.43
C GLN A 618 -58.93 17.01 -58.43
N ILE A 619 -59.22 16.14 -59.40
CA ILE A 619 -58.53 14.87 -59.55
C ILE A 619 -57.69 14.91 -60.82
N LYS A 620 -56.42 14.53 -60.70
CA LYS A 620 -55.49 14.58 -61.82
C LYS A 620 -55.90 13.58 -62.91
N MET A 621 -55.59 13.93 -64.16
CA MET A 621 -55.98 13.10 -65.30
C MET A 621 -55.31 11.73 -65.24
N ASP A 622 -54.03 11.68 -64.87
CA ASP A 622 -53.28 10.44 -64.94
C ASP A 622 -53.81 9.39 -63.98
N ILE A 623 -54.12 9.76 -62.74
CA ILE A 623 -54.57 8.78 -61.76
C ILE A 623 -55.94 8.22 -62.13
N LEU A 624 -56.86 9.09 -62.58
CA LEU A 624 -58.16 8.59 -63.00
C LEU A 624 -58.06 7.76 -64.28
N ALA A 625 -57.12 8.09 -65.16
CA ALA A 625 -56.90 7.27 -66.35
C ALA A 625 -56.42 5.88 -65.96
N GLN A 626 -55.48 5.79 -65.01
CA GLN A 626 -55.04 4.50 -64.53
C GLN A 626 -56.18 3.73 -63.86
N VAL A 627 -57.01 4.43 -63.10
CA VAL A 627 -58.15 3.77 -62.45
C VAL A 627 -59.10 3.21 -63.49
N LEU A 628 -59.38 3.99 -64.54
CA LEU A 628 -60.27 3.52 -65.61
C LEU A 628 -59.66 2.35 -66.36
N GLN A 629 -58.34 2.38 -66.59
CA GLN A 629 -57.68 1.26 -67.25
C GLN A 629 -57.79 -0.01 -66.41
N ILE A 630 -57.61 0.12 -65.09
CA ILE A 630 -57.77 -1.03 -64.20
C ILE A 630 -59.21 -1.53 -64.22
N LEU A 631 -60.17 -0.61 -64.27
CA LEU A 631 -61.58 -1.00 -64.34
C LEU A 631 -61.86 -1.79 -65.61
N LEU A 632 -61.31 -1.35 -66.75
CA LEU A 632 -61.58 -2.02 -68.01
C LEU A 632 -60.84 -3.35 -68.11
N LYS A 633 -59.64 -3.43 -67.54
CA LYS A 633 -58.85 -4.65 -67.65
C LYS A 633 -59.49 -5.81 -66.89
N LYS B 4 -83.15 -3.10 -54.71
CA LYS B 4 -82.38 -3.11 -55.96
C LYS B 4 -81.33 -2.00 -55.95
N LYS B 5 -80.10 -2.37 -56.32
CA LYS B 5 -78.97 -1.44 -56.37
C LYS B 5 -78.76 -0.76 -55.02
N ARG B 6 -78.83 -1.55 -53.96
CA ARG B 6 -78.65 -1.08 -52.59
C ARG B 6 -77.35 -1.65 -52.04
N PHE B 7 -76.54 -0.80 -51.42
CA PHE B 7 -75.25 -1.18 -50.88
C PHE B 7 -75.16 -0.76 -49.41
N GLU B 8 -74.55 -1.62 -48.60
CA GLU B 8 -74.43 -1.40 -47.16
C GLU B 8 -72.98 -1.55 -46.73
N VAL B 9 -72.62 -0.87 -45.64
CA VAL B 9 -71.28 -0.92 -45.08
C VAL B 9 -71.28 -1.92 -43.93
N LYS B 10 -70.38 -2.90 -43.98
CA LYS B 10 -70.21 -3.86 -42.90
C LYS B 10 -68.81 -3.84 -42.31
N LYS B 11 -67.78 -3.67 -43.14
CA LYS B 11 -66.41 -3.61 -42.68
C LYS B 11 -65.71 -2.42 -43.32
N TRP B 12 -64.66 -1.94 -42.64
CA TRP B 12 -63.85 -0.84 -43.16
C TRP B 12 -62.42 -1.07 -42.71
N ASN B 13 -61.56 -1.47 -43.63
CA ASN B 13 -60.16 -1.75 -43.35
C ASN B 13 -59.33 -0.56 -43.82
N ALA B 14 -58.88 0.24 -42.87
CA ALA B 14 -58.09 1.43 -43.17
C ALA B 14 -56.63 1.21 -42.75
N VAL B 15 -55.79 2.18 -43.06
CA VAL B 15 -54.37 2.15 -42.72
C VAL B 15 -53.97 3.53 -42.22
N ALA B 16 -53.16 3.57 -41.17
CA ALA B 16 -52.73 4.82 -40.57
C ALA B 16 -51.32 4.68 -40.03
N LEU B 17 -50.62 5.82 -39.97
CA LEU B 17 -49.26 5.89 -39.45
C LEU B 17 -49.22 6.72 -38.17
N TRP B 18 -48.38 6.30 -37.23
CA TRP B 18 -48.25 6.98 -35.96
C TRP B 18 -46.89 7.67 -35.86
N ALA B 19 -46.89 8.89 -35.34
CA ALA B 19 -45.66 9.63 -35.11
C ALA B 19 -45.84 10.50 -33.89
N TRP B 20 -44.71 10.88 -33.28
CA TRP B 20 -44.76 11.67 -32.06
C TRP B 20 -45.25 13.09 -32.35
N ASP B 21 -46.02 13.64 -31.42
CA ASP B 21 -46.64 14.94 -31.58
C ASP B 21 -45.83 16.08 -30.98
N ILE B 22 -44.64 15.79 -30.45
CA ILE B 22 -43.81 16.87 -29.89
C ILE B 22 -43.31 17.79 -30.99
N VAL B 23 -42.92 17.23 -32.14
CA VAL B 23 -42.50 18.01 -33.29
C VAL B 23 -43.08 17.36 -34.54
N PRO C 2 18.67 -79.98 -28.35
CA PRO C 2 19.54 -78.92 -27.83
C PRO C 2 20.52 -79.45 -26.79
N SER C 3 21.58 -80.10 -27.26
CA SER C 3 22.59 -80.65 -26.35
C SER C 3 23.92 -80.73 -27.09
N ILE C 4 24.80 -79.78 -26.83
CA ILE C 4 26.17 -79.88 -27.30
C ILE C 4 26.88 -80.96 -26.48
N LYS C 5 27.86 -81.62 -27.09
CA LYS C 5 28.48 -82.79 -26.50
C LYS C 5 29.95 -82.49 -26.27
N LEU C 6 30.22 -81.33 -25.64
CA LEU C 6 31.56 -80.83 -25.40
C LEU C 6 32.45 -81.88 -24.76
N GLN C 7 33.62 -82.09 -25.35
CA GLN C 7 34.63 -83.00 -24.82
C GLN C 7 35.83 -82.20 -24.32
N SER C 8 36.36 -82.60 -23.16
CA SER C 8 37.47 -81.89 -22.53
C SER C 8 38.78 -82.15 -23.27
N SER C 9 39.86 -81.57 -22.75
CA SER C 9 41.16 -81.69 -23.40
C SER C 9 41.69 -83.12 -23.34
N ASP C 10 41.70 -83.72 -22.15
CA ASP C 10 42.22 -85.07 -21.99
C ASP C 10 41.21 -86.15 -22.31
N GLY C 11 39.93 -85.78 -22.47
CA GLY C 11 38.91 -86.71 -22.88
C GLY C 11 37.90 -87.02 -21.80
N GLU C 12 36.77 -86.31 -21.82
CA GLU C 12 35.63 -86.64 -20.97
C GLU C 12 34.42 -85.92 -21.53
N ILE C 13 33.36 -86.66 -21.84
CA ILE C 13 32.22 -86.14 -22.59
C ILE C 13 31.28 -85.42 -21.64
N PHE C 14 30.98 -84.15 -21.93
CA PHE C 14 30.17 -83.31 -21.07
C PHE C 14 28.93 -82.84 -21.84
N GLU C 15 27.83 -83.57 -21.70
CA GLU C 15 26.57 -83.11 -22.28
C GLU C 15 26.02 -81.92 -21.50
N VAL C 16 25.62 -80.88 -22.22
CA VAL C 16 25.02 -79.69 -21.63
C VAL C 16 23.80 -79.28 -22.45
N ASP C 17 22.87 -78.59 -21.80
CA ASP C 17 21.79 -77.94 -22.51
C ASP C 17 22.32 -76.69 -23.20
N VAL C 18 21.81 -76.41 -24.40
CA VAL C 18 22.40 -75.28 -25.11
C VAL C 18 21.64 -74.03 -24.72
N GLU C 19 21.81 -73.62 -23.46
CA GLU C 19 21.77 -72.23 -23.02
C GLU C 19 22.82 -72.11 -21.92
N ILE C 20 23.23 -73.26 -21.39
CA ILE C 20 24.22 -73.31 -20.34
C ILE C 20 25.62 -73.07 -20.90
N ALA C 21 25.95 -73.75 -21.99
CA ALA C 21 27.17 -73.47 -22.74
C ALA C 21 26.74 -72.80 -24.05
N LYS C 22 26.50 -71.49 -23.94
CA LYS C 22 26.27 -70.63 -25.10
C LYS C 22 27.02 -69.33 -24.78
N GLN C 23 28.29 -69.30 -25.17
CA GLN C 23 29.15 -68.15 -24.96
C GLN C 23 29.83 -67.82 -26.28
N SER C 24 30.29 -66.57 -26.37
CA SER C 24 30.52 -65.94 -27.68
C SER C 24 31.53 -66.67 -28.57
N THR C 25 32.19 -67.78 -28.21
CA THR C 25 32.94 -68.57 -29.17
C THR C 25 32.29 -69.91 -29.46
N ILE C 26 31.19 -70.24 -28.78
CA ILE C 26 30.41 -71.44 -29.08
C ILE C 26 29.04 -70.98 -29.56
N LYS C 27 28.59 -69.84 -29.06
CA LYS C 27 27.38 -69.22 -29.61
C LYS C 27 27.59 -68.79 -31.05
N THR C 28 28.77 -68.23 -31.36
CA THR C 28 29.06 -67.81 -32.73
C THR C 28 29.22 -69.01 -33.65
N MET C 29 29.81 -70.10 -33.15
CA MET C 29 30.03 -71.28 -33.99
C MET C 29 28.72 -71.88 -34.47
N LEU C 30 27.72 -71.96 -33.59
CA LEU C 30 26.43 -72.53 -33.97
C LEU C 30 25.65 -71.60 -34.89
N GLU C 31 25.91 -70.30 -34.84
CA GLU C 31 25.24 -69.37 -35.74
C GLU C 31 25.76 -69.48 -37.17
N ASP C 32 27.05 -69.77 -37.33
CA ASP C 32 27.67 -69.86 -38.65
C ASP C 32 27.71 -71.28 -39.19
N LEU C 33 27.38 -72.29 -38.37
CA LEU C 33 27.35 -73.68 -38.78
C LEU C 33 26.02 -74.32 -38.42
N GLY C 34 24.95 -73.55 -38.49
CA GLY C 34 23.62 -74.07 -38.18
C GLY C 34 22.73 -74.18 -39.39
N MET C 35 23.24 -73.73 -40.55
CA MET C 35 22.44 -73.78 -41.77
C MET C 35 22.34 -75.19 -42.33
N ASP C 36 23.41 -75.97 -42.25
CA ASP C 36 23.44 -77.31 -42.83
C ASP C 36 23.00 -78.35 -41.80
N ASP C 37 23.11 -79.62 -42.18
CA ASP C 37 22.74 -80.72 -41.30
C ASP C 37 23.78 -80.90 -40.20
N GLU C 38 23.30 -81.28 -39.02
CA GLU C 38 24.19 -81.51 -37.89
C GLU C 38 25.01 -82.78 -38.10
N GLY C 39 26.14 -82.86 -37.41
CA GLY C 39 27.04 -83.99 -37.53
C GLY C 39 26.74 -85.12 -36.58
N ASP C 40 25.46 -85.49 -36.46
CA ASP C 40 25.01 -86.58 -35.59
C ASP C 40 25.45 -86.36 -34.14
N ASP C 41 25.40 -85.11 -33.68
CA ASP C 41 25.74 -84.76 -32.30
C ASP C 41 27.14 -85.25 -31.93
N ASP C 42 28.11 -84.94 -32.78
CA ASP C 42 29.49 -85.31 -32.52
C ASP C 42 30.06 -84.49 -31.36
N PRO C 43 31.07 -85.01 -30.67
CA PRO C 43 31.74 -84.21 -29.63
C PRO C 43 32.53 -83.04 -30.21
N VAL C 44 32.53 -81.91 -29.52
CA VAL C 44 33.30 -80.75 -29.94
C VAL C 44 34.47 -80.60 -28.98
N PRO C 45 35.62 -81.21 -29.28
CA PRO C 45 36.75 -81.15 -28.33
C PRO C 45 37.23 -79.72 -28.12
N LEU C 46 37.65 -79.46 -26.89
CA LEU C 46 38.23 -78.17 -26.51
C LEU C 46 39.69 -78.38 -26.14
N PRO C 47 40.63 -78.18 -27.05
CA PRO C 47 42.02 -78.57 -26.79
C PRO C 47 42.75 -77.73 -25.75
N ASN C 48 42.15 -76.64 -25.26
CA ASN C 48 42.82 -75.77 -24.30
C ASN C 48 42.10 -75.72 -22.96
N VAL C 49 41.16 -76.63 -22.72
CA VAL C 49 40.42 -76.67 -21.46
C VAL C 49 40.36 -78.14 -21.01
N ASN C 50 40.93 -78.43 -19.85
CA ASN C 50 41.01 -79.80 -19.35
C ASN C 50 39.72 -80.18 -18.63
N ALA C 51 39.69 -81.37 -18.03
CA ALA C 51 38.47 -81.95 -17.51
C ALA C 51 38.17 -81.58 -16.07
N ALA C 52 39.13 -80.97 -15.37
CA ALA C 52 38.90 -80.47 -14.02
C ALA C 52 38.49 -79.00 -13.99
N ILE C 53 38.89 -78.24 -14.99
CA ILE C 53 38.48 -76.84 -15.10
C ILE C 53 37.14 -76.72 -15.81
N LEU C 54 36.89 -77.55 -16.83
CA LEU C 54 35.61 -77.51 -17.53
C LEU C 54 34.45 -77.89 -16.62
N LYS C 55 34.70 -78.64 -15.54
CA LYS C 55 33.64 -78.94 -14.60
C LYS C 55 33.16 -77.68 -13.89
N LYS C 56 34.09 -76.82 -13.46
CA LYS C 56 33.70 -75.57 -12.80
C LYS C 56 33.09 -74.57 -13.76
N VAL C 57 33.54 -74.56 -15.02
CA VAL C 57 32.99 -73.62 -16.00
C VAL C 57 31.51 -73.87 -16.21
N ILE C 58 31.10 -75.15 -16.25
CA ILE C 58 29.68 -75.46 -16.37
C ILE C 58 28.95 -75.31 -15.05
N GLN C 59 29.66 -75.40 -13.92
CA GLN C 59 29.04 -75.09 -12.63
C GLN C 59 28.72 -73.60 -12.52
N TRP C 60 29.63 -72.74 -13.01
CA TRP C 60 29.38 -71.31 -12.94
C TRP C 60 28.31 -70.87 -13.93
N CYS C 61 28.32 -71.42 -15.14
CA CYS C 61 27.33 -71.06 -16.15
C CYS C 61 25.96 -71.62 -15.86
N THR C 62 25.86 -72.69 -15.08
CA THR C 62 24.55 -73.25 -14.74
C THR C 62 23.77 -72.31 -13.84
N HIS C 63 24.41 -71.74 -12.83
CA HIS C 63 23.74 -70.85 -11.90
C HIS C 63 23.23 -69.61 -12.63
N HIS C 64 24.08 -69.01 -13.48
CA HIS C 64 23.80 -67.72 -14.10
C HIS C 64 23.03 -67.84 -15.40
N LYS C 65 22.22 -68.89 -15.56
CA LYS C 65 21.43 -69.08 -16.78
C LYS C 65 20.49 -67.91 -17.04
N ASP C 83 28.96 -56.46 -6.85
CA ASP C 83 30.41 -56.60 -6.94
C ASP C 83 30.89 -57.86 -6.20
N ILE C 84 31.21 -58.88 -6.98
CA ILE C 84 31.67 -60.18 -6.48
C ILE C 84 30.66 -60.70 -5.46
N PRO C 85 29.49 -61.18 -5.89
CA PRO C 85 28.44 -61.59 -4.93
C PRO C 85 28.84 -62.75 -4.04
N VAL C 86 27.93 -63.14 -3.15
CA VAL C 86 28.24 -64.14 -2.13
C VAL C 86 28.56 -65.49 -2.77
N TRP C 87 27.75 -65.91 -3.75
CA TRP C 87 28.00 -67.19 -4.41
C TRP C 87 29.34 -67.18 -5.14
N ASP C 88 29.67 -66.06 -5.80
CA ASP C 88 30.93 -65.94 -6.50
C ASP C 88 32.11 -65.75 -5.57
N GLN C 89 31.89 -65.32 -4.33
CA GLN C 89 32.96 -65.25 -3.34
C GLN C 89 33.32 -66.62 -2.79
N GLU C 90 32.34 -67.50 -2.62
CA GLU C 90 32.59 -68.84 -2.12
C GLU C 90 32.94 -69.83 -3.21
N PHE C 91 32.52 -69.58 -4.46
CA PHE C 91 32.93 -70.44 -5.56
C PHE C 91 34.40 -70.21 -5.90
N LEU C 92 34.84 -68.95 -5.90
CA LEU C 92 36.24 -68.64 -6.16
C LEU C 92 37.07 -68.77 -4.88
N LYS C 93 36.94 -69.91 -4.20
CA LYS C 93 37.69 -70.21 -3.00
C LYS C 93 38.61 -71.41 -3.26
N VAL C 94 39.26 -71.39 -4.41
CA VAL C 94 40.07 -72.50 -4.87
C VAL C 94 41.54 -72.15 -4.72
N ASP C 95 42.41 -73.12 -4.98
CA ASP C 95 43.85 -72.89 -4.96
C ASP C 95 44.22 -71.86 -6.02
N GLN C 96 45.36 -71.19 -5.79
CA GLN C 96 45.87 -70.25 -6.78
C GLN C 96 46.19 -70.94 -8.09
N GLY C 97 46.45 -72.25 -8.05
CA GLY C 97 46.65 -73.00 -9.28
C GLY C 97 45.36 -73.42 -9.95
N THR C 98 44.30 -73.63 -9.16
CA THR C 98 42.98 -73.82 -9.75
C THR C 98 42.43 -72.50 -10.28
N LEU C 99 42.76 -71.40 -9.61
CA LEU C 99 42.68 -70.09 -10.23
C LEU C 99 43.79 -69.98 -11.27
N PHE C 100 43.84 -68.85 -11.98
CA PHE C 100 44.80 -68.57 -13.04
C PHE C 100 44.61 -69.50 -14.23
N GLU C 101 43.65 -70.43 -14.17
CA GLU C 101 43.30 -71.28 -15.29
C GLU C 101 41.81 -71.18 -15.54
N LEU C 102 41.05 -70.71 -14.54
CA LEU C 102 39.71 -70.22 -14.80
C LEU C 102 39.77 -68.88 -15.51
N ILE C 103 40.87 -68.14 -15.33
CA ILE C 103 41.10 -66.93 -16.10
C ILE C 103 41.36 -67.27 -17.57
N LEU C 104 42.16 -68.30 -17.81
CA LEU C 104 42.51 -68.68 -19.17
C LEU C 104 41.37 -69.43 -19.86
N ALA C 105 40.58 -70.20 -19.13
CA ALA C 105 39.48 -70.95 -19.72
C ALA C 105 38.24 -70.10 -19.95
N ALA C 106 38.17 -68.91 -19.34
CA ALA C 106 37.13 -67.95 -19.66
C ALA C 106 37.56 -66.97 -20.73
N ASN C 107 38.87 -66.79 -20.92
CA ASN C 107 39.40 -66.04 -22.05
C ASN C 107 39.39 -66.85 -23.33
N TYR C 108 39.63 -68.16 -23.22
CA TYR C 108 39.63 -69.03 -24.39
C TYR C 108 38.21 -69.15 -24.96
N LEU C 109 37.23 -69.41 -24.11
CA LEU C 109 35.85 -69.57 -24.55
C LEU C 109 35.07 -68.26 -24.55
N ASP C 110 35.70 -67.15 -24.14
CA ASP C 110 35.07 -65.83 -24.13
C ASP C 110 33.77 -65.82 -23.33
N ILE C 111 33.91 -66.10 -22.04
CA ILE C 111 32.80 -65.99 -21.10
C ILE C 111 32.97 -64.62 -20.42
N LYS C 112 32.24 -63.63 -20.93
CA LYS C 112 32.45 -62.25 -20.52
C LYS C 112 32.13 -62.01 -19.05
N GLY C 113 31.33 -62.87 -18.43
CA GLY C 113 30.94 -62.65 -17.05
C GLY C 113 31.81 -63.39 -16.06
N LEU C 114 32.65 -64.31 -16.55
CA LEU C 114 33.56 -65.05 -15.69
C LEU C 114 34.95 -64.43 -15.64
N LEU C 115 35.34 -63.67 -16.67
CA LEU C 115 36.55 -62.87 -16.59
C LEU C 115 36.42 -61.72 -15.61
N ASP C 116 35.24 -61.08 -15.55
CA ASP C 116 35.05 -59.94 -14.68
C ASP C 116 35.17 -60.35 -13.20
N VAL C 117 34.42 -61.37 -12.79
CA VAL C 117 34.31 -61.72 -11.39
C VAL C 117 35.56 -62.46 -10.92
N THR C 118 36.44 -62.81 -11.86
CA THR C 118 37.68 -63.48 -11.53
C THR C 118 38.90 -62.57 -11.56
N CYS C 119 38.91 -61.58 -12.46
CA CYS C 119 39.98 -60.60 -12.49
C CYS C 119 39.86 -59.56 -11.38
N LYS C 120 38.68 -59.43 -10.76
CA LYS C 120 38.56 -58.64 -9.55
C LYS C 120 39.21 -59.37 -8.36
N THR C 121 39.00 -60.68 -8.28
CA THR C 121 39.56 -61.44 -7.16
C THR C 121 41.08 -61.38 -7.14
N VAL C 122 41.71 -61.55 -8.31
CA VAL C 122 43.16 -61.42 -8.37
C VAL C 122 43.60 -59.99 -8.08
N ALA C 123 42.74 -59.01 -8.35
CA ALA C 123 43.01 -57.62 -8.00
C ALA C 123 42.63 -57.31 -6.56
N ASN C 124 41.86 -58.17 -5.90
CA ASN C 124 41.49 -57.99 -4.50
C ASN C 124 42.58 -58.47 -3.54
N MET C 125 43.62 -59.13 -4.05
CA MET C 125 44.78 -59.50 -3.25
C MET C 125 46.03 -58.79 -3.78
N ILE C 126 45.82 -57.72 -4.53
CA ILE C 126 46.87 -56.79 -4.93
C ILE C 126 46.54 -55.46 -4.26
N LYS C 127 45.27 -55.29 -3.92
CA LYS C 127 44.74 -54.00 -3.48
C LYS C 127 45.04 -53.77 -2.01
N GLY C 128 45.76 -52.69 -1.72
CA GLY C 128 46.05 -52.30 -0.35
C GLY C 128 46.89 -53.29 0.43
N LYS C 129 48.02 -53.74 -0.13
CA LYS C 129 48.86 -54.70 0.58
C LYS C 129 50.35 -54.38 0.53
N THR C 130 50.77 -53.21 0.03
CA THR C 130 52.16 -52.79 -0.06
C THR C 130 53.00 -53.71 -0.96
N PRO C 131 54.14 -53.24 -1.47
CA PRO C 131 54.89 -54.08 -2.43
C PRO C 131 55.37 -55.41 -1.86
N GLU C 132 55.75 -55.47 -0.59
CA GLU C 132 56.48 -56.64 -0.10
C GLU C 132 55.61 -57.90 -0.07
N GLU C 133 54.42 -57.83 0.55
CA GLU C 133 53.63 -59.05 0.64
C GLU C 133 52.80 -59.29 -0.61
N ILE C 134 52.68 -58.28 -1.48
CA ILE C 134 52.23 -58.54 -2.85
C ILE C 134 53.25 -59.41 -3.58
N ARG C 135 54.53 -59.04 -3.45
CA ARG C 135 55.59 -59.82 -4.05
C ARG C 135 55.67 -61.21 -3.44
N LYS C 136 55.34 -61.34 -2.16
CA LYS C 136 55.33 -62.65 -1.50
C LYS C 136 54.13 -63.48 -1.91
N THR C 137 52.98 -62.84 -2.13
CA THR C 137 51.75 -63.58 -2.41
C THR C 137 51.80 -64.32 -3.73
N PHE C 138 52.37 -63.71 -4.77
CA PHE C 138 52.40 -64.28 -6.11
C PHE C 138 53.76 -64.85 -6.48
N ASN C 139 54.65 -65.01 -5.51
CA ASN C 139 55.97 -65.59 -5.72
C ASN C 139 56.75 -64.82 -6.79
N ILE C 140 56.59 -63.50 -6.81
CA ILE C 140 57.29 -62.68 -7.80
C ILE C 140 58.72 -62.48 -7.33
N LYS C 141 59.68 -62.90 -8.15
CA LYS C 141 61.08 -62.65 -7.86
C LYS C 141 61.39 -61.18 -8.13
N ASN C 142 62.10 -60.56 -7.19
CA ASN C 142 62.37 -59.13 -7.31
C ASN C 142 63.41 -58.87 -8.39
N ASP C 143 62.95 -58.76 -9.64
CA ASP C 143 63.82 -58.43 -10.76
C ASP C 143 64.02 -56.92 -10.81
N PHE C 144 64.44 -56.38 -9.67
CA PHE C 144 64.47 -54.93 -9.46
C PHE C 144 65.67 -54.58 -8.59
N THR C 145 66.50 -53.67 -9.09
CA THR C 145 67.69 -53.26 -8.35
C THR C 145 67.32 -52.16 -7.35
N GLU C 146 68.34 -51.56 -6.73
CA GLU C 146 68.13 -50.50 -5.76
C GLU C 146 68.62 -49.14 -6.21
N GLU C 147 69.56 -49.09 -7.16
CA GLU C 147 70.04 -47.80 -7.65
C GLU C 147 68.96 -47.06 -8.43
N GLU C 148 68.14 -47.79 -9.18
CA GLU C 148 67.07 -47.18 -9.96
C GLU C 148 65.73 -47.18 -9.23
N GLU C 149 65.69 -47.61 -7.97
CA GLU C 149 64.49 -47.46 -7.17
C GLU C 149 64.30 -46.03 -6.67
N ALA C 150 65.39 -45.27 -6.49
CA ALA C 150 65.27 -43.88 -6.05
C ALA C 150 64.65 -42.99 -7.11
N GLN C 151 64.79 -43.35 -8.39
CA GLN C 151 64.19 -42.55 -9.45
C GLN C 151 62.75 -42.95 -9.77
N VAL C 152 62.37 -44.19 -9.49
CA VAL C 152 60.99 -44.61 -9.73
C VAL C 152 60.05 -44.16 -8.61
N ARG C 153 60.57 -43.94 -7.40
CA ARG C 153 59.76 -43.41 -6.31
C ARG C 153 59.68 -41.90 -6.33
N LYS C 154 60.57 -41.23 -7.07
CA LYS C 154 60.47 -39.80 -7.29
C LYS C 154 59.66 -39.44 -8.52
N GLU C 155 59.45 -40.39 -9.43
CA GLU C 155 58.63 -40.14 -10.61
C GLU C 155 57.14 -40.20 -10.28
N ASN C 156 56.76 -40.96 -9.27
CA ASN C 156 55.38 -41.05 -8.79
C ASN C 156 55.24 -40.38 -7.43
N GLN C 157 55.94 -39.26 -7.23
CA GLN C 157 55.84 -38.52 -5.97
C GLN C 157 54.42 -37.99 -5.76
N TRP C 158 53.76 -37.55 -6.83
CA TRP C 158 52.40 -37.03 -6.74
C TRP C 158 51.46 -38.17 -6.38
N CYS C 159 50.98 -38.16 -5.14
CA CYS C 159 50.09 -39.20 -4.64
C CYS C 159 48.74 -39.15 -5.35
N PRO D 10 52.67 -71.73 -9.68
CA PRO D 10 51.66 -70.76 -10.12
C PRO D 10 52.25 -69.37 -10.38
N ASP D 11 52.51 -69.06 -11.63
CA ASP D 11 53.10 -67.79 -12.04
C ASP D 11 52.03 -66.89 -12.63
N ILE D 12 51.92 -65.68 -12.10
CA ILE D 12 50.94 -64.73 -12.61
C ILE D 12 51.43 -64.08 -13.90
N ASN D 13 52.74 -63.99 -14.09
CA ASN D 13 53.30 -63.33 -15.27
C ASN D 13 53.21 -64.19 -16.52
N GLN D 14 52.83 -65.46 -16.41
CA GLN D 14 52.56 -66.28 -17.59
C GLN D 14 51.24 -65.92 -18.25
N LEU D 15 50.38 -65.16 -17.57
CA LEU D 15 49.12 -64.76 -18.17
C LEU D 15 49.37 -63.78 -19.32
N PRO D 16 48.52 -63.82 -20.34
CA PRO D 16 48.70 -62.89 -21.46
C PRO D 16 48.55 -61.46 -20.98
N PRO D 17 49.19 -60.50 -21.67
CA PRO D 17 49.11 -59.10 -21.21
C PRO D 17 47.70 -58.54 -21.17
N SER D 18 46.77 -59.07 -21.98
CA SER D 18 45.39 -58.60 -21.92
C SER D 18 44.79 -58.86 -20.55
N ILE D 19 45.03 -60.05 -19.99
CA ILE D 19 44.51 -60.40 -18.68
C ILE D 19 45.15 -59.55 -17.59
N LEU D 20 46.46 -59.30 -17.70
CA LEU D 20 47.14 -58.48 -16.71
C LEU D 20 46.63 -57.04 -16.74
N LEU D 21 46.34 -56.52 -17.95
CA LEU D 21 45.78 -55.18 -18.05
C LEU D 21 44.36 -55.14 -17.50
N LYS D 22 43.57 -56.18 -17.74
CA LYS D 22 42.23 -56.25 -17.17
C LYS D 22 42.28 -56.30 -15.64
N ILE D 23 43.30 -56.95 -15.08
CA ILE D 23 43.47 -56.99 -13.64
C ILE D 23 43.89 -55.62 -13.12
N PHE D 24 44.84 -54.96 -13.80
CA PHE D 24 45.36 -53.68 -13.34
C PHE D 24 44.34 -52.55 -13.50
N SER D 25 43.38 -52.70 -14.41
CA SER D 25 42.33 -51.69 -14.54
C SER D 25 41.42 -51.61 -13.33
N ASN D 26 41.47 -52.61 -12.43
CA ASN D 26 40.66 -52.61 -11.22
C ASN D 26 41.39 -52.00 -10.03
N LEU D 27 42.43 -51.20 -10.27
CA LEU D 27 43.15 -50.50 -9.22
C LEU D 27 43.10 -49.01 -9.49
N SER D 28 42.99 -48.22 -8.43
CA SER D 28 42.97 -46.77 -8.59
C SER D 28 44.34 -46.28 -9.05
N LEU D 29 44.36 -45.02 -9.50
CA LEU D 29 45.61 -44.42 -9.97
C LEU D 29 46.64 -44.38 -8.85
N ASP D 30 46.21 -44.10 -7.63
CA ASP D 30 47.12 -44.11 -6.49
C ASP D 30 47.71 -45.50 -6.26
N GLU D 31 46.85 -46.53 -6.27
CA GLU D 31 47.33 -47.90 -6.10
C GLU D 31 48.26 -48.30 -7.24
N ARG D 32 47.92 -47.90 -8.46
CA ARG D 32 48.67 -48.32 -9.63
C ARG D 32 50.04 -47.65 -9.68
N CYS D 33 50.11 -46.37 -9.29
CA CYS D 33 51.37 -45.63 -9.36
C CYS D 33 52.17 -45.67 -8.06
N LEU D 34 51.63 -46.23 -6.99
CA LEU D 34 52.32 -46.27 -5.70
C LEU D 34 52.74 -47.66 -5.27
N SER D 35 51.94 -48.68 -5.53
CA SER D 35 52.22 -50.05 -5.08
C SER D 35 52.57 -50.99 -6.22
N ALA D 36 51.74 -51.05 -7.26
CA ALA D 36 51.94 -52.00 -8.34
C ALA D 36 53.06 -51.60 -9.30
N SER D 37 53.63 -50.40 -9.15
CA SER D 37 54.71 -49.96 -10.00
C SER D 37 56.10 -50.17 -9.40
N LEU D 38 56.18 -50.72 -8.19
CA LEU D 38 57.45 -51.02 -7.56
C LEU D 38 57.70 -52.51 -7.38
N VAL D 39 56.74 -53.36 -7.76
CA VAL D 39 56.89 -54.80 -7.54
C VAL D 39 58.03 -55.35 -8.39
N CYS D 40 58.06 -55.00 -9.68
CA CYS D 40 59.07 -55.50 -10.59
C CYS D 40 59.06 -54.64 -11.86
N LYS D 41 60.01 -54.93 -12.75
CA LYS D 41 60.09 -54.20 -14.01
C LYS D 41 58.85 -54.43 -14.86
N TYR D 42 58.36 -55.66 -14.93
CA TYR D 42 57.27 -55.99 -15.83
C TYR D 42 55.97 -55.31 -15.41
N TRP D 43 55.69 -55.30 -14.10
CA TRP D 43 54.49 -54.61 -13.61
C TRP D 43 54.58 -53.11 -13.79
N ARG D 44 55.78 -52.53 -13.63
CA ARG D 44 55.93 -51.10 -13.88
C ARG D 44 55.73 -50.77 -15.35
N ASP D 45 56.20 -51.63 -16.26
CA ASP D 45 55.99 -51.40 -17.68
C ASP D 45 54.53 -51.64 -18.08
N LEU D 46 53.83 -52.52 -17.36
CA LEU D 46 52.40 -52.71 -17.64
C LEU D 46 51.57 -51.53 -17.16
N CYS D 47 51.90 -50.98 -15.99
CA CYS D 47 51.15 -49.84 -15.47
C CYS D 47 51.68 -48.54 -16.06
N LEU D 48 51.86 -48.51 -17.39
CA LEU D 48 52.19 -47.26 -18.09
C LEU D 48 51.83 -47.49 -19.55
N ASP D 49 50.70 -46.92 -19.98
CA ASP D 49 50.13 -47.20 -21.29
C ASP D 49 49.37 -45.98 -21.78
N PHE D 50 48.88 -46.07 -23.01
CA PHE D 50 47.81 -45.19 -23.45
C PHE D 50 46.46 -45.63 -22.91
N GLN D 51 46.35 -46.89 -22.48
CA GLN D 51 45.12 -47.37 -21.86
C GLN D 51 44.83 -46.63 -20.56
N PHE D 52 45.83 -46.53 -19.69
CA PHE D 52 45.68 -45.93 -18.36
C PHE D 52 45.91 -44.44 -18.35
N TRP D 53 46.39 -43.86 -19.44
CA TRP D 53 46.73 -42.44 -19.50
C TRP D 53 46.00 -41.77 -20.66
N LYS D 54 44.72 -42.09 -20.83
CA LYS D 54 43.84 -41.35 -21.72
C LYS D 54 42.56 -40.93 -21.03
N GLN D 55 42.49 -41.13 -19.71
CA GLN D 55 41.35 -40.74 -18.87
C GLN D 55 41.96 -40.22 -17.57
N LEU D 56 42.30 -38.93 -17.56
CA LEU D 56 43.17 -38.41 -16.50
C LEU D 56 42.43 -38.25 -15.18
N ASP D 57 41.42 -37.39 -15.14
CA ASP D 57 40.59 -37.17 -13.96
C ASP D 57 41.45 -36.83 -12.74
N LEU D 58 42.14 -35.70 -12.84
CA LEU D 58 43.02 -35.20 -11.78
C LEU D 58 42.32 -34.17 -10.89
N SER D 59 41.02 -34.35 -10.66
CA SER D 59 40.26 -33.37 -9.91
C SER D 59 40.67 -33.36 -8.45
N SER D 60 40.77 -32.15 -7.88
CA SER D 60 41.01 -31.94 -6.45
C SER D 60 42.31 -32.60 -6.01
N ARG D 61 43.37 -32.40 -6.80
CA ARG D 61 44.72 -32.83 -6.43
C ARG D 61 45.55 -31.67 -5.88
N GLN D 62 44.87 -30.59 -5.47
CA GLN D 62 45.43 -29.34 -4.95
C GLN D 62 46.88 -29.06 -5.29
N GLN D 63 47.65 -28.64 -4.29
CA GLN D 63 49.00 -28.09 -4.51
C GLN D 63 50.02 -29.20 -4.73
N VAL D 64 49.74 -30.06 -5.71
CA VAL D 64 50.68 -31.09 -6.11
C VAL D 64 50.97 -31.09 -7.61
N THR D 65 50.07 -30.56 -8.44
CA THR D 65 50.27 -30.51 -9.89
C THR D 65 50.35 -29.04 -10.30
N ASP D 66 51.57 -28.50 -10.32
CA ASP D 66 51.81 -27.12 -10.72
C ASP D 66 52.59 -27.03 -12.02
N GLU D 67 53.76 -27.64 -12.08
CA GLU D 67 54.53 -27.79 -13.31
C GLU D 67 54.58 -29.24 -13.78
N LEU D 68 53.89 -30.15 -13.08
CA LEU D 68 53.96 -31.56 -13.41
C LEU D 68 53.26 -31.89 -14.72
N LEU D 69 52.32 -31.06 -15.16
CA LEU D 69 51.56 -31.35 -16.37
C LEU D 69 52.43 -31.43 -17.62
N GLU D 70 53.74 -31.15 -17.50
CA GLU D 70 54.65 -31.39 -18.60
C GLU D 70 54.90 -32.87 -18.84
N LYS D 71 54.84 -33.69 -17.80
CA LYS D 71 55.17 -35.12 -17.93
C LYS D 71 53.96 -36.00 -18.19
N ILE D 72 52.79 -35.66 -17.64
CA ILE D 72 51.60 -36.46 -17.91
C ILE D 72 51.29 -36.46 -19.40
N ALA D 73 51.39 -35.30 -20.05
CA ALA D 73 51.27 -35.22 -21.50
C ALA D 73 52.61 -34.73 -22.03
N SER D 74 53.53 -35.67 -22.20
CA SER D 74 54.80 -35.45 -22.91
C SER D 74 54.98 -36.43 -24.05
N ARG D 75 54.79 -37.72 -23.78
CA ARG D 75 54.76 -38.76 -24.80
C ARG D 75 53.38 -39.33 -25.01
N SER D 76 52.45 -39.08 -24.08
CA SER D 76 51.06 -39.50 -24.26
C SER D 76 50.45 -38.79 -25.46
N GLN D 77 49.73 -39.54 -26.30
CA GLN D 77 49.25 -39.04 -27.57
C GLN D 77 47.74 -38.89 -27.66
N ASN D 78 46.98 -39.51 -26.76
CA ASN D 78 45.53 -39.59 -26.91
C ASN D 78 44.81 -39.23 -25.61
N ILE D 79 45.21 -38.13 -24.98
CA ILE D 79 44.44 -37.58 -23.88
C ILE D 79 43.11 -37.07 -24.42
N ILE D 80 42.00 -37.54 -23.84
CA ILE D 80 40.67 -37.17 -24.33
C ILE D 80 39.73 -36.82 -23.18
N GLU D 81 40.18 -37.00 -21.93
CA GLU D 81 39.30 -36.82 -20.77
C GLU D 81 40.03 -36.02 -19.70
N ILE D 82 40.62 -34.89 -20.08
CA ILE D 82 41.24 -34.03 -19.09
C ILE D 82 40.18 -33.51 -18.12
N ASN D 83 40.47 -33.64 -16.82
CA ASN D 83 39.56 -33.21 -15.76
C ASN D 83 40.44 -32.65 -14.64
N ILE D 84 40.55 -31.33 -14.57
CA ILE D 84 41.38 -30.67 -13.57
C ILE D 84 40.50 -29.84 -12.66
N SER D 85 39.29 -30.33 -12.40
CA SER D 85 38.34 -29.61 -11.55
C SER D 85 38.91 -29.39 -10.16
N ASP D 86 38.52 -28.28 -9.54
CA ASP D 86 38.96 -27.90 -8.19
C ASP D 86 40.48 -27.74 -8.11
N CYS D 87 41.11 -27.37 -9.23
CA CYS D 87 42.54 -27.13 -9.25
C CYS D 87 42.87 -25.80 -8.57
N ARG D 88 43.99 -25.77 -7.84
CA ARG D 88 44.42 -24.55 -7.19
C ARG D 88 45.93 -24.35 -7.24
N SER D 89 46.65 -25.08 -8.10
CA SER D 89 48.10 -25.08 -8.10
C SER D 89 48.71 -24.55 -9.38
N MET D 90 48.28 -25.06 -10.54
CA MET D 90 48.90 -24.65 -11.79
C MET D 90 48.40 -23.27 -12.21
N SER D 91 49.09 -22.69 -13.18
CA SER D 91 48.79 -21.37 -13.71
C SER D 91 48.51 -21.47 -15.21
N ASP D 92 48.41 -20.32 -15.86
CA ASP D 92 48.13 -20.28 -17.30
C ASP D 92 49.23 -20.99 -18.09
N ASN D 93 50.49 -20.83 -17.66
CA ASN D 93 51.58 -21.50 -18.34
C ASN D 93 51.45 -23.01 -18.27
N GLY D 94 51.14 -23.53 -17.07
CA GLY D 94 51.06 -24.96 -16.84
C GLY D 94 49.90 -25.63 -17.53
N VAL D 95 48.89 -24.87 -17.96
CA VAL D 95 47.81 -25.43 -18.75
C VAL D 95 48.00 -25.19 -20.25
N CYS D 96 48.63 -24.07 -20.64
CA CYS D 96 48.87 -23.84 -22.06
C CYS D 96 49.95 -24.75 -22.61
N VAL D 97 50.91 -25.18 -21.77
CA VAL D 97 51.91 -26.13 -22.25
C VAL D 97 51.25 -27.43 -22.68
N LEU D 98 50.28 -27.92 -21.91
CA LEU D 98 49.51 -29.09 -22.31
C LEU D 98 48.58 -28.76 -23.47
N ALA D 99 48.02 -27.55 -23.47
CA ALA D 99 47.09 -27.15 -24.53
C ALA D 99 47.76 -27.06 -25.89
N PHE D 100 49.09 -26.89 -25.93
CA PHE D 100 49.79 -26.81 -27.21
C PHE D 100 49.54 -28.06 -28.05
N LYS D 101 49.67 -29.24 -27.44
CA LYS D 101 49.48 -30.48 -28.20
C LYS D 101 48.01 -30.85 -28.34
N CYS D 102 47.36 -31.16 -27.21
CA CYS D 102 45.95 -31.58 -27.14
C CYS D 102 45.48 -32.37 -28.37
N PRO D 103 46.02 -33.57 -28.60
CA PRO D 103 45.61 -34.35 -29.76
C PRO D 103 44.27 -35.02 -29.53
N GLY D 104 43.24 -34.48 -30.18
CA GLY D 104 41.90 -35.06 -30.10
C GLY D 104 41.28 -35.02 -28.72
N LEU D 105 41.49 -33.93 -27.98
CA LEU D 105 40.81 -33.74 -26.70
C LEU D 105 39.30 -33.67 -26.93
N LEU D 106 38.53 -34.22 -25.98
CA LEU D 106 37.10 -34.35 -26.21
C LEU D 106 36.26 -33.73 -25.10
N ARG D 107 36.67 -33.87 -23.85
CA ARG D 107 35.81 -33.59 -22.71
C ARG D 107 36.52 -32.74 -21.66
N TYR D 108 37.13 -31.64 -22.10
CA TYR D 108 37.79 -30.72 -21.18
C TYR D 108 36.82 -30.26 -20.10
N THR D 109 37.25 -30.37 -18.84
CA THR D 109 36.43 -30.00 -17.70
C THR D 109 37.30 -29.36 -16.62
N ALA D 110 36.92 -28.17 -16.16
CA ALA D 110 37.64 -27.51 -15.07
C ALA D 110 36.64 -26.63 -14.33
N TYR D 111 36.10 -27.13 -13.22
CA TYR D 111 35.21 -26.36 -12.37
C TYR D 111 35.99 -25.60 -11.31
N ARG D 112 35.47 -24.44 -10.93
CA ARG D 112 35.89 -23.69 -9.75
C ARG D 112 37.38 -23.36 -9.75
N CYS D 113 38.04 -23.43 -10.91
CA CYS D 113 39.46 -23.10 -11.01
C CYS D 113 39.59 -21.61 -11.28
N LYS D 114 39.60 -20.84 -10.19
CA LYS D 114 39.55 -19.39 -10.31
C LYS D 114 40.81 -18.82 -10.96
N GLN D 115 41.98 -19.42 -10.66
CA GLN D 115 43.23 -18.89 -11.19
C GLN D 115 43.31 -18.95 -12.70
N LEU D 116 42.55 -19.85 -13.33
CA LEU D 116 42.51 -19.91 -14.79
C LEU D 116 41.78 -18.69 -15.35
N SER D 117 42.24 -18.23 -16.51
CA SER D 117 41.68 -17.07 -17.16
C SER D 117 41.33 -17.43 -18.59
N ASP D 118 40.98 -16.41 -19.39
CA ASP D 118 40.60 -16.65 -20.78
C ASP D 118 41.78 -17.12 -21.63
N THR D 119 43.01 -16.94 -21.14
CA THR D 119 44.17 -17.43 -21.89
C THR D 119 44.15 -18.94 -22.03
N SER D 120 43.74 -19.65 -20.98
CA SER D 120 43.61 -21.10 -21.07
C SER D 120 42.55 -21.49 -22.09
N ILE D 121 41.44 -20.75 -22.12
CA ILE D 121 40.40 -21.02 -23.11
C ILE D 121 40.93 -20.81 -24.52
N ILE D 122 41.70 -19.74 -24.73
CA ILE D 122 42.28 -19.48 -26.04
C ILE D 122 43.24 -20.59 -26.43
N ALA D 123 44.08 -21.04 -25.48
CA ALA D 123 45.04 -22.09 -25.78
C ALA D 123 44.34 -23.39 -26.13
N VAL D 124 43.26 -23.73 -25.42
CA VAL D 124 42.58 -25.01 -25.65
C VAL D 124 41.64 -24.97 -26.84
N ALA D 125 41.21 -23.79 -27.28
CA ALA D 125 40.23 -23.69 -28.35
C ALA D 125 40.82 -23.65 -29.74
N SER D 126 42.12 -23.39 -29.88
CA SER D 126 42.74 -23.27 -31.18
C SER D 126 43.67 -24.43 -31.53
N HIS D 127 43.96 -25.32 -30.59
CA HIS D 127 44.89 -26.42 -30.81
C HIS D 127 44.21 -27.78 -30.83
N CYS D 128 42.88 -27.83 -30.88
CA CYS D 128 42.15 -29.08 -31.06
C CYS D 128 40.83 -28.75 -31.74
N PRO D 129 40.72 -29.03 -33.04
CA PRO D 129 39.47 -28.71 -33.76
C PRO D 129 38.35 -29.69 -33.45
N LEU D 130 38.62 -30.62 -32.53
CA LEU D 130 37.65 -31.62 -32.12
C LEU D 130 37.38 -31.44 -30.63
N LEU D 131 36.10 -31.37 -30.27
CA LEU D 131 35.70 -31.29 -28.87
C LEU D 131 34.28 -31.84 -28.74
N GLN D 132 33.94 -32.24 -27.51
CA GLN D 132 32.61 -32.76 -27.21
C GLN D 132 32.00 -32.21 -25.93
N LYS D 133 32.78 -31.57 -25.07
CA LYS D 133 32.27 -31.12 -23.77
C LYS D 133 33.26 -30.12 -23.18
N VAL D 134 32.77 -28.93 -22.83
CA VAL D 134 33.60 -27.82 -22.36
C VAL D 134 33.14 -27.40 -20.97
N HIS D 135 32.72 -28.36 -20.15
CA HIS D 135 32.00 -28.07 -18.92
C HIS D 135 32.93 -27.38 -17.92
N VAL D 136 33.10 -26.08 -18.11
CA VAL D 136 33.80 -25.24 -17.16
C VAL D 136 32.80 -24.73 -16.13
N GLY D 137 33.32 -24.20 -15.02
CA GLY D 137 32.47 -23.92 -13.88
C GLY D 137 32.52 -22.51 -13.34
N ASN D 138 32.85 -22.40 -12.05
CA ASN D 138 32.75 -21.14 -11.31
C ASN D 138 33.95 -20.23 -11.55
N GLN D 139 34.67 -20.41 -12.64
CA GLN D 139 35.82 -19.56 -12.95
C GLN D 139 35.33 -18.15 -13.26
N ASP D 140 35.75 -17.19 -12.44
CA ASP D 140 35.46 -15.79 -12.71
C ASP D 140 36.46 -15.26 -13.74
N LYS D 141 36.42 -13.95 -13.98
CA LYS D 141 37.30 -13.26 -14.94
C LYS D 141 37.42 -14.02 -16.26
N LEU D 142 36.36 -14.71 -16.66
CA LEU D 142 36.31 -15.39 -17.95
C LEU D 142 35.50 -14.51 -18.89
N THR D 143 36.19 -13.53 -19.48
CA THR D 143 35.53 -12.58 -20.37
C THR D 143 35.16 -13.26 -21.69
N ASP D 144 34.39 -12.53 -22.49
CA ASP D 144 33.76 -13.10 -23.68
C ASP D 144 34.64 -13.05 -24.92
N GLU D 145 35.83 -12.46 -24.86
CA GLU D 145 36.67 -12.38 -26.05
C GLU D 145 37.19 -13.75 -26.46
N GLY D 146 37.51 -14.60 -25.49
CA GLY D 146 38.02 -15.94 -25.82
C GLY D 146 36.96 -16.87 -26.36
N LEU D 147 35.72 -16.74 -25.89
CA LEU D 147 34.67 -17.63 -26.38
C LEU D 147 34.32 -17.33 -27.83
N LYS D 148 34.56 -16.09 -28.28
CA LYS D 148 34.38 -15.76 -29.70
C LYS D 148 35.26 -16.65 -30.58
N GLN D 149 36.57 -16.66 -30.30
CA GLN D 149 37.47 -17.53 -31.05
C GLN D 149 37.21 -19.00 -30.76
N LEU D 150 36.69 -19.34 -29.58
CA LEU D 150 36.30 -20.72 -29.32
C LEU D 150 35.24 -21.19 -30.29
N GLY D 151 34.24 -20.33 -30.54
CA GLY D 151 33.23 -20.65 -31.55
C GLY D 151 33.68 -20.47 -32.98
N SER D 152 34.73 -19.67 -33.21
CA SER D 152 35.18 -19.43 -34.57
C SER D 152 36.09 -20.55 -35.08
N LYS D 153 37.05 -20.99 -34.26
CA LYS D 153 38.06 -21.95 -34.74
C LYS D 153 37.58 -23.39 -34.63
N CYS D 154 37.22 -23.83 -33.42
CA CYS D 154 36.80 -25.22 -33.19
C CYS D 154 35.27 -25.28 -33.21
N ARG D 155 34.71 -25.36 -34.41
CA ARG D 155 33.26 -25.50 -34.58
C ARG D 155 32.85 -26.96 -34.62
N GLU D 156 33.27 -27.73 -33.62
CA GLU D 156 32.90 -29.12 -33.49
C GLU D 156 32.39 -29.41 -32.07
N LEU D 157 32.46 -28.44 -31.17
CA LEU D 157 32.01 -28.62 -29.79
C LEU D 157 30.52 -28.97 -29.77
N LYS D 158 30.14 -29.81 -28.80
CA LYS D 158 28.79 -30.35 -28.76
C LYS D 158 28.08 -30.18 -27.42
N ASP D 159 28.72 -29.56 -26.42
CA ASP D 159 28.11 -29.43 -25.10
C ASP D 159 28.86 -28.37 -24.31
N ILE D 160 28.14 -27.40 -23.76
CA ILE D 160 28.74 -26.33 -22.97
C ILE D 160 28.12 -26.33 -21.57
N HIS D 161 28.79 -25.61 -20.67
CA HIS D 161 28.32 -25.38 -19.31
C HIS D 161 29.03 -24.15 -18.80
N PHE D 162 28.28 -23.08 -18.54
CA PHE D 162 28.89 -21.78 -18.29
C PHE D 162 28.23 -21.09 -17.10
N GLY D 163 28.02 -21.83 -16.01
CA GLY D 163 27.41 -21.25 -14.84
C GLY D 163 28.33 -20.31 -14.10
N GLN D 164 27.73 -19.30 -13.47
CA GLN D 164 28.43 -18.37 -12.57
C GLN D 164 29.64 -17.71 -13.24
N CYS D 165 29.46 -17.25 -14.46
CA CYS D 165 30.49 -16.51 -15.20
C CYS D 165 29.83 -15.22 -15.71
N TYR D 166 29.92 -14.15 -14.90
CA TYR D 166 29.21 -12.93 -15.23
C TYR D 166 29.97 -12.07 -16.23
N LYS D 167 30.43 -12.69 -17.32
CA LYS D 167 31.07 -11.95 -18.41
C LYS D 167 30.70 -12.54 -19.77
N ILE D 168 29.56 -13.23 -19.86
CA ILE D 168 29.13 -13.92 -21.08
C ILE D 168 27.84 -13.25 -21.54
N SER D 169 27.77 -11.93 -21.38
CA SER D 169 26.51 -11.20 -21.48
C SER D 169 25.79 -11.45 -22.80
N ASP D 170 26.36 -10.97 -23.90
CA ASP D 170 25.60 -11.00 -25.15
C ASP D 170 26.36 -11.62 -26.32
N GLU D 171 27.67 -11.36 -26.44
CA GLU D 171 28.40 -11.80 -27.62
C GLU D 171 28.57 -13.31 -27.65
N GLY D 172 28.72 -13.93 -26.47
CA GLY D 172 29.08 -15.34 -26.43
C GLY D 172 28.01 -16.24 -27.00
N MET D 173 26.75 -16.01 -26.64
CA MET D 173 25.68 -16.88 -27.10
C MET D 173 25.53 -16.78 -28.63
N ILE D 174 25.56 -15.57 -29.16
CA ILE D 174 25.43 -15.42 -30.61
C ILE D 174 26.63 -16.02 -31.33
N VAL D 175 27.84 -15.90 -30.74
CA VAL D 175 29.02 -16.37 -31.45
C VAL D 175 29.09 -17.90 -31.42
N ILE D 176 28.86 -18.53 -30.27
CA ILE D 176 28.56 -19.96 -30.37
C ILE D 176 27.05 -20.12 -30.42
N ALA D 177 26.44 -19.51 -31.43
CA ALA D 177 25.16 -19.93 -32.00
C ALA D 177 25.13 -19.84 -33.52
N LYS D 178 25.96 -18.98 -34.13
CA LYS D 178 25.95 -18.88 -35.59
C LYS D 178 26.82 -19.96 -36.23
N GLY D 179 28.06 -20.10 -35.77
CA GLY D 179 28.95 -21.10 -36.32
C GLY D 179 28.62 -22.52 -35.88
N CYS D 180 28.72 -22.77 -34.58
CA CYS D 180 28.46 -24.11 -34.06
C CYS D 180 26.98 -24.46 -34.18
N LEU D 181 26.70 -25.72 -34.51
CA LEU D 181 25.34 -26.20 -34.66
C LEU D 181 25.10 -27.56 -34.01
N LYS D 182 26.15 -28.26 -33.56
CA LYS D 182 26.05 -29.62 -33.09
C LYS D 182 25.71 -29.71 -31.60
N LEU D 183 25.42 -28.59 -30.95
CA LEU D 183 25.16 -28.58 -29.52
C LEU D 183 23.92 -29.42 -29.19
N GLN D 184 23.99 -30.14 -28.07
CA GLN D 184 22.88 -30.95 -27.59
C GLN D 184 22.32 -30.50 -26.25
N ARG D 185 23.17 -30.20 -25.27
CA ARG D 185 22.74 -29.81 -23.95
C ARG D 185 23.18 -28.38 -23.64
N ILE D 186 22.36 -27.70 -22.84
CA ILE D 186 22.64 -26.33 -22.42
C ILE D 186 22.38 -26.21 -20.92
N TYR D 187 23.22 -25.42 -20.26
CA TYR D 187 23.06 -25.18 -18.83
C TYR D 187 23.61 -23.79 -18.52
N MET D 188 22.83 -23.00 -17.78
CA MET D 188 23.21 -21.65 -17.42
C MET D 188 22.79 -21.40 -15.98
N GLN D 189 23.40 -20.39 -15.36
CA GLN D 189 23.19 -20.08 -13.94
C GLN D 189 22.98 -18.58 -13.85
N GLU D 190 23.07 -18.03 -12.64
CA GLU D 190 22.73 -16.63 -12.39
C GLU D 190 23.76 -15.74 -13.09
N ASN D 191 23.57 -15.57 -14.40
CA ASN D 191 24.43 -14.77 -15.26
C ASN D 191 23.63 -13.59 -15.77
N LYS D 192 23.93 -12.40 -15.24
CA LYS D 192 23.18 -11.21 -15.61
C LYS D 192 23.58 -10.72 -16.99
N LEU D 193 22.88 -9.66 -17.43
CA LEU D 193 23.15 -9.00 -18.71
C LEU D 193 22.96 -9.94 -19.90
N VAL D 194 22.11 -10.94 -19.76
CA VAL D 194 21.79 -11.85 -20.86
C VAL D 194 20.52 -11.34 -21.52
N THR D 195 20.65 -10.87 -22.77
CA THR D 195 19.52 -10.30 -23.48
C THR D 195 18.73 -11.38 -24.21
N ASP D 196 17.50 -11.04 -24.56
CA ASP D 196 16.64 -11.98 -25.29
C ASP D 196 17.02 -12.10 -26.76
N GLN D 197 17.61 -11.05 -27.34
CA GLN D 197 17.91 -11.06 -28.76
C GLN D 197 19.21 -11.81 -29.04
N SER D 198 19.33 -13.00 -28.48
CA SER D 198 20.42 -13.91 -28.84
C SER D 198 19.97 -15.36 -28.97
N VAL D 199 18.75 -15.69 -28.58
CA VAL D 199 18.25 -17.06 -28.65
C VAL D 199 17.15 -17.22 -29.69
N LYS D 200 16.39 -16.16 -29.98
CA LYS D 200 15.31 -16.25 -30.97
C LYS D 200 15.86 -16.63 -32.34
N ALA D 201 16.98 -16.03 -32.74
CA ALA D 201 17.61 -16.42 -34.00
C ALA D 201 18.13 -17.86 -33.93
N PHE D 202 18.68 -18.25 -32.78
CA PHE D 202 19.20 -19.61 -32.59
C PHE D 202 18.10 -20.52 -32.05
N ALA D 203 17.04 -20.67 -32.83
CA ALA D 203 15.95 -21.57 -32.47
C ALA D 203 15.41 -22.35 -33.67
N GLU D 204 16.01 -22.20 -34.85
CA GLU D 204 15.57 -22.91 -36.04
C GLU D 204 16.63 -23.79 -36.66
N HIS D 205 17.89 -23.68 -36.24
CA HIS D 205 18.97 -24.44 -36.87
C HIS D 205 18.99 -25.88 -36.37
N CYS D 206 19.18 -26.06 -35.06
CA CYS D 206 19.29 -27.39 -34.46
C CYS D 206 18.13 -27.66 -33.52
N PRO D 207 17.11 -28.40 -33.96
CA PRO D 207 15.96 -28.67 -33.08
C PRO D 207 16.13 -29.94 -32.25
N GLU D 208 17.34 -30.47 -32.17
CA GLU D 208 17.60 -31.74 -31.50
C GLU D 208 17.98 -31.57 -30.03
N LEU D 209 17.85 -30.37 -29.47
CA LEU D 209 18.16 -30.17 -28.07
C LEU D 209 17.19 -30.94 -27.19
N GLN D 210 17.71 -31.51 -26.11
CA GLN D 210 16.91 -32.29 -25.17
C GLN D 210 16.91 -31.69 -23.78
N TYR D 211 18.06 -31.23 -23.28
CA TYR D 211 18.16 -30.62 -21.97
C TYR D 211 18.30 -29.11 -22.12
N VAL D 212 17.46 -28.36 -21.41
CA VAL D 212 17.48 -26.90 -21.42
C VAL D 212 17.46 -26.41 -19.98
N GLY D 213 18.46 -25.60 -19.62
CA GLY D 213 18.53 -25.03 -18.28
C GLY D 213 18.92 -23.57 -18.28
N PHE D 214 18.07 -22.71 -17.75
CA PHE D 214 18.30 -21.27 -17.69
C PHE D 214 17.94 -20.72 -16.32
N MET D 215 18.41 -21.39 -15.27
CA MET D 215 18.09 -20.99 -13.91
C MET D 215 18.73 -19.64 -13.59
N GLY D 216 17.95 -18.78 -12.93
CA GLY D 216 18.45 -17.49 -12.50
C GLY D 216 18.89 -16.58 -13.61
N CYS D 217 18.34 -16.75 -14.81
CA CYS D 217 18.73 -15.95 -15.97
C CYS D 217 17.61 -14.99 -16.34
N SER D 218 17.94 -14.05 -17.24
CA SER D 218 17.04 -12.97 -17.62
C SER D 218 16.47 -13.16 -19.03
N VAL D 219 16.14 -14.40 -19.38
CA VAL D 219 15.56 -14.68 -20.69
C VAL D 219 14.08 -14.32 -20.67
N THR D 220 13.67 -13.45 -21.58
CA THR D 220 12.27 -13.07 -21.68
C THR D 220 11.50 -14.15 -22.45
N SER D 221 10.19 -14.21 -22.19
CA SER D 221 9.33 -15.22 -22.80
C SER D 221 9.13 -15.03 -24.30
N LYS D 222 9.64 -13.93 -24.87
CA LYS D 222 9.49 -13.71 -26.30
C LYS D 222 10.15 -14.82 -27.12
N GLY D 223 11.15 -15.49 -26.57
CA GLY D 223 11.76 -16.63 -27.24
C GLY D 223 11.11 -17.94 -26.85
N VAL D 224 10.53 -17.98 -25.64
CA VAL D 224 9.81 -19.17 -25.20
C VAL D 224 8.54 -19.38 -26.02
N ILE D 225 7.90 -18.28 -26.44
CA ILE D 225 6.68 -18.38 -27.25
C ILE D 225 6.97 -19.10 -28.56
N HIS D 226 8.14 -18.86 -29.16
CA HIS D 226 8.49 -19.45 -30.44
C HIS D 226 8.98 -20.89 -30.32
N LEU D 227 9.00 -21.45 -29.11
CA LEU D 227 9.47 -22.83 -28.93
C LEU D 227 8.55 -23.87 -29.53
N THR D 228 7.35 -23.48 -29.96
CA THR D 228 6.42 -24.42 -30.59
C THR D 228 6.97 -24.98 -31.90
N LYS D 229 7.92 -24.29 -32.52
CA LYS D 229 8.51 -24.76 -33.77
C LYS D 229 9.14 -26.14 -33.60
N LEU D 230 10.13 -26.25 -32.73
CA LEU D 230 10.77 -27.53 -32.47
C LEU D 230 9.83 -28.46 -31.72
N ARG D 231 9.89 -29.75 -32.05
CA ARG D 231 9.04 -30.76 -31.44
C ARG D 231 9.86 -31.96 -30.99
N ASN D 232 11.09 -31.71 -30.50
CA ASN D 232 11.98 -32.76 -30.05
C ASN D 232 12.59 -32.47 -28.69
N LEU D 233 12.04 -31.50 -27.96
CA LEU D 233 12.58 -31.14 -26.65
C LEU D 233 12.17 -32.18 -25.61
N SER D 234 13.09 -32.49 -24.71
CA SER D 234 12.89 -33.55 -23.73
C SER D 234 12.85 -33.05 -22.30
N SER D 235 13.85 -32.28 -21.86
CA SER D 235 13.98 -31.89 -20.47
C SER D 235 13.97 -30.38 -20.34
N LEU D 236 13.28 -29.87 -19.32
CA LEU D 236 13.17 -28.45 -19.05
C LEU D 236 13.66 -28.14 -17.64
N ASP D 237 14.35 -27.01 -17.51
CA ASP D 237 14.83 -26.53 -16.21
C ASP D 237 14.59 -25.03 -16.07
N LEU D 238 13.41 -24.58 -16.48
CA LEU D 238 13.07 -23.16 -16.45
C LEU D 238 12.64 -22.78 -15.03
N ARG D 239 13.62 -22.62 -14.16
CA ARG D 239 13.40 -22.17 -12.80
C ARG D 239 13.62 -20.66 -12.72
N HIS D 240 12.69 -19.96 -12.08
CA HIS D 240 12.77 -18.51 -11.87
C HIS D 240 12.88 -17.78 -13.21
N ILE D 241 11.91 -18.05 -14.08
CA ILE D 241 11.88 -17.48 -15.41
C ILE D 241 10.86 -16.36 -15.44
N THR D 242 11.00 -15.47 -16.43
CA THR D 242 10.20 -14.25 -16.51
C THR D 242 8.95 -14.50 -17.34
N GLU D 243 7.91 -15.00 -16.67
CA GLU D 243 6.54 -15.08 -17.21
C GLU D 243 6.50 -15.73 -18.60
N LEU D 244 6.84 -17.01 -18.62
CA LEU D 244 6.67 -17.79 -19.84
C LEU D 244 5.19 -17.97 -20.15
N ASP D 245 4.89 -18.12 -21.44
CA ASP D 245 3.50 -18.22 -21.88
C ASP D 245 2.90 -19.55 -21.46
N ASN D 246 1.66 -19.51 -20.97
CA ASN D 246 0.98 -20.72 -20.52
C ASN D 246 0.52 -21.56 -21.71
N GLU D 247 -0.02 -20.91 -22.75
CA GLU D 247 -0.52 -21.64 -23.90
C GLU D 247 0.61 -22.36 -24.63
N THR D 248 1.82 -21.79 -24.63
CA THR D 248 2.96 -22.48 -25.22
C THR D 248 3.28 -23.77 -24.48
N VAL D 249 3.22 -23.73 -23.14
CA VAL D 249 3.43 -24.94 -22.35
C VAL D 249 2.33 -25.96 -22.64
N MET D 250 1.09 -25.49 -22.76
CA MET D 250 -0.02 -26.38 -23.11
C MET D 250 0.21 -27.05 -24.46
N GLU D 251 0.64 -26.27 -25.46
CA GLU D 251 0.85 -26.83 -26.79
C GLU D 251 2.02 -27.82 -26.80
N ILE D 252 3.09 -27.50 -26.06
CA ILE D 252 4.25 -28.39 -26.07
C ILE D 252 3.97 -29.66 -25.27
N VAL D 253 3.08 -29.59 -24.29
CA VAL D 253 2.74 -30.82 -23.55
C VAL D 253 1.64 -31.61 -24.26
N LYS D 254 0.87 -30.97 -25.14
CA LYS D 254 -0.16 -31.68 -25.89
C LYS D 254 0.39 -32.34 -27.13
N ARG D 255 1.24 -31.62 -27.87
CA ARG D 255 1.81 -32.15 -29.12
C ARG D 255 3.01 -33.05 -28.84
N CYS D 256 4.02 -32.50 -28.17
CA CYS D 256 5.25 -33.25 -27.88
C CYS D 256 4.96 -34.27 -26.80
N LYS D 257 4.62 -35.50 -27.21
CA LYS D 257 4.45 -36.57 -26.24
C LYS D 257 5.77 -36.90 -25.54
N ASN D 258 6.88 -36.75 -26.25
CA ASN D 258 8.21 -36.98 -25.67
C ASN D 258 8.59 -35.80 -24.80
N LEU D 259 8.34 -35.91 -23.50
CA LEU D 259 8.74 -34.90 -22.53
C LEU D 259 9.16 -35.60 -21.25
N SER D 260 10.37 -35.30 -20.77
CA SER D 260 10.95 -36.03 -19.66
C SER D 260 10.82 -35.28 -18.34
N SER D 261 11.33 -34.05 -18.27
CA SER D 261 11.43 -33.33 -17.00
C SER D 261 10.81 -31.94 -17.13
N LEU D 262 10.14 -31.51 -16.06
CA LEU D 262 9.61 -30.16 -15.95
C LEU D 262 9.72 -29.73 -14.49
N ASN D 263 10.55 -28.71 -14.23
CA ASN D 263 10.81 -28.29 -12.86
C ASN D 263 9.95 -27.09 -12.47
N LEU D 264 10.16 -25.95 -13.15
CA LEU D 264 9.34 -24.75 -12.97
C LEU D 264 9.22 -24.35 -11.50
N CYS D 265 10.26 -24.59 -10.71
CA CYS D 265 10.21 -24.29 -9.29
C CYS D 265 10.41 -22.80 -9.05
N LEU D 266 9.93 -22.35 -7.88
CA LEU D 266 10.09 -20.99 -7.37
C LEU D 266 9.38 -19.94 -8.23
N ASN D 267 8.49 -20.34 -9.13
CA ASN D 267 7.77 -19.39 -9.96
C ASN D 267 6.49 -18.97 -9.25
N TRP D 268 6.26 -17.66 -9.15
CA TRP D 268 5.14 -17.13 -8.40
C TRP D 268 4.01 -16.59 -9.25
N ILE D 269 4.28 -16.06 -10.45
CA ILE D 269 3.16 -15.60 -11.26
C ILE D 269 2.43 -16.80 -11.88
N ILE D 270 3.14 -17.91 -12.08
CA ILE D 270 2.50 -19.13 -12.56
C ILE D 270 1.45 -19.59 -11.55
N ASN D 271 0.25 -19.90 -12.06
CA ASN D 271 -0.91 -20.16 -11.22
C ASN D 271 -1.17 -21.65 -11.08
N ASP D 272 -2.31 -21.97 -10.45
CA ASP D 272 -2.71 -23.34 -10.14
C ASP D 272 -3.23 -24.08 -11.37
N ARG D 273 -3.60 -23.34 -12.44
CA ARG D 273 -4.21 -23.96 -13.60
C ARG D 273 -3.30 -24.98 -14.26
N CYS D 274 -2.00 -24.69 -14.31
CA CYS D 274 -1.06 -25.56 -15.00
C CYS D 274 -0.98 -26.93 -14.34
N VAL D 275 -0.88 -26.96 -13.02
CA VAL D 275 -0.82 -28.25 -12.33
C VAL D 275 -2.21 -28.90 -12.27
N GLU D 276 -3.28 -28.11 -12.31
CA GLU D 276 -4.61 -28.69 -12.42
C GLU D 276 -4.76 -29.47 -13.73
N VAL D 277 -4.27 -28.90 -14.83
CA VAL D 277 -4.43 -29.52 -16.15
C VAL D 277 -3.32 -30.49 -16.50
N ILE D 278 -2.22 -30.51 -15.73
CA ILE D 278 -1.11 -31.41 -16.05
C ILE D 278 -1.49 -32.87 -15.84
N ALA D 279 -2.53 -33.14 -15.04
CA ALA D 279 -2.99 -34.50 -14.82
C ALA D 279 -4.09 -34.91 -15.79
N LYS D 280 -4.53 -34.01 -16.66
CA LYS D 280 -5.58 -34.34 -17.61
C LYS D 280 -5.09 -35.33 -18.67
N GLU D 281 -3.88 -35.12 -19.18
CA GLU D 281 -3.34 -35.96 -20.24
C GLU D 281 -1.93 -36.47 -19.97
N GLY D 282 -1.26 -35.99 -18.93
CA GLY D 282 0.09 -36.43 -18.63
C GLY D 282 0.18 -37.87 -18.19
N GLN D 283 0.73 -38.73 -19.04
CA GLN D 283 0.92 -40.14 -18.72
C GLN D 283 2.38 -40.55 -18.61
N ASN D 284 3.27 -39.92 -19.35
CA ASN D 284 4.69 -40.23 -19.32
C ASN D 284 5.48 -39.33 -18.39
N LEU D 285 4.82 -38.41 -17.69
CA LEU D 285 5.50 -37.57 -16.72
C LEU D 285 6.01 -38.42 -15.57
N LYS D 286 7.25 -38.19 -15.15
CA LYS D 286 7.92 -39.08 -14.20
C LYS D 286 8.26 -38.42 -12.87
N GLU D 287 8.65 -37.15 -12.86
CA GLU D 287 8.92 -36.46 -11.61
C GLU D 287 8.37 -35.05 -11.65
N LEU D 288 8.09 -34.51 -10.46
CA LEU D 288 7.67 -33.13 -10.29
C LEU D 288 8.39 -32.56 -9.08
N TYR D 289 9.04 -31.42 -9.25
CA TYR D 289 9.74 -30.72 -8.18
C TYR D 289 9.01 -29.42 -7.90
N LEU D 290 8.08 -29.45 -6.96
CA LEU D 290 7.30 -28.28 -6.54
C LEU D 290 7.68 -27.98 -5.09
N VAL D 291 8.59 -27.02 -4.92
CA VAL D 291 9.10 -26.64 -3.61
C VAL D 291 8.60 -25.25 -3.28
N SER D 292 8.01 -25.08 -2.10
CA SER D 292 7.49 -23.80 -1.62
C SER D 292 6.41 -23.26 -2.54
N CYS D 293 5.73 -24.14 -3.27
CA CYS D 293 4.65 -23.72 -4.14
C CYS D 293 3.43 -23.32 -3.32
N LYS D 294 2.69 -22.33 -3.82
CA LYS D 294 1.51 -21.81 -3.15
C LYS D 294 0.24 -22.57 -3.57
N ILE D 295 0.34 -23.90 -3.62
CA ILE D 295 -0.80 -24.70 -4.03
C ILE D 295 -1.91 -24.59 -3.00
N THR D 296 -3.15 -24.68 -3.49
CA THR D 296 -4.33 -24.48 -2.66
C THR D 296 -4.96 -25.81 -2.26
N ASP D 297 -4.11 -26.82 -2.05
CA ASP D 297 -4.46 -28.16 -1.58
C ASP D 297 -5.74 -28.71 -2.21
N TYR D 298 -5.97 -28.39 -3.48
CA TYR D 298 -7.16 -28.82 -4.19
C TYR D 298 -6.86 -29.73 -5.37
N ALA D 299 -5.65 -29.68 -5.93
CA ALA D 299 -5.27 -30.53 -7.05
C ALA D 299 -4.88 -31.94 -6.62
N LEU D 300 -4.82 -32.21 -5.31
CA LEU D 300 -4.47 -33.56 -4.85
C LEU D 300 -5.52 -34.58 -5.29
N ILE D 301 -6.80 -34.21 -5.20
CA ILE D 301 -7.86 -35.12 -5.60
C ILE D 301 -7.75 -35.46 -7.08
N ALA D 302 -7.48 -34.46 -7.92
CA ALA D 302 -7.31 -34.71 -9.34
C ALA D 302 -6.05 -35.53 -9.63
N ILE D 303 -4.95 -35.24 -8.93
CA ILE D 303 -3.70 -35.94 -9.18
C ILE D 303 -3.74 -37.36 -8.66
N GLY D 304 -4.67 -37.69 -7.76
CA GLY D 304 -4.82 -39.04 -7.29
C GLY D 304 -5.85 -39.85 -8.07
N ARG D 305 -6.98 -39.21 -8.40
CA ARG D 305 -8.05 -39.90 -9.08
C ARG D 305 -7.77 -40.01 -10.58
N TYR D 306 -7.40 -38.90 -11.22
CA TYR D 306 -7.28 -38.85 -12.67
C TYR D 306 -5.89 -39.23 -13.17
N SER D 307 -4.96 -39.53 -12.28
CA SER D 307 -3.61 -39.95 -12.66
C SER D 307 -3.35 -41.35 -12.13
N MET D 308 -2.94 -42.26 -13.02
CA MET D 308 -2.64 -43.63 -12.64
C MET D 308 -1.17 -43.99 -12.82
N THR D 309 -0.40 -43.21 -13.58
CA THR D 309 1.00 -43.49 -13.84
C THR D 309 1.83 -42.36 -13.21
N ILE D 310 2.36 -42.62 -12.01
CA ILE D 310 3.19 -41.67 -11.29
C ILE D 310 4.05 -42.41 -10.28
N GLU D 311 5.33 -42.05 -10.20
CA GLU D 311 6.26 -42.72 -9.30
C GLU D 311 7.12 -41.78 -8.47
N THR D 312 7.25 -40.51 -8.84
CA THR D 312 8.02 -39.55 -8.05
C THR D 312 7.15 -38.33 -7.76
N VAL D 313 7.04 -37.98 -6.48
CA VAL D 313 6.30 -36.81 -6.05
C VAL D 313 7.14 -36.09 -4.99
N ASP D 314 7.18 -34.77 -5.08
CA ASP D 314 7.98 -33.94 -4.17
C ASP D 314 7.09 -32.87 -3.57
N VAL D 315 6.89 -32.94 -2.26
CA VAL D 315 6.18 -31.90 -1.51
C VAL D 315 7.20 -31.03 -0.80
N GLY D 316 7.15 -29.74 -1.06
CA GLY D 316 8.13 -28.82 -0.51
C GLY D 316 7.69 -28.14 0.77
N TRP D 317 7.83 -26.81 0.82
CA TRP D 317 7.46 -26.04 2.00
C TRP D 317 5.96 -25.73 1.99
N CYS D 318 5.17 -26.79 2.13
CA CYS D 318 3.72 -26.66 2.13
C CYS D 318 3.22 -26.32 3.53
N LYS D 319 2.67 -25.11 3.69
CA LYS D 319 2.15 -24.71 4.99
C LYS D 319 0.90 -25.50 5.36
N GLU D 320 0.06 -25.82 4.38
CA GLU D 320 -1.16 -26.57 4.59
C GLU D 320 -1.15 -27.84 3.74
N ILE D 321 -1.73 -28.91 4.29
CA ILE D 321 -1.81 -30.18 3.60
C ILE D 321 -2.96 -30.96 4.22
N THR D 322 -3.48 -31.95 3.47
CA THR D 322 -4.54 -32.82 3.94
C THR D 322 -3.93 -34.17 4.27
N ASP D 323 -3.92 -34.53 5.55
CA ASP D 323 -3.39 -35.83 5.95
C ASP D 323 -4.26 -36.96 5.40
N GLN D 324 -5.58 -36.77 5.37
CA GLN D 324 -6.46 -37.79 4.82
C GLN D 324 -6.18 -38.02 3.35
N GLY D 325 -5.99 -36.94 2.59
CA GLY D 325 -5.70 -37.08 1.16
C GLY D 325 -4.37 -37.75 0.90
N ALA D 326 -3.34 -37.38 1.67
CA ALA D 326 -2.04 -38.03 1.53
C ALA D 326 -2.12 -39.50 1.87
N THR D 327 -2.85 -39.84 2.94
CA THR D 327 -3.04 -41.25 3.28
C THR D 327 -3.78 -42.00 2.17
N LEU D 328 -4.80 -41.37 1.60
CA LEU D 328 -5.55 -42.02 0.52
C LEU D 328 -4.66 -42.27 -0.69
N ILE D 329 -3.86 -41.27 -1.08
CA ILE D 329 -3.02 -41.45 -2.26
C ILE D 329 -1.85 -42.37 -1.96
N ALA D 330 -1.53 -42.59 -0.68
CA ALA D 330 -0.48 -43.53 -0.33
C ALA D 330 -0.81 -44.95 -0.80
N GLN D 331 -2.03 -45.40 -0.58
CA GLN D 331 -2.45 -46.71 -1.05
C GLN D 331 -3.20 -46.67 -2.37
N SER D 332 -3.53 -45.48 -2.88
CA SER D 332 -4.22 -45.38 -4.16
C SER D 332 -3.35 -45.90 -5.30
N SER D 333 -2.07 -45.55 -5.29
CA SER D 333 -1.15 -46.00 -6.32
C SER D 333 -0.58 -47.37 -5.98
N LYS D 334 0.18 -47.93 -6.92
CA LYS D 334 0.78 -49.25 -6.75
C LYS D 334 2.27 -49.19 -6.42
N SER D 335 2.98 -48.15 -6.86
CA SER D 335 4.40 -48.04 -6.58
C SER D 335 4.85 -46.63 -6.19
N LEU D 336 3.93 -45.67 -6.07
CA LEU D 336 4.28 -44.29 -5.73
C LEU D 336 4.59 -44.23 -4.24
N ARG D 337 5.87 -44.41 -3.90
CA ARG D 337 6.34 -44.31 -2.53
C ARG D 337 7.61 -43.45 -2.54
N TYR D 338 7.44 -42.12 -2.54
CA TYR D 338 8.55 -41.20 -2.58
C TYR D 338 8.33 -40.01 -1.65
N LEU D 339 7.64 -40.22 -0.53
CA LEU D 339 7.27 -39.12 0.36
C LEU D 339 8.52 -38.65 1.09
N GLY D 340 9.17 -37.64 0.52
CA GLY D 340 10.30 -36.99 1.16
C GLY D 340 9.89 -35.74 1.92
N LEU D 341 9.00 -35.90 2.90
CA LEU D 341 8.46 -34.75 3.62
C LEU D 341 9.54 -34.06 4.45
N MET D 342 9.53 -32.73 4.40
CA MET D 342 10.47 -31.91 5.15
C MET D 342 9.76 -30.66 5.66
N ARG D 343 9.93 -30.37 6.94
CA ARG D 343 9.41 -29.15 7.57
C ARG D 343 7.90 -29.01 7.38
N CYS D 344 7.18 -30.14 7.40
CA CYS D 344 5.73 -30.14 7.25
C CYS D 344 5.11 -30.01 8.64
N ASP D 345 4.83 -28.77 9.04
CA ASP D 345 4.28 -28.52 10.37
C ASP D 345 2.87 -29.08 10.50
N LYS D 346 2.08 -29.03 9.43
CA LYS D 346 0.70 -29.51 9.46
C LYS D 346 0.67 -31.02 9.17
N VAL D 347 1.23 -31.77 10.12
CA VAL D 347 1.28 -33.23 10.03
C VAL D 347 0.88 -33.81 11.37
N ASN D 348 0.38 -35.03 11.34
CA ASN D 348 0.03 -35.76 12.56
C ASN D 348 1.19 -36.66 12.96
N GLU D 349 0.98 -37.50 13.98
CA GLU D 349 1.99 -38.43 14.45
C GLU D 349 1.61 -39.88 14.17
N VAL D 350 0.71 -40.11 13.22
CA VAL D 350 0.26 -41.46 12.88
C VAL D 350 0.99 -42.01 11.67
N THR D 351 1.09 -41.23 10.60
CA THR D 351 1.75 -41.70 9.38
C THR D 351 3.22 -42.02 9.65
N VAL D 352 3.93 -41.10 10.31
CA VAL D 352 5.33 -41.32 10.65
C VAL D 352 5.52 -42.42 11.67
N GLU D 353 4.44 -42.90 12.30
CA GLU D 353 4.50 -43.98 13.26
C GLU D 353 3.96 -45.30 12.73
N GLN D 354 3.03 -45.26 11.78
CA GLN D 354 2.42 -46.47 11.24
C GLN D 354 2.96 -46.87 9.88
N LEU D 355 3.09 -45.91 8.94
CA LEU D 355 3.50 -46.24 7.59
C LEU D 355 4.95 -46.68 7.50
N VAL D 356 5.74 -46.45 8.54
CA VAL D 356 7.13 -46.90 8.55
C VAL D 356 7.18 -48.43 8.52
N GLN D 357 6.35 -49.07 9.34
CA GLN D 357 6.30 -50.53 9.39
C GLN D 357 5.23 -51.12 8.48
N GLN D 358 4.17 -50.35 8.17
CA GLN D 358 3.14 -50.85 7.27
C GLN D 358 3.70 -51.08 5.87
N TYR D 359 4.51 -50.16 5.38
CA TYR D 359 5.18 -50.29 4.09
C TYR D 359 6.68 -50.34 4.32
N PRO D 360 7.29 -51.53 4.31
CA PRO D 360 8.73 -51.61 4.57
C PRO D 360 9.57 -51.30 3.34
N HIS D 361 8.95 -50.74 2.31
CA HIS D 361 9.63 -50.36 1.08
C HIS D 361 9.70 -48.85 0.87
N ILE D 362 9.66 -48.09 1.96
CA ILE D 362 9.76 -46.63 1.90
C ILE D 362 10.89 -46.18 2.80
N THR D 363 11.63 -45.17 2.34
CA THR D 363 12.74 -44.62 3.10
C THR D 363 12.37 -43.40 3.93
N PHE D 364 11.42 -42.59 3.47
CA PHE D 364 10.99 -41.38 4.16
C PHE D 364 12.11 -40.35 4.31
N SER D 365 11.77 -39.16 4.80
CA SER D 365 12.78 -38.13 4.98
C SER D 365 12.62 -37.34 6.27
N THR D 366 11.78 -37.79 7.21
CA THR D 366 11.53 -37.01 8.42
C THR D 366 12.78 -36.95 9.29
N VAL D 367 12.86 -35.89 10.09
CA VAL D 367 14.05 -35.64 10.90
C VAL D 367 14.23 -36.73 11.94
N LEU D 368 13.14 -37.17 12.58
CA LEU D 368 13.23 -38.17 13.63
C LEU D 368 13.79 -39.50 13.13
N GLN D 369 13.63 -39.80 11.85
CA GLN D 369 14.09 -41.06 11.28
C GLN D 369 15.47 -40.95 10.62
N ASP D 370 15.69 -39.94 9.78
CA ASP D 370 16.96 -39.81 9.07
C ASP D 370 18.02 -39.11 9.91
N CYS D 371 18.22 -39.60 11.12
CA CYS D 371 19.37 -39.27 11.94
C CYS D 371 20.11 -40.50 12.42
N LYS D 372 19.38 -41.56 12.80
CA LYS D 372 20.01 -42.83 13.13
C LYS D 372 20.39 -43.60 11.87
N ARG D 373 19.57 -43.53 10.83
CA ARG D 373 19.87 -44.24 9.59
C ARG D 373 21.13 -43.69 8.93
N THR D 374 21.28 -42.36 8.92
CA THR D 374 22.48 -41.77 8.32
C THR D 374 23.74 -42.17 9.07
N LEU D 375 23.69 -42.15 10.40
CA LEU D 375 24.83 -42.58 11.19
C LEU D 375 25.14 -44.06 10.97
N GLU D 376 24.10 -44.88 10.89
CA GLU D 376 24.31 -46.32 10.68
C GLU D 376 24.95 -46.59 9.32
N ARG D 377 24.46 -45.93 8.27
CA ARG D 377 25.03 -46.14 6.94
C ARG D 377 26.41 -45.52 6.80
N ALA D 378 26.70 -44.48 7.59
CA ALA D 378 28.06 -43.93 7.59
C ALA D 378 29.03 -44.86 8.32
N TYR D 379 28.58 -45.45 9.43
CA TYR D 379 29.42 -46.39 10.16
C TYR D 379 29.69 -47.64 9.35
N GLN D 380 28.68 -48.18 8.67
CA GLN D 380 28.91 -49.37 7.86
C GLN D 380 29.85 -49.09 6.71
N MET D 381 29.70 -47.95 6.05
CA MET D 381 30.55 -47.61 4.92
C MET D 381 31.29 -46.30 5.16
N SER E 11 32.23 3.83 28.17
CA SER E 11 33.11 2.98 27.37
C SER E 11 32.79 1.51 27.56
N THR E 12 33.61 0.67 26.93
CA THR E 12 33.37 -0.78 26.97
C THR E 12 33.52 -1.31 28.40
N ASN E 13 34.66 -1.02 29.04
CA ASN E 13 34.81 -1.43 30.43
C ASN E 13 33.82 -0.70 31.33
N VAL E 14 33.43 0.52 30.95
CA VAL E 14 32.35 1.19 31.66
C VAL E 14 31.06 0.41 31.51
N LEU E 15 30.79 -0.07 30.31
CA LEU E 15 29.61 -0.90 30.11
C LEU E 15 29.64 -2.13 30.99
N LEU E 16 30.79 -2.81 31.05
CA LEU E 16 30.88 -4.02 31.87
C LEU E 16 30.75 -3.70 33.35
N SER E 17 31.36 -2.61 33.80
CA SER E 17 31.26 -2.24 35.20
C SER E 17 29.82 -1.92 35.58
N LEU E 18 29.13 -1.17 34.73
CA LEU E 18 27.70 -0.91 34.95
C LEU E 18 26.93 -2.23 34.94
N ASN E 19 27.34 -3.15 34.08
CA ASN E 19 26.67 -4.44 33.97
C ASN E 19 26.76 -5.20 35.29
N ASP E 20 27.96 -5.27 35.85
CA ASP E 20 28.14 -5.96 37.13
C ASP E 20 27.38 -5.25 38.24
N GLN E 21 27.48 -3.92 38.29
CA GLN E 21 26.76 -3.18 39.32
C GLN E 21 25.26 -3.42 39.23
N ARG E 22 24.74 -3.62 38.01
CA ARG E 22 23.37 -4.09 37.88
C ARG E 22 23.24 -5.47 38.49
N LYS E 23 24.15 -6.38 38.16
CA LYS E 23 24.10 -7.70 38.77
C LYS E 23 24.83 -7.75 40.09
N LYS E 24 24.61 -6.71 40.91
CA LYS E 24 24.88 -6.73 42.33
C LYS E 24 23.63 -6.47 43.16
N ASP E 25 22.53 -6.06 42.55
CA ASP E 25 21.33 -5.60 43.24
C ASP E 25 21.63 -4.44 44.19
N VAL E 26 22.58 -3.59 43.82
CA VAL E 26 22.91 -2.41 44.61
C VAL E 26 23.07 -1.24 43.66
N LEU E 27 22.61 -0.06 44.11
CA LEU E 27 22.70 1.17 43.34
C LEU E 27 21.97 1.02 41.99
N CYS E 28 20.67 0.83 42.12
CA CYS E 28 19.77 0.68 40.98
C CYS E 28 18.69 1.74 41.07
N ASP E 29 18.50 2.49 39.99
CA ASP E 29 17.60 3.64 40.02
C ASP E 29 16.19 3.27 39.57
N VAL E 30 16.05 2.86 38.31
CA VAL E 30 14.76 2.56 37.74
C VAL E 30 14.37 1.13 38.10
N THR E 31 13.09 0.93 38.40
CA THR E 31 12.59 -0.38 38.79
C THR E 31 11.43 -0.76 37.88
N ILE E 32 11.60 -1.85 37.13
CA ILE E 32 10.61 -2.30 36.16
C ILE E 32 9.75 -3.37 36.81
N PHE E 33 8.43 -3.15 36.81
CA PHE E 33 7.48 -4.04 37.45
C PHE E 33 6.66 -4.76 36.40
N VAL E 34 7.00 -6.03 36.14
CA VAL E 34 6.25 -6.86 35.20
C VAL E 34 5.82 -8.13 35.94
N GLU E 35 4.50 -8.30 36.06
CA GLU E 35 3.90 -9.49 36.68
C GLU E 35 4.48 -9.78 38.06
N GLY E 36 4.62 -8.74 38.87
CA GLY E 36 5.13 -8.90 40.22
C GLY E 36 6.64 -8.98 40.23
N GLN E 37 7.22 -9.55 39.19
CA GLN E 37 8.66 -9.57 39.04
C GLN E 37 9.18 -8.15 38.90
N ARG E 38 10.32 -7.87 39.51
CA ARG E 38 10.88 -6.53 39.51
C ARG E 38 12.33 -6.57 39.06
N PHE E 39 12.57 -6.11 37.86
CA PHE E 39 13.93 -5.82 37.43
C PHE E 39 14.37 -4.53 38.09
N ARG E 40 15.65 -4.46 38.44
CA ARG E 40 16.24 -3.23 38.94
C ARG E 40 17.38 -2.86 38.03
N ALA E 41 17.27 -1.73 37.36
CA ALA E 41 18.31 -1.30 36.45
C ALA E 41 18.50 0.20 36.64
N HIS E 42 19.39 0.78 35.87
CA HIS E 42 19.77 2.16 36.10
C HIS E 42 18.79 3.11 35.42
N ARG E 43 19.11 4.40 35.46
CA ARG E 43 18.31 5.44 34.80
C ARG E 43 18.78 5.70 33.37
N SER E 44 20.08 5.75 33.14
CA SER E 44 20.58 6.15 31.83
C SER E 44 20.48 5.02 30.81
N VAL E 45 20.70 3.79 31.22
CA VAL E 45 20.81 2.70 30.26
C VAL E 45 19.46 2.43 29.58
N LEU E 46 18.40 2.29 30.36
CA LEU E 46 17.09 2.09 29.75
C LEU E 46 16.67 3.29 28.92
N ALA E 47 17.20 4.47 29.23
CA ALA E 47 17.03 5.61 28.33
C ALA E 47 17.72 5.34 27.00
N ALA E 48 18.90 4.72 27.03
CA ALA E 48 19.57 4.38 25.78
C ALA E 48 18.87 3.27 25.02
N CYS E 49 18.12 2.42 25.73
CA CYS E 49 17.63 1.19 25.10
C CYS E 49 16.39 1.43 24.23
N SER E 50 15.28 1.78 24.85
CA SER E 50 14.00 1.84 24.16
C SER E 50 13.32 3.17 24.41
N SER E 51 12.90 3.83 23.34
CA SER E 51 12.32 5.16 23.49
C SER E 51 11.07 5.15 24.34
N TYR E 52 10.39 4.00 24.44
CA TYR E 52 9.21 3.94 25.28
C TYR E 52 9.54 4.26 26.72
N PHE E 53 10.65 3.74 27.24
CA PHE E 53 11.01 3.98 28.63
C PHE E 53 11.51 5.40 28.84
N HIS E 54 12.39 5.88 27.95
CA HIS E 54 12.89 7.25 28.08
C HIS E 54 11.77 8.26 27.95
N SER E 55 10.63 7.84 27.39
CA SER E 55 9.45 8.69 27.47
C SER E 55 9.00 8.85 28.92
N ARG E 56 8.96 7.75 29.68
CA ARG E 56 8.37 7.80 31.01
C ARG E 56 9.36 8.15 32.11
N ILE E 57 10.65 8.26 31.80
CA ILE E 57 11.62 8.63 32.82
C ILE E 57 11.87 10.14 32.85
N VAL E 58 12.32 10.72 31.73
CA VAL E 58 12.91 12.05 31.77
C VAL E 58 11.93 13.10 32.27
N GLY E 59 10.64 12.80 32.25
CA GLY E 59 9.68 13.72 32.83
C GLY E 59 9.74 13.82 34.34
N GLN E 60 10.58 13.02 34.98
CA GLN E 60 10.70 13.04 36.43
C GLN E 60 12.18 13.08 36.80
N ALA E 61 12.48 13.84 37.85
CA ALA E 61 13.80 13.84 38.46
C ALA E 61 13.80 13.11 39.80
N ASP E 62 12.76 12.32 40.07
CA ASP E 62 12.65 11.62 41.33
C ASP E 62 13.81 10.62 41.48
N GLY E 63 14.32 10.49 42.70
CA GLY E 63 15.42 9.58 42.93
C GLY E 63 15.04 8.12 42.71
N GLU E 64 13.86 7.74 43.19
CA GLU E 64 13.32 6.40 42.97
C GLU E 64 12.17 6.50 41.98
N LEU E 65 12.15 5.56 41.02
CA LEU E 65 11.15 5.55 39.96
C LEU E 65 10.45 4.20 39.93
N ASN E 66 9.27 4.17 39.30
CA ASN E 66 8.53 2.94 39.12
C ASN E 66 7.91 2.95 37.74
N ILE E 67 7.93 1.79 37.07
CA ILE E 67 7.30 1.65 35.76
C ILE E 67 6.59 0.30 35.70
N THR E 68 5.41 0.29 35.09
CA THR E 68 4.74 -0.94 34.72
C THR E 68 4.67 -1.03 33.21
N LEU E 69 4.43 -2.24 32.70
CA LEU E 69 4.40 -2.53 31.28
C LEU E 69 3.07 -3.18 30.92
N PRO E 70 2.62 -3.07 29.67
CA PRO E 70 1.34 -3.65 29.30
C PRO E 70 1.32 -5.16 29.47
N GLU E 71 0.12 -5.68 29.74
CA GLU E 71 -0.07 -7.11 29.91
C GLU E 71 0.32 -7.89 28.65
N GLU E 72 0.36 -7.22 27.50
CA GLU E 72 0.72 -7.89 26.25
C GLU E 72 2.17 -8.35 26.25
N VAL E 73 3.09 -7.60 26.86
CA VAL E 73 4.50 -7.94 26.81
C VAL E 73 4.77 -9.11 27.75
N THR E 74 5.34 -10.18 27.22
CA THR E 74 5.49 -11.41 27.97
C THR E 74 6.78 -11.41 28.78
N VAL E 75 6.72 -12.02 29.97
CA VAL E 75 7.87 -12.08 30.85
C VAL E 75 8.97 -12.94 30.24
N LYS E 76 8.58 -14.03 29.58
CA LYS E 76 9.57 -14.93 29.00
C LYS E 76 10.43 -14.23 27.95
N GLY E 77 9.79 -13.44 27.08
CA GLY E 77 10.55 -12.65 26.13
C GLY E 77 11.15 -11.42 26.77
N PHE E 78 10.59 -10.97 27.88
CA PHE E 78 11.12 -9.79 28.55
C PHE E 78 12.46 -10.06 29.22
N GLU E 79 12.66 -11.26 29.75
CA GLU E 79 13.87 -11.54 30.52
C GLU E 79 15.15 -11.31 29.71
N PRO E 80 15.29 -11.83 28.48
CA PRO E 80 16.56 -11.63 27.76
C PRO E 80 16.82 -10.21 27.35
N LEU E 81 15.77 -9.38 27.29
CA LEU E 81 15.94 -8.01 26.78
C LEU E 81 16.84 -7.19 27.67
N ILE E 82 16.74 -7.38 28.99
CA ILE E 82 17.56 -6.60 29.90
C ILE E 82 19.03 -6.90 29.68
N GLN E 83 19.39 -8.18 29.56
CA GLN E 83 20.77 -8.54 29.24
C GLN E 83 21.17 -8.02 27.86
N PHE E 84 20.24 -8.02 26.92
CA PHE E 84 20.49 -7.33 25.64
C PHE E 84 20.90 -5.88 25.86
N ALA E 85 20.10 -5.14 26.62
CA ALA E 85 20.38 -3.73 26.82
C ALA E 85 21.71 -3.54 27.52
N TYR E 86 22.00 -4.37 28.50
CA TYR E 86 23.20 -4.18 29.31
C TYR E 86 24.48 -4.60 28.59
N THR E 87 24.43 -5.67 27.80
CA THR E 87 25.63 -6.19 27.15
C THR E 87 25.75 -5.79 25.69
N ALA E 88 24.69 -5.26 25.09
CA ALA E 88 24.64 -5.01 23.66
C ALA E 88 24.98 -6.29 22.88
N LYS E 89 24.40 -7.40 23.33
CA LYS E 89 24.73 -8.71 22.79
C LYS E 89 23.44 -9.41 22.38
N LEU E 90 23.54 -10.25 21.36
CA LEU E 90 22.39 -10.97 20.83
C LEU E 90 22.48 -12.45 21.21
N ILE E 91 21.48 -12.92 21.95
CA ILE E 91 21.32 -14.34 22.27
C ILE E 91 19.87 -14.72 22.00
N LEU E 92 19.67 -15.81 21.27
CA LEU E 92 18.33 -16.19 20.86
C LEU E 92 18.19 -17.70 20.82
N SER E 93 16.96 -18.17 20.95
CA SER E 93 16.62 -19.58 20.84
C SER E 93 15.43 -19.72 19.89
N LYS E 94 15.33 -20.90 19.26
CA LYS E 94 14.31 -21.10 18.25
C LYS E 94 12.90 -21.14 18.83
N GLU E 95 12.76 -21.31 20.14
CA GLU E 95 11.43 -21.37 20.75
C GLU E 95 10.83 -19.99 20.95
N ASN E 96 11.67 -18.96 21.06
CA ASN E 96 11.25 -17.60 21.44
C ASN E 96 11.73 -16.54 20.44
N VAL E 97 11.06 -16.45 19.29
CA VAL E 97 11.45 -15.52 18.24
C VAL E 97 10.31 -14.60 17.83
N ASP E 98 9.11 -15.14 17.68
CA ASP E 98 8.03 -14.40 17.01
C ASP E 98 7.73 -13.06 17.67
N GLU E 99 7.74 -13.01 19.01
CA GLU E 99 7.44 -11.77 19.70
C GLU E 99 8.53 -10.73 19.58
N VAL E 100 9.70 -11.09 19.04
CA VAL E 100 10.84 -10.17 18.93
C VAL E 100 11.17 -10.01 17.44
N CYS E 101 10.16 -10.10 16.59
CA CYS E 101 10.39 -10.24 15.15
C CYS E 101 10.33 -8.88 14.45
N LYS E 102 11.18 -7.95 14.90
CA LYS E 102 11.42 -6.74 14.12
C LYS E 102 12.87 -6.24 14.19
N CYS E 103 13.68 -6.79 15.09
CA CYS E 103 15.02 -6.35 15.50
C CYS E 103 14.99 -4.94 16.08
N VAL E 104 13.80 -4.34 16.16
CA VAL E 104 13.56 -3.21 17.05
C VAL E 104 12.77 -3.79 18.21
N GLU E 105 12.77 -5.12 18.27
CA GLU E 105 12.41 -6.00 19.38
C GLU E 105 10.93 -5.97 19.75
N PHE E 106 10.17 -5.03 19.17
CA PHE E 106 8.74 -5.20 18.96
C PHE E 106 7.99 -5.89 20.09
N LEU E 107 8.23 -5.50 21.34
CA LEU E 107 7.55 -6.14 22.47
C LEU E 107 6.11 -5.70 22.52
N SER E 108 5.28 -6.41 21.75
CA SER E 108 3.83 -6.28 21.76
C SER E 108 3.34 -5.00 21.10
N VAL E 109 3.28 -3.88 21.85
CA VAL E 109 2.43 -2.77 21.40
C VAL E 109 2.96 -2.14 20.10
N HIS E 110 4.25 -1.82 20.00
CA HIS E 110 5.39 -1.35 20.80
C HIS E 110 6.22 -0.40 19.94
N ASN E 111 5.53 0.42 19.14
CA ASN E 111 6.20 1.26 18.16
C ASN E 111 7.05 2.30 18.87
N ILE E 112 8.34 2.32 18.57
CA ILE E 112 9.27 3.18 19.27
C ILE E 112 9.05 4.62 18.83
N PRO F 2 21.88 51.87 66.14
CA PRO F 2 21.55 50.44 66.09
C PRO F 2 22.53 49.61 66.90
N SER F 3 22.39 49.63 68.22
CA SER F 3 23.29 48.85 69.08
C SER F 3 22.55 48.53 70.38
N ILE F 4 22.07 47.30 70.48
CA ILE F 4 21.56 46.81 71.76
C ILE F 4 22.74 46.58 72.70
N LYS F 5 22.49 46.73 74.00
CA LYS F 5 23.56 46.74 74.99
C LYS F 5 23.36 45.55 75.92
N LEU F 6 23.13 44.38 75.34
CA LEU F 6 22.83 43.15 76.06
C LEU F 6 23.83 42.89 77.18
N GLN F 7 23.31 42.65 78.38
CA GLN F 7 24.11 42.30 79.54
C GLN F 7 23.86 40.85 79.92
N SER F 8 24.94 40.15 80.27
CA SER F 8 24.85 38.73 80.58
C SER F 8 24.24 38.51 81.96
N SER F 9 24.15 37.24 82.37
CA SER F 9 23.50 36.90 83.64
C SER F 9 24.31 37.41 84.83
N ASP F 10 25.61 37.10 84.86
CA ASP F 10 26.45 37.49 85.98
C ASP F 10 26.98 38.91 85.84
N GLY F 11 26.83 39.53 84.68
CA GLY F 11 27.20 40.92 84.47
C GLY F 11 28.40 41.10 83.56
N GLU F 12 28.13 41.37 82.28
CA GLU F 12 29.16 41.76 81.33
C GLU F 12 28.47 42.35 80.11
N ILE F 13 28.82 43.59 79.78
CA ILE F 13 28.09 44.36 78.78
C ILE F 13 28.56 43.98 77.38
N PHE F 14 27.63 43.56 76.53
CA PHE F 14 27.93 43.06 75.19
C PHE F 14 27.22 43.94 74.15
N GLU F 15 27.92 44.95 73.64
CA GLU F 15 27.38 45.74 72.54
C GLU F 15 27.38 44.92 71.25
N VAL F 16 26.25 44.93 70.54
CA VAL F 16 26.11 44.25 69.26
C VAL F 16 25.40 45.19 68.28
N ASP F 17 25.65 44.97 66.99
CA ASP F 17 24.85 45.61 65.95
C ASP F 17 23.50 44.94 65.88
N VAL F 18 22.45 45.73 65.63
CA VAL F 18 21.13 45.12 65.67
C VAL F 18 20.82 44.60 64.27
N GLU F 19 21.54 43.56 63.86
CA GLU F 19 21.09 42.52 62.95
C GLU F 19 21.74 41.23 63.43
N ILE F 20 22.77 41.39 64.25
CA ILE F 20 23.49 40.24 64.79
C ILE F 20 22.70 39.60 65.91
N ALA F 21 22.18 40.40 66.83
CA ALA F 21 21.25 39.93 67.84
C ALA F 21 19.88 40.49 67.47
N LYS F 22 19.22 39.82 66.53
CA LYS F 22 17.82 40.07 66.17
C LYS F 22 17.20 38.69 65.98
N GLN F 23 16.70 38.12 67.07
CA GLN F 23 16.05 36.83 67.07
C GLN F 23 14.71 36.95 67.77
N SER F 24 13.83 36.00 67.49
CA SER F 24 12.39 36.20 67.65
C SER F 24 11.96 36.53 69.09
N THR F 25 12.80 36.60 70.12
CA THR F 25 12.40 37.15 71.41
C THR F 25 13.05 38.49 71.70
N ILE F 26 13.95 38.97 70.84
CA ILE F 26 14.55 40.29 70.95
C ILE F 26 14.09 41.09 69.74
N LYS F 27 13.87 40.40 68.63
CA LYS F 27 13.25 41.04 67.46
C LYS F 27 11.82 41.46 67.77
N THR F 28 11.08 40.61 68.48
CA THR F 28 9.70 40.94 68.84
C THR F 28 9.64 42.07 69.86
N MET F 29 10.60 42.09 70.80
CA MET F 29 10.60 43.11 71.84
C MET F 29 10.76 44.51 71.25
N LEU F 30 11.67 44.66 70.27
CA LEU F 30 11.88 45.96 69.66
C LEU F 30 10.72 46.38 68.77
N GLU F 31 9.95 45.43 68.25
CA GLU F 31 8.79 45.77 67.44
C GLU F 31 7.65 46.32 68.29
N ASP F 32 7.49 45.82 69.51
CA ASP F 32 6.42 46.23 70.40
C ASP F 32 6.82 47.34 71.36
N LEU F 33 8.10 47.68 71.42
CA LEU F 33 8.60 48.76 72.28
C LEU F 33 9.47 49.72 71.49
N GLY F 34 9.12 49.93 70.22
CA GLY F 34 9.86 50.85 69.37
C GLY F 34 9.09 52.11 69.04
N MET F 35 7.84 52.17 69.50
CA MET F 35 7.01 53.34 69.22
C MET F 35 7.42 54.55 70.05
N ASP F 36 7.78 54.34 71.31
CA ASP F 36 8.11 55.42 72.22
C ASP F 36 9.61 55.74 72.18
N ASP F 37 10.03 56.63 73.06
CA ASP F 37 11.43 57.02 73.13
C ASP F 37 12.26 55.91 73.77
N GLU F 38 13.50 55.77 73.29
CA GLU F 38 14.40 54.76 73.85
C GLU F 38 14.85 55.15 75.24
N GLY F 39 15.28 54.14 76.01
CA GLY F 39 15.72 54.36 77.37
C GLY F 39 17.19 54.68 77.50
N ASP F 40 17.69 55.59 76.65
CA ASP F 40 19.08 56.02 76.66
C ASP F 40 20.05 54.83 76.52
N ASP F 41 19.68 53.86 75.68
CA ASP F 41 20.52 52.70 75.40
C ASP F 41 20.90 51.97 76.69
N ASP F 42 19.90 51.68 77.50
CA ASP F 42 20.12 50.93 78.74
C ASP F 42 20.47 49.48 78.43
N PRO F 43 21.17 48.80 79.34
CA PRO F 43 21.42 47.37 79.17
C PRO F 43 20.16 46.54 79.29
N VAL F 44 20.05 45.48 78.49
CA VAL F 44 18.91 44.57 78.57
C VAL F 44 19.42 43.27 79.18
N PRO F 45 19.37 43.11 80.50
CA PRO F 45 19.91 41.90 81.12
C PRO F 45 19.18 40.64 80.66
N LEU F 46 19.93 39.56 80.53
CA LEU F 46 19.38 38.25 80.18
C LEU F 46 19.60 37.32 81.37
N PRO F 47 18.61 37.14 82.24
CA PRO F 47 18.85 36.41 83.51
C PRO F 47 19.07 34.92 83.33
N ASN F 48 18.90 34.35 82.14
CA ASN F 48 19.04 32.92 81.94
C ASN F 48 20.19 32.57 80.99
N VAL F 49 21.06 33.53 80.67
CA VAL F 49 22.19 33.31 79.80
C VAL F 49 23.43 33.96 80.42
N ASN F 50 24.43 33.15 80.73
CA ASN F 50 25.62 33.64 81.43
C ASN F 50 26.61 34.24 80.42
N ALA F 51 27.79 34.63 80.90
CA ALA F 51 28.73 35.41 80.11
C ALA F 51 29.69 34.56 79.30
N ALA F 52 29.75 33.26 79.53
CA ALA F 52 30.57 32.36 78.73
C ALA F 52 29.79 31.72 77.60
N ILE F 53 28.48 31.58 77.76
CA ILE F 53 27.63 31.05 76.68
C ILE F 53 27.19 32.16 75.74
N LEU F 54 26.91 33.36 76.26
CA LEU F 54 26.52 34.48 75.41
C LEU F 54 27.63 34.88 74.46
N LYS F 55 28.89 34.59 74.78
CA LYS F 55 29.98 34.86 73.86
C LYS F 55 29.86 34.02 72.60
N LYS F 56 29.56 32.74 72.76
CA LYS F 56 29.42 31.86 71.60
C LYS F 56 28.15 32.15 70.80
N VAL F 57 27.08 32.57 71.49
CA VAL F 57 25.83 32.87 70.79
C VAL F 57 26.03 34.03 69.81
N ILE F 58 26.81 35.03 70.19
CA ILE F 58 27.10 36.12 69.28
C ILE F 58 28.17 35.74 68.26
N GLN F 59 29.03 34.76 68.59
CA GLN F 59 29.95 34.23 67.59
C GLN F 59 29.21 33.47 66.49
N TRP F 60 28.18 32.70 66.85
CA TRP F 60 27.41 31.95 65.86
C TRP F 60 26.53 32.87 65.02
N CYS F 61 25.90 33.85 65.66
CA CYS F 61 25.02 34.78 64.94
C CYS F 61 25.79 35.76 64.07
N THR F 62 27.06 36.03 64.38
CA THR F 62 27.85 36.94 63.57
C THR F 62 28.12 36.36 62.19
N HIS F 63 28.50 35.08 62.13
CA HIS F 63 28.80 34.44 60.85
C HIS F 63 27.56 34.41 59.96
N HIS F 64 26.43 34.02 60.52
CA HIS F 64 25.22 33.76 59.76
C HIS F 64 24.36 35.00 59.54
N LYS F 65 24.97 36.18 59.53
CA LYS F 65 24.23 37.43 59.32
C LYS F 65 23.48 37.43 58.00
N ASP F 83 23.57 20.06 55.79
CA ASP F 83 23.37 19.35 57.04
C ASP F 83 24.61 19.40 57.91
N ILE F 84 24.57 20.25 58.94
CA ILE F 84 25.66 20.46 59.88
C ILE F 84 26.92 20.80 59.09
N PRO F 85 27.03 22.03 58.55
CA PRO F 85 28.19 22.35 57.69
C PRO F 85 29.53 22.32 58.41
N VAL F 86 30.59 22.59 57.66
CA VAL F 86 31.95 22.46 58.20
C VAL F 86 32.19 23.41 59.35
N TRP F 87 31.77 24.68 59.20
CA TRP F 87 31.97 25.65 60.27
C TRP F 87 31.19 25.25 61.53
N ASP F 88 29.96 24.76 61.35
CA ASP F 88 29.14 24.33 62.47
C ASP F 88 29.59 23.00 63.05
N GLN F 89 30.37 22.20 62.31
CA GLN F 89 30.95 20.98 62.87
C GLN F 89 32.13 21.28 63.77
N GLU F 90 32.94 22.29 63.43
CA GLU F 90 34.09 22.65 64.24
C GLU F 90 33.75 23.64 65.34
N PHE F 91 32.68 24.43 65.19
CA PHE F 91 32.25 25.29 66.28
C PHE F 91 31.63 24.48 67.41
N LEU F 92 30.82 23.47 67.07
CA LEU F 92 30.22 22.61 68.07
C LEU F 92 31.19 21.50 68.48
N LYS F 93 32.42 21.88 68.82
CA LYS F 93 33.44 20.94 69.27
C LYS F 93 33.81 21.26 70.72
N VAL F 94 32.78 21.50 71.53
CA VAL F 94 32.95 21.93 72.90
C VAL F 94 32.65 20.76 73.84
N ASP F 95 32.90 20.97 75.13
CA ASP F 95 32.56 19.98 76.14
C ASP F 95 31.06 19.73 76.15
N GLN F 96 30.68 18.54 76.62
CA GLN F 96 29.26 18.22 76.76
C GLN F 96 28.58 19.17 77.74
N GLY F 97 29.34 19.76 78.67
CA GLY F 97 28.78 20.77 79.55
C GLY F 97 28.69 22.14 78.93
N THR F 98 29.60 22.47 78.00
CA THR F 98 29.43 23.67 77.21
C THR F 98 28.32 23.51 76.19
N LEU F 99 28.14 22.29 75.67
CA LEU F 99 26.89 21.91 75.04
C LEU F 99 25.84 21.76 76.13
N PHE F 100 24.61 21.45 75.73
CA PHE F 100 23.45 21.29 76.62
C PHE F 100 23.09 22.61 77.29
N GLU F 101 23.82 23.69 77.03
CA GLU F 101 23.50 25.03 77.50
C GLU F 101 23.45 25.98 76.33
N LEU F 102 24.08 25.61 75.22
CA LEU F 102 23.78 26.24 73.95
C LEU F 102 22.41 25.80 73.45
N ILE F 103 21.96 24.62 73.87
CA ILE F 103 20.61 24.18 73.58
C ILE F 103 19.60 25.04 74.35
N LEU F 104 19.90 25.31 75.62
CA LEU F 104 18.99 26.08 76.47
C LEU F 104 19.04 27.57 76.15
N ALA F 105 20.21 28.10 75.75
CA ALA F 105 20.34 29.52 75.44
C ALA F 105 19.84 29.87 74.05
N ALA F 106 19.64 28.87 73.18
CA ALA F 106 18.96 29.10 71.92
C ALA F 106 17.46 28.84 71.99
N ASN F 107 17.02 28.07 72.98
CA ASN F 107 15.60 27.92 73.30
C ASN F 107 15.07 29.12 74.07
N TYR F 108 15.89 29.69 74.95
CA TYR F 108 15.48 30.86 75.72
C TYR F 108 15.30 32.08 74.82
N LEU F 109 16.27 32.34 73.95
CA LEU F 109 16.22 33.49 73.06
C LEU F 109 15.57 33.17 71.72
N ASP F 110 15.15 31.92 71.51
CA ASP F 110 14.47 31.49 70.29
C ASP F 110 15.29 31.82 69.04
N ILE F 111 16.46 31.20 68.95
CA ILE F 111 17.30 31.27 67.77
C ILE F 111 17.01 29.99 66.99
N LYS F 112 16.14 30.11 65.99
CA LYS F 112 15.61 28.95 65.29
C LYS F 112 16.69 28.18 64.53
N GLY F 113 17.80 28.82 64.20
CA GLY F 113 18.82 28.17 63.41
C GLY F 113 19.92 27.55 64.26
N LEU F 114 19.95 27.86 65.54
CA LEU F 114 20.93 27.30 66.45
C LEU F 114 20.40 26.08 67.21
N LEU F 115 19.08 25.97 67.36
CA LEU F 115 18.50 24.74 67.86
C LEU F 115 18.60 23.59 66.88
N ASP F 116 18.46 23.87 65.58
CA ASP F 116 18.51 22.83 64.57
C ASP F 116 19.90 22.20 64.51
N VAL F 117 20.94 23.02 64.37
CA VAL F 117 22.28 22.52 64.10
C VAL F 117 22.89 21.96 65.38
N THR F 118 22.23 22.16 66.52
CA THR F 118 22.70 21.65 67.79
C THR F 118 21.96 20.41 68.26
N CYS F 119 20.66 20.31 67.95
CA CYS F 119 19.91 19.11 68.28
C CYS F 119 20.19 17.96 67.32
N LYS F 120 20.78 18.24 66.16
CA LYS F 120 21.30 17.18 65.31
C LYS F 120 22.57 16.57 65.91
N THR F 121 23.45 17.42 66.45
CA THR F 121 24.70 16.94 67.02
C THR F 121 24.45 16.00 68.18
N VAL F 122 23.52 16.36 69.08
CA VAL F 122 23.19 15.47 70.18
C VAL F 122 22.51 14.20 69.67
N ALA F 123 21.84 14.28 68.52
CA ALA F 123 21.27 13.11 67.88
C ALA F 123 22.28 12.34 67.04
N ASN F 124 23.43 12.95 66.71
CA ASN F 124 24.48 12.29 65.97
C ASN F 124 25.37 11.41 66.85
N MET F 125 25.21 11.47 68.16
CA MET F 125 25.87 10.56 69.08
C MET F 125 24.86 9.70 69.82
N ILE F 126 23.66 9.59 69.26
CA ILE F 126 22.64 8.64 69.69
C ILE F 126 22.44 7.69 68.52
N LYS F 127 22.80 8.15 67.32
CA LYS F 127 22.47 7.46 66.09
C LYS F 127 23.45 6.33 65.82
N GLY F 128 22.94 5.11 65.72
CA GLY F 128 23.75 3.96 65.38
C GLY F 128 24.84 3.62 66.39
N LYS F 129 24.49 3.52 67.67
CA LYS F 129 25.49 3.22 68.68
C LYS F 129 25.05 2.17 69.72
N THR F 130 23.90 1.52 69.53
CA THR F 130 23.38 0.48 70.43
C THR F 130 23.09 1.03 71.83
N PRO F 131 22.23 0.37 72.61
CA PRO F 131 21.86 0.94 73.91
C PRO F 131 23.02 1.13 74.88
N GLU F 132 24.00 0.24 74.89
CA GLU F 132 24.98 0.23 75.98
C GLU F 132 25.87 1.48 75.96
N GLU F 133 26.49 1.80 74.83
CA GLU F 133 27.40 2.93 74.85
C GLU F 133 26.66 4.25 74.64
N ILE F 134 25.40 4.21 74.22
CA ILE F 134 24.54 5.39 74.36
C ILE F 134 24.31 5.69 75.84
N ARG F 135 24.02 4.66 76.62
CA ARG F 135 23.85 4.82 78.05
C ARG F 135 25.13 5.26 78.72
N LYS F 136 26.28 4.82 78.19
CA LYS F 136 27.57 5.24 78.74
C LYS F 136 27.91 6.67 78.34
N THR F 137 27.54 7.10 77.13
CA THR F 137 27.93 8.41 76.63
C THR F 137 27.31 9.54 77.43
N PHE F 138 26.04 9.41 77.81
CA PHE F 138 25.31 10.47 78.49
C PHE F 138 25.15 10.21 79.98
N ASN F 139 25.89 9.25 80.52
CA ASN F 139 25.87 8.92 81.96
C ASN F 139 24.45 8.59 82.42
N ILE F 140 23.68 7.92 81.58
CA ILE F 140 22.30 7.56 81.94
C ILE F 140 22.34 6.35 82.85
N LYS F 141 21.80 6.49 84.06
CA LYS F 141 21.68 5.35 84.95
C LYS F 141 20.55 4.44 84.46
N ASN F 142 20.82 3.14 84.44
CA ASN F 142 19.85 2.19 83.90
C ASN F 142 18.69 2.03 84.87
N ASP F 143 17.70 2.92 84.76
CA ASP F 143 16.48 2.83 85.56
C ASP F 143 15.51 1.84 84.91
N PHE F 144 16.04 0.64 84.64
CA PHE F 144 15.36 -0.34 83.83
C PHE F 144 15.66 -1.73 84.36
N THR F 145 14.62 -2.49 84.64
CA THR F 145 14.78 -3.83 85.17
C THR F 145 14.98 -4.82 84.02
N GLU F 146 14.96 -6.12 84.33
CA GLU F 146 15.15 -7.16 83.33
C GLU F 146 13.91 -8.01 83.09
N GLU F 147 12.99 -8.06 84.06
CA GLU F 147 11.77 -8.84 83.86
C GLU F 147 10.88 -8.22 82.81
N GLU F 148 10.83 -6.89 82.74
CA GLU F 148 10.01 -6.19 81.76
C GLU F 148 10.79 -5.80 80.51
N GLU F 149 12.04 -6.23 80.39
CA GLU F 149 12.76 -6.04 79.14
C GLU F 149 12.34 -7.04 78.07
N ALA F 150 11.88 -8.23 78.47
CA ALA F 150 11.44 -9.23 77.50
C ALA F 150 10.16 -8.81 76.80
N GLN F 151 9.33 -7.98 77.43
CA GLN F 151 8.09 -7.51 76.80
C GLN F 151 8.29 -6.26 75.96
N VAL F 152 9.31 -5.44 76.26
CA VAL F 152 9.57 -4.25 75.46
C VAL F 152 10.33 -4.58 74.18
N ARG F 153 11.09 -5.67 74.16
CA ARG F 153 11.76 -6.12 72.95
C ARG F 153 10.86 -6.96 72.05
N LYS F 154 9.75 -7.46 72.57
CA LYS F 154 8.75 -8.15 71.77
C LYS F 154 7.68 -7.19 71.25
N GLU F 155 7.54 -6.01 71.84
CA GLU F 155 6.58 -5.03 71.36
C GLU F 155 7.09 -4.29 70.13
N ASN F 156 8.41 -4.17 69.98
CA ASN F 156 9.04 -3.57 68.81
C ASN F 156 9.75 -4.63 67.97
N GLN F 157 9.14 -5.82 67.86
CA GLN F 157 9.71 -6.88 67.05
C GLN F 157 9.78 -6.48 65.59
N TRP F 158 8.78 -5.76 65.10
CA TRP F 158 8.73 -5.32 63.70
C TRP F 158 9.84 -4.29 63.48
N CYS F 159 10.88 -4.70 62.77
CA CYS F 159 12.02 -3.82 62.51
C CYS F 159 11.63 -2.67 61.59
N LEU G 5 2.47 29.00 90.27
CA LEU G 5 3.40 29.54 91.26
C LEU G 5 3.05 30.99 91.59
N ASP G 6 2.68 31.24 92.85
CA ASP G 6 2.32 32.59 93.26
C ASP G 6 3.54 33.50 93.39
N GLN G 7 4.70 32.93 93.73
CA GLN G 7 5.93 33.72 93.76
C GLN G 7 6.20 34.35 92.40
N ILE G 8 5.86 33.66 91.32
CA ILE G 8 5.93 34.25 89.99
C ILE G 8 4.73 35.15 89.73
N TRP G 9 3.53 34.67 90.07
CA TRP G 9 2.31 35.32 89.62
C TRP G 9 2.09 36.69 90.24
N ASP G 10 2.56 36.92 91.47
CA ASP G 10 2.40 38.24 92.06
C ASP G 10 3.04 39.31 91.19
N ASP G 11 4.32 39.12 90.88
CA ASP G 11 5.03 40.10 90.04
C ASP G 11 4.58 40.03 88.59
N LEU G 12 4.18 38.85 88.10
CA LEU G 12 3.67 38.75 86.75
C LEU G 12 2.40 39.58 86.57
N ARG G 13 1.47 39.48 87.51
CA ARG G 13 0.27 40.29 87.46
C ARG G 13 0.61 41.76 87.66
N ALA G 14 1.54 42.08 88.56
CA ALA G 14 1.93 43.47 88.76
C ALA G 14 2.58 44.07 87.53
N GLY G 15 3.13 43.26 86.63
CA GLY G 15 3.68 43.78 85.40
C GLY G 15 2.67 43.83 84.27
N ILE G 16 1.76 42.85 84.23
CA ILE G 16 0.72 42.83 83.20
C ILE G 16 -0.27 43.97 83.42
N GLN G 17 -0.57 44.30 84.69
CA GLN G 17 -1.46 45.40 84.99
C GLN G 17 -0.91 46.75 84.54
N GLN G 18 0.41 46.85 84.39
CA GLN G 18 1.03 48.09 83.93
C GLN G 18 1.42 48.01 82.47
N VAL G 19 1.36 46.83 81.86
CA VAL G 19 1.36 46.74 80.40
C VAL G 19 0.10 47.38 79.85
N TYR G 20 -1.03 47.19 80.52
CA TYR G 20 -2.32 47.66 80.03
C TYR G 20 -2.59 49.12 80.36
N THR G 21 -1.96 49.67 81.40
CA THR G 21 -1.90 51.10 81.64
C THR G 21 -0.60 51.58 81.01
N ARG G 22 -0.70 52.19 79.83
CA ARG G 22 0.44 52.31 78.94
C ARG G 22 1.45 53.32 79.48
N GLN G 23 2.17 52.92 80.53
CA GLN G 23 3.18 53.76 81.17
C GLN G 23 4.53 53.75 80.45
N SER G 24 4.73 52.81 79.53
CA SER G 24 5.94 52.74 78.72
C SER G 24 7.19 52.58 79.58
N MET G 25 7.27 51.46 80.29
CA MET G 25 8.45 51.15 81.07
C MET G 25 9.53 50.55 80.16
N ALA G 26 10.74 50.47 80.69
CA ALA G 26 11.93 50.20 79.87
C ALA G 26 11.97 48.72 79.46
N LYS G 27 13.06 48.35 78.78
CA LYS G 27 13.26 47.00 78.28
C LYS G 27 13.88 46.07 79.30
N SER G 28 14.35 46.58 80.43
CA SER G 28 14.87 45.73 81.49
C SER G 28 13.77 45.03 82.28
N ARG G 29 12.54 45.52 82.17
CA ARG G 29 11.36 44.92 82.79
C ARG G 29 10.57 44.04 81.84
N TYR G 30 10.39 44.46 80.60
CA TYR G 30 9.62 43.63 79.69
C TYR G 30 10.41 42.48 79.12
N MET G 31 11.66 42.34 79.59
CA MET G 31 12.42 41.11 79.44
C MET G 31 12.49 40.31 80.73
N GLU G 32 12.20 40.95 81.87
CA GLU G 32 12.09 40.25 83.14
C GLU G 32 10.72 39.60 83.31
N LEU G 33 9.70 40.08 82.60
CA LEU G 33 8.40 39.43 82.61
C LEU G 33 8.34 38.23 81.68
N TYR G 34 9.05 38.28 80.56
CA TYR G 34 9.18 37.11 79.69
C TYR G 34 9.89 35.98 80.42
N THR G 35 10.86 36.33 81.26
CA THR G 35 11.60 35.32 82.01
C THR G 35 10.70 34.61 83.01
N HIS G 36 9.71 35.30 83.58
CA HIS G 36 8.78 34.64 84.49
C HIS G 36 8.00 33.54 83.76
N VAL G 37 7.47 33.86 82.58
CA VAL G 37 6.72 32.86 81.81
C VAL G 37 7.63 31.71 81.40
N TYR G 38 8.84 32.03 80.92
CA TYR G 38 9.76 30.97 80.51
C TYR G 38 10.11 30.05 81.67
N ASN G 39 10.46 30.63 82.83
CA ASN G 39 10.84 29.83 83.99
C ASN G 39 9.67 28.99 84.50
N TYR G 40 8.46 29.54 84.51
CA TYR G 40 7.31 28.75 84.91
C TYR G 40 7.09 27.57 83.97
N CYS G 41 7.03 27.84 82.66
CA CYS G 41 6.68 26.79 81.70
C CYS G 41 7.70 25.65 81.74
N THR G 42 8.99 25.99 81.84
CA THR G 42 10.04 24.98 81.91
C THR G 42 10.45 24.77 83.38
N SER G 43 9.54 24.14 84.12
CA SER G 43 9.80 23.83 85.52
C SER G 43 9.38 22.41 85.86
N VAL G 72 4.18 22.64 82.52
CA VAL G 72 3.27 23.15 81.49
C VAL G 72 2.41 24.27 82.06
N GLY G 73 1.72 24.99 81.18
CA GLY G 73 1.06 26.22 81.57
C GLY G 73 -0.45 26.29 81.44
N LEU G 74 -1.15 25.22 81.83
CA LEU G 74 -2.61 25.25 81.75
C LEU G 74 -3.19 26.27 82.72
N GLU G 75 -2.77 26.23 83.98
CA GLU G 75 -3.31 27.17 84.96
C GLU G 75 -2.80 28.59 84.71
N LEU G 76 -1.62 28.74 84.10
CA LEU G 76 -1.20 30.07 83.66
C LEU G 76 -2.17 30.62 82.63
N TYR G 77 -2.60 29.80 81.68
CA TYR G 77 -3.61 30.21 80.71
C TYR G 77 -4.91 30.59 81.41
N LYS G 78 -5.30 29.81 82.42
CA LYS G 78 -6.52 30.14 83.17
C LYS G 78 -6.39 31.49 83.88
N ARG G 79 -5.24 31.75 84.49
CA ARG G 79 -5.04 33.03 85.18
C ARG G 79 -5.08 34.19 84.19
N LEU G 80 -4.46 34.03 83.02
CA LEU G 80 -4.50 35.10 82.03
C LEU G 80 -5.91 35.35 81.55
N LYS G 81 -6.67 34.28 81.29
CA LYS G 81 -8.06 34.43 80.84
C LYS G 81 -8.90 35.13 81.90
N GLU G 82 -8.76 34.73 83.17
CA GLU G 82 -9.49 35.36 84.25
C GLU G 82 -9.11 36.83 84.40
N PHE G 83 -7.82 37.14 84.28
CA PHE G 83 -7.38 38.53 84.35
C PHE G 83 -8.02 39.37 83.27
N LEU G 84 -8.01 38.88 82.02
CA LEU G 84 -8.60 39.64 80.93
C LEU G 84 -10.10 39.84 81.13
N LYS G 85 -10.80 38.79 81.55
CA LYS G 85 -12.24 38.90 81.75
C LYS G 85 -12.57 39.93 82.84
N ASN G 86 -11.87 39.87 83.97
CA ASN G 86 -12.13 40.83 85.04
C ASN G 86 -11.75 42.24 84.61
N TYR G 87 -10.64 42.39 83.89
CA TYR G 87 -10.21 43.70 83.42
C TYR G 87 -11.27 44.34 82.55
N LEU G 88 -11.81 43.58 81.59
CA LEU G 88 -12.86 44.14 80.74
C LEU G 88 -14.14 44.42 81.52
N THR G 89 -14.52 43.51 82.42
CA THR G 89 -15.74 43.71 83.20
C THR G 89 -15.67 44.98 84.03
N ASN G 90 -14.51 45.26 84.64
CA ASN G 90 -14.37 46.48 85.42
C ASN G 90 -14.21 47.71 84.53
N LEU G 91 -13.54 47.56 83.38
CA LEU G 91 -13.38 48.67 82.45
C LEU G 91 -14.73 49.15 81.93
N LEU G 92 -15.66 48.23 81.72
CA LEU G 92 -16.86 48.51 80.96
C LEU G 92 -18.01 49.03 81.82
N LYS G 93 -17.80 49.18 83.13
CA LYS G 93 -18.77 49.90 83.94
C LYS G 93 -18.69 51.39 83.69
N ASP G 94 -17.56 51.87 83.19
CA ASP G 94 -17.42 53.21 82.64
C ASP G 94 -17.77 53.20 81.17
N GLY G 95 -18.06 54.37 80.64
CA GLY G 95 -18.35 54.53 79.23
C GLY G 95 -19.66 53.93 78.76
N GLU G 96 -20.32 53.11 79.57
CA GLU G 96 -21.66 52.63 79.24
C GLU G 96 -22.66 53.75 79.52
N ASP G 97 -23.87 53.60 78.94
CA ASP G 97 -25.00 54.54 78.98
C ASP G 97 -24.58 56.01 78.84
N LEU G 98 -23.57 56.26 78.00
CA LEU G 98 -23.24 57.59 77.48
C LEU G 98 -23.38 57.48 75.97
N MET G 99 -24.61 57.63 75.47
CA MET G 99 -25.01 56.99 74.22
C MET G 99 -24.45 57.66 72.96
N ASP G 100 -24.84 58.90 72.70
CA ASP G 100 -24.65 59.47 71.36
C ASP G 100 -23.31 60.21 71.25
N GLU G 101 -22.49 59.81 70.28
CA GLU G 101 -21.26 60.52 69.91
C GLU G 101 -20.25 60.44 71.07
N SER G 102 -20.65 59.78 72.16
CA SER G 102 -19.79 59.57 73.31
C SER G 102 -19.44 58.11 73.53
N VAL G 103 -20.24 57.18 73.02
CA VAL G 103 -19.79 55.79 72.95
C VAL G 103 -18.72 55.67 71.87
N LEU G 104 -18.72 56.58 70.89
CA LEU G 104 -17.72 56.53 69.83
C LEU G 104 -16.33 56.82 70.37
N LYS G 105 -16.17 57.91 71.12
CA LYS G 105 -14.88 58.26 71.69
C LYS G 105 -14.39 57.14 72.60
N PHE G 106 -15.24 56.75 73.55
CA PHE G 106 -14.96 55.64 74.46
C PHE G 106 -14.49 54.40 73.70
N TYR G 107 -15.32 53.91 72.79
CA TYR G 107 -15.04 52.64 72.13
C TYR G 107 -13.75 52.72 71.33
N THR G 108 -13.55 53.79 70.56
CA THR G 108 -12.36 53.89 69.73
C THR G 108 -11.09 53.94 70.59
N GLN G 109 -11.09 54.80 71.61
CA GLN G 109 -9.90 54.96 72.43
C GLN G 109 -9.57 53.67 73.18
N GLN G 110 -10.58 53.08 73.84
CA GLN G 110 -10.33 51.86 74.60
C GLN G 110 -9.93 50.72 73.68
N TRP G 111 -10.50 50.66 72.47
CA TRP G 111 -10.14 49.60 71.53
C TRP G 111 -8.69 49.70 71.09
N GLU G 112 -8.22 50.90 70.74
CA GLU G 112 -6.84 51.01 70.31
C GLU G 112 -5.88 50.71 71.46
N ASP G 113 -6.18 51.22 72.67
CA ASP G 113 -5.33 50.91 73.81
C ASP G 113 -5.27 49.41 74.09
N TYR G 114 -6.44 48.76 74.10
CA TYR G 114 -6.52 47.33 74.37
C TYR G 114 -5.77 46.53 73.33
N ARG G 115 -5.92 46.90 72.05
CA ARG G 115 -5.27 46.15 70.98
C ARG G 115 -3.74 46.26 71.07
N PHE G 116 -3.22 47.46 71.32
CA PHE G 116 -1.77 47.61 71.45
C PHE G 116 -1.24 46.83 72.65
N SER G 117 -1.89 46.98 73.81
CA SER G 117 -1.39 46.29 75.00
C SER G 117 -1.53 44.79 74.87
N SER G 118 -2.52 44.31 74.12
CA SER G 118 -2.66 42.87 73.91
C SER G 118 -1.60 42.32 72.97
N LYS G 119 -1.20 43.10 71.96
CA LYS G 119 -0.05 42.70 71.15
C LYS G 119 1.21 42.61 72.01
N VAL G 120 1.41 43.57 72.91
CA VAL G 120 2.58 43.51 73.80
C VAL G 120 2.52 42.27 74.69
N LEU G 121 1.35 41.97 75.25
CA LEU G 121 1.22 40.81 76.13
C LEU G 121 1.45 39.51 75.36
N ASN G 122 1.00 39.44 74.11
CA ASN G 122 1.29 38.27 73.29
C ASN G 122 2.80 38.13 73.06
N GLY G 123 3.48 39.25 72.79
CA GLY G 123 4.93 39.20 72.68
C GLY G 123 5.58 38.65 73.93
N ILE G 124 5.05 39.03 75.10
CA ILE G 124 5.58 38.49 76.35
C ILE G 124 5.31 36.98 76.47
N CYS G 125 4.09 36.55 76.16
CA CYS G 125 3.68 35.16 76.35
C CYS G 125 3.97 34.27 75.13
N ALA G 126 4.87 34.73 74.26
CA ALA G 126 5.26 33.95 73.08
C ALA G 126 5.69 32.51 73.39
N TYR G 127 6.33 32.27 74.54
CA TYR G 127 6.75 30.89 74.84
C TYR G 127 5.55 29.98 75.10
N LEU G 128 4.61 30.44 75.91
CA LEU G 128 3.39 29.67 76.14
C LEU G 128 2.64 29.48 74.83
N ASN G 129 2.65 30.49 73.97
CA ASN G 129 2.03 30.35 72.66
C ASN G 129 2.70 29.27 71.82
N ARG G 130 4.04 29.29 71.75
CA ARG G 130 4.74 28.41 70.83
C ARG G 130 4.75 26.96 71.29
N HIS G 131 4.86 26.70 72.60
CA HIS G 131 5.09 25.32 73.02
C HIS G 131 3.88 24.64 73.65
N TRP G 132 3.10 25.33 74.50
CA TRP G 132 1.96 24.68 75.12
C TRP G 132 0.71 24.77 74.24
N VAL G 133 0.36 25.98 73.78
CA VAL G 133 -0.85 26.15 72.98
C VAL G 133 -0.76 25.39 71.66
N ARG G 134 0.39 25.50 70.98
CA ARG G 134 0.55 24.81 69.71
C ARG G 134 0.45 23.30 69.87
N ARG G 135 1.11 22.76 70.89
CA ARG G 135 1.01 21.33 71.17
C ARG G 135 -0.37 20.95 71.71
N GLU G 136 -1.09 21.88 72.29
CA GLU G 136 -2.40 21.58 72.87
C GLU G 136 -3.52 21.63 71.83
N CYS G 137 -3.47 22.58 70.90
CA CYS G 137 -4.56 22.64 69.92
C CYS G 137 -4.40 21.53 68.90
N ASP G 138 -3.44 21.68 67.98
CA ASP G 138 -2.82 20.63 67.18
C ASP G 138 -3.82 19.68 66.50
N GLU G 139 -5.11 19.92 66.72
CA GLU G 139 -6.18 19.12 66.12
C GLU G 139 -7.37 19.97 65.69
N GLY G 140 -7.43 21.24 66.07
CA GLY G 140 -8.67 22.00 66.01
C GLY G 140 -9.44 22.05 67.31
N ARG G 141 -8.84 21.60 68.42
CA ARG G 141 -9.50 21.64 69.71
C ARG G 141 -9.88 23.07 70.09
N LYS G 142 -11.12 23.24 70.53
CA LYS G 142 -11.66 24.55 70.83
C LYS G 142 -11.46 24.91 72.30
N GLY G 143 -11.57 26.21 72.58
CA GLY G 143 -11.43 26.72 73.93
C GLY G 143 -10.03 27.10 74.34
N ILE G 144 -9.03 26.88 73.49
CA ILE G 144 -7.65 27.21 73.79
C ILE G 144 -7.07 27.93 72.59
N TYR G 145 -6.69 29.19 72.77
CA TYR G 145 -6.21 30.04 71.70
C TYR G 145 -4.88 30.65 72.10
N GLU G 146 -4.24 31.34 71.15
CA GLU G 146 -3.12 32.18 71.47
C GLU G 146 -3.61 33.39 72.27
N ILE G 147 -2.65 34.10 72.89
CA ILE G 147 -3.03 35.18 73.80
C ILE G 147 -3.72 36.31 73.06
N TYR G 148 -3.25 36.62 71.85
CA TYR G 148 -3.90 37.68 71.07
C TYR G 148 -5.31 37.28 70.68
N SER G 149 -5.51 36.04 70.24
CA SER G 149 -6.85 35.58 69.90
C SER G 149 -7.73 35.47 71.14
N LEU G 150 -7.14 35.07 72.27
CA LEU G 150 -7.89 35.02 73.52
C LEU G 150 -8.40 36.40 73.91
N ALA G 151 -7.53 37.41 73.82
CA ALA G 151 -7.94 38.78 74.14
C ALA G 151 -8.96 39.29 73.13
N LEU G 152 -8.82 38.90 71.85
CA LEU G 152 -9.81 39.31 70.86
C LEU G 152 -11.17 38.70 71.14
N VAL G 153 -11.21 37.44 71.58
CA VAL G 153 -12.48 36.81 71.94
C VAL G 153 -13.09 37.49 73.16
N THR G 154 -12.26 37.81 74.15
CA THR G 154 -12.76 38.49 75.33
C THR G 154 -13.33 39.87 74.98
N TRP G 155 -12.64 40.60 74.09
CA TRP G 155 -13.18 41.89 73.68
C TRP G 155 -14.40 41.73 72.78
N ARG G 156 -14.52 40.61 72.07
CA ARG G 156 -15.76 40.38 71.32
C ARG G 156 -16.93 40.15 72.26
N ASP G 157 -16.70 39.45 73.38
CA ASP G 157 -17.73 39.38 74.41
C ASP G 157 -17.92 40.71 75.13
N CYS G 158 -16.96 41.63 74.99
CA CYS G 158 -17.21 43.03 75.31
C CYS G 158 -18.14 43.69 74.29
N LEU G 159 -17.96 43.34 73.01
CA LEU G 159 -18.89 43.79 71.98
C LEU G 159 -20.23 43.07 72.10
N PHE G 160 -20.20 41.78 72.45
CA PHE G 160 -21.45 41.04 72.64
C PHE G 160 -22.09 41.50 73.93
N ARG G 161 -22.54 42.75 73.93
CA ARG G 161 -22.96 43.50 75.10
C ARG G 161 -23.54 44.82 74.61
N PRO G 162 -24.34 45.52 75.44
CA PRO G 162 -24.91 46.80 75.00
C PRO G 162 -23.96 47.76 74.28
N LEU G 163 -22.64 47.59 74.43
CA LEU G 163 -21.74 48.42 73.63
C LEU G 163 -21.48 47.81 72.26
N ASN G 164 -22.55 47.45 71.56
CA ASN G 164 -22.50 47.23 70.13
C ASN G 164 -23.76 47.73 69.42
N LYS G 165 -24.77 48.18 70.16
CA LYS G 165 -25.98 48.71 69.57
C LYS G 165 -26.08 50.22 69.63
N GLN G 166 -25.58 50.86 70.69
CA GLN G 166 -25.58 52.32 70.72
C GLN G 166 -24.37 52.94 70.03
N VAL G 167 -23.24 52.21 69.95
CA VAL G 167 -22.17 52.66 69.08
C VAL G 167 -22.61 52.55 67.62
N THR G 168 -23.31 51.47 67.26
CA THR G 168 -23.82 51.34 65.90
C THR G 168 -24.93 52.37 65.63
N ASN G 169 -25.84 52.57 66.59
CA ASN G 169 -26.88 53.57 66.41
C ASN G 169 -26.29 54.97 66.26
N ALA G 170 -25.25 55.28 67.04
CA ALA G 170 -24.62 56.58 66.93
C ALA G 170 -23.81 56.72 65.65
N VAL G 171 -23.22 55.64 65.15
CA VAL G 171 -22.57 55.67 63.84
C VAL G 171 -23.60 55.96 62.76
N LEU G 172 -24.77 55.32 62.83
CA LEU G 172 -25.82 55.59 61.86
C LEU G 172 -26.31 57.03 61.96
N LYS G 173 -26.49 57.53 63.19
CA LYS G 173 -26.92 58.92 63.38
C LYS G 173 -25.86 59.91 62.92
N LEU G 174 -24.58 59.51 62.95
CA LEU G 174 -23.51 60.40 62.53
C LEU G 174 -23.37 60.39 61.01
N ILE G 175 -23.59 59.22 60.39
CA ILE G 175 -23.65 59.13 58.93
C ILE G 175 -24.89 59.85 58.41
N GLU G 176 -25.95 59.91 59.23
CA GLU G 176 -27.22 60.52 58.85
C GLU G 176 -27.13 62.04 58.76
N LYS G 177 -25.89 62.53 58.82
CA LYS G 177 -25.56 63.88 58.38
C LYS G 177 -25.24 63.93 56.89
N GLU G 178 -25.84 63.01 56.12
CA GLU G 178 -25.81 63.07 54.67
C GLU G 178 -26.34 64.40 54.15
N ARG G 179 -27.14 65.10 54.96
CA ARG G 179 -27.67 66.40 54.58
C ARG G 179 -26.62 67.49 54.69
N ASN G 180 -26.07 67.70 55.88
CA ASN G 180 -25.05 68.72 56.07
C ASN G 180 -24.23 68.43 57.34
N GLY G 181 -22.96 68.77 57.28
CA GLY G 181 -22.04 68.58 58.40
C GLY G 181 -20.63 68.34 57.92
N GLU G 182 -19.65 69.02 58.52
CA GLU G 182 -18.28 68.93 58.06
C GLU G 182 -17.29 68.49 59.12
N THR G 183 -17.53 68.79 60.39
CA THR G 183 -16.71 68.25 61.47
C THR G 183 -17.26 66.91 61.94
N ILE G 184 -17.47 66.02 60.97
CA ILE G 184 -18.09 64.73 61.26
C ILE G 184 -17.13 63.80 61.98
N ASN G 185 -15.83 64.09 61.95
CA ASN G 185 -14.81 63.26 62.61
C ASN G 185 -14.85 61.82 62.08
N THR G 186 -14.44 61.69 60.81
CA THR G 186 -14.48 60.38 60.15
C THR G 186 -13.72 59.33 60.96
N ARG G 187 -12.67 59.73 61.68
CA ARG G 187 -11.86 58.79 62.43
C ARG G 187 -12.66 58.08 63.52
N LEU G 188 -13.78 58.67 63.95
CA LEU G 188 -14.62 58.00 64.93
C LEU G 188 -15.35 56.81 64.33
N ILE G 189 -15.76 56.92 63.06
CA ILE G 189 -16.56 55.88 62.41
C ILE G 189 -15.64 54.81 61.87
N SER G 190 -14.65 55.20 61.07
CA SER G 190 -13.77 54.23 60.42
C SER G 190 -13.13 53.29 61.44
N GLY G 191 -12.62 53.84 62.55
CA GLY G 191 -12.03 52.99 63.57
C GLY G 191 -13.01 51.94 64.06
N VAL G 192 -14.26 52.35 64.33
CA VAL G 192 -15.28 51.39 64.73
C VAL G 192 -15.40 50.29 63.68
N VAL G 193 -15.46 50.67 62.40
CA VAL G 193 -15.53 49.69 61.34
C VAL G 193 -14.37 48.71 61.45
N GLN G 194 -13.17 49.25 61.67
CA GLN G 194 -11.99 48.41 61.77
C GLN G 194 -12.17 47.36 62.86
N SER G 195 -12.71 47.78 64.01
CA SER G 195 -12.93 46.84 65.10
C SER G 195 -13.81 45.68 64.62
N TYR G 196 -14.92 46.01 63.95
CA TYR G 196 -15.86 44.97 63.54
C TYR G 196 -15.25 44.03 62.52
N VAL G 197 -14.15 44.42 61.87
CA VAL G 197 -13.49 43.51 60.95
C VAL G 197 -12.44 42.66 61.67
N GLU G 198 -11.82 43.21 62.72
CA GLU G 198 -10.82 42.43 63.45
C GLU G 198 -11.46 41.34 64.28
N LEU G 199 -12.70 41.53 64.72
CA LEU G 199 -13.41 40.58 65.57
C LEU G 199 -14.11 39.49 64.78
N GLY G 200 -13.76 39.30 63.51
CA GLY G 200 -14.23 38.13 62.79
C GLY G 200 -13.70 36.85 63.42
N LEU G 201 -14.48 35.78 63.27
CA LEU G 201 -14.28 34.55 64.04
C LEU G 201 -12.83 34.10 64.06
N ASN G 202 -12.21 34.17 65.24
CA ASN G 202 -10.80 33.87 65.44
C ASN G 202 -10.57 32.46 65.98
N GLU G 203 -11.63 31.67 66.15
CA GLU G 203 -11.56 30.50 67.00
C GLU G 203 -11.05 29.26 66.29
N ASP G 204 -9.89 29.40 65.65
CA ASP G 204 -9.06 28.29 65.13
C ASP G 204 -9.91 27.21 64.46
N ASP G 205 -10.60 27.60 63.39
CA ASP G 205 -11.38 26.61 62.66
C ASP G 205 -10.44 25.67 61.91
N ALA G 206 -9.75 26.18 60.90
CA ALA G 206 -8.55 25.52 60.40
C ALA G 206 -7.39 26.48 60.22
N PHE G 207 -7.65 27.67 59.68
CA PHE G 207 -6.65 28.71 59.44
C PHE G 207 -7.32 29.94 58.84
N ALA G 208 -6.71 31.11 59.00
CA ALA G 208 -7.26 32.34 58.44
C ALA G 208 -7.08 32.33 56.92
N LYS G 209 -8.16 32.04 56.19
CA LYS G 209 -8.08 31.98 54.74
C LYS G 209 -8.00 33.37 54.13
N GLY G 210 -9.03 34.19 54.34
CA GLY G 210 -9.06 35.53 53.80
C GLY G 210 -9.77 36.50 54.72
N PRO G 211 -10.48 37.47 54.14
CA PRO G 211 -11.26 38.39 54.97
C PRO G 211 -12.31 37.66 55.78
N THR G 212 -12.56 38.16 56.98
CA THR G 212 -13.44 37.49 57.92
C THR G 212 -14.56 38.41 58.39
N LEU G 213 -15.21 39.09 57.46
CA LEU G 213 -16.26 40.07 57.79
C LEU G 213 -17.60 39.37 57.96
N THR G 214 -17.78 38.79 59.15
CA THR G 214 -19.06 38.28 59.59
C THR G 214 -19.71 39.20 60.61
N VAL G 215 -18.98 39.56 61.66
CA VAL G 215 -19.47 40.53 62.63
C VAL G 215 -19.71 41.87 61.95
N TYR G 216 -18.80 42.28 61.06
CA TYR G 216 -18.98 43.53 60.32
C TYR G 216 -20.33 43.56 59.61
N LYS G 217 -20.56 42.60 58.71
CA LYS G 217 -21.84 42.53 58.02
C LYS G 217 -23.00 42.53 59.01
N GLU G 218 -23.04 41.50 59.87
CA GLU G 218 -24.22 41.27 60.71
C GLU G 218 -24.54 42.45 61.61
N SER G 219 -23.53 43.15 62.11
CA SER G 219 -23.75 44.18 63.11
C SER G 219 -23.79 45.60 62.55
N PHE G 220 -23.25 45.84 61.36
CA PHE G 220 -23.26 47.19 60.81
C PHE G 220 -23.97 47.28 59.47
N GLU G 221 -23.66 46.37 58.54
CA GLU G 221 -23.97 46.63 57.13
C GLU G 221 -25.46 46.48 56.86
N SER G 222 -26.11 45.51 57.49
CA SER G 222 -27.54 45.34 57.30
C SER G 222 -28.31 46.59 57.74
N GLN G 223 -27.99 47.11 58.92
CA GLN G 223 -28.64 48.32 59.39
C GLN G 223 -28.29 49.53 58.54
N PHE G 224 -27.03 49.61 58.08
CA PHE G 224 -26.61 50.72 57.22
C PHE G 224 -27.44 50.74 55.93
N LEU G 225 -27.59 49.58 55.31
CA LEU G 225 -28.35 49.50 54.06
C LEU G 225 -29.83 49.78 54.29
N ALA G 226 -30.42 49.17 55.33
CA ALA G 226 -31.84 49.38 55.61
C ALA G 226 -32.14 50.80 56.05
N ASP G 227 -31.13 51.54 56.50
CA ASP G 227 -31.31 52.95 56.85
C ASP G 227 -31.16 53.86 55.64
N THR G 228 -30.17 53.57 54.78
CA THR G 228 -30.00 54.37 53.57
C THR G 228 -31.20 54.22 52.65
N GLU G 229 -31.81 53.02 52.59
CA GLU G 229 -33.00 52.84 51.77
C GLU G 229 -34.11 53.77 52.21
N ARG G 230 -34.39 53.81 53.52
CA ARG G 230 -35.46 54.67 54.03
C ARG G 230 -35.14 56.14 53.79
N PHE G 231 -33.89 56.54 54.06
CA PHE G 231 -33.51 57.93 53.86
C PHE G 231 -33.74 58.36 52.42
N TYR G 232 -33.26 57.56 51.46
CA TYR G 232 -33.35 57.95 50.07
C TYR G 232 -34.76 57.83 49.53
N THR G 233 -35.56 56.88 50.03
CA THR G 233 -36.98 56.84 49.65
C THR G 233 -37.69 58.12 50.05
N ARG G 234 -37.55 58.52 51.32
CA ARG G 234 -38.20 59.74 51.78
C ARG G 234 -37.70 60.96 51.03
N GLU G 235 -36.38 61.05 50.83
CA GLU G 235 -35.81 62.21 50.15
C GLU G 235 -36.27 62.29 48.70
N SER G 236 -36.31 61.15 48.00
CA SER G 236 -36.76 61.14 46.61
C SER G 236 -38.21 61.56 46.50
N THR G 237 -39.07 61.02 47.37
CA THR G 237 -40.48 61.40 47.32
C THR G 237 -40.65 62.90 47.58
N GLU G 238 -39.98 63.41 48.62
CA GLU G 238 -40.10 64.82 48.96
C GLU G 238 -39.61 65.70 47.82
N PHE G 239 -38.45 65.38 47.24
CA PHE G 239 -37.90 66.23 46.20
C PHE G 239 -38.74 66.19 44.94
N LEU G 240 -39.26 65.01 44.57
CA LEU G 240 -40.10 64.94 43.38
C LEU G 240 -41.42 65.67 43.58
N GLN G 241 -41.98 65.66 44.79
CA GLN G 241 -43.16 66.50 45.03
C GLN G 241 -42.81 67.97 45.18
N GLN G 242 -41.54 68.31 45.38
CA GLN G 242 -41.14 69.71 45.53
C GLN G 242 -40.59 70.33 44.25
N ASN G 243 -39.97 69.54 43.39
CA ASN G 243 -39.28 70.03 42.21
C ASN G 243 -39.66 69.17 41.01
N PRO G 244 -39.47 69.68 39.78
CA PRO G 244 -39.76 68.84 38.61
C PRO G 244 -38.65 67.85 38.30
N VAL G 245 -38.85 67.03 37.27
CA VAL G 245 -37.97 65.89 37.03
C VAL G 245 -36.66 66.29 36.35
N THR G 246 -36.62 67.46 35.71
CA THR G 246 -35.45 67.80 34.89
C THR G 246 -34.17 67.90 35.71
N GLU G 247 -34.24 68.51 36.89
CA GLU G 247 -33.05 68.65 37.74
C GLU G 247 -33.10 67.75 38.97
N TYR G 248 -34.01 66.78 39.01
CA TYR G 248 -33.90 65.70 39.99
C TYR G 248 -32.82 64.70 39.59
N MET G 249 -32.56 64.58 38.29
CA MET G 249 -31.52 63.67 37.82
C MET G 249 -30.14 64.14 38.26
N LYS G 250 -29.92 65.45 38.26
CA LYS G 250 -28.68 66.00 38.79
C LYS G 250 -28.46 65.55 40.22
N LYS G 251 -29.50 65.68 41.05
CA LYS G 251 -29.42 65.29 42.45
C LYS G 251 -29.19 63.80 42.60
N ALA G 252 -29.87 62.98 41.79
CA ALA G 252 -29.68 61.54 41.87
C ALA G 252 -28.25 61.16 41.52
N GLU G 253 -27.68 61.75 40.47
CA GLU G 253 -26.30 61.44 40.12
C GLU G 253 -25.33 61.92 41.19
N ALA G 254 -25.57 63.11 41.73
CA ALA G 254 -24.69 63.63 42.79
C ALA G 254 -24.73 62.73 44.02
N ARG G 255 -25.92 62.27 44.41
CA ARG G 255 -26.04 61.39 45.57
C ARG G 255 -25.40 60.04 45.31
N LEU G 256 -25.51 59.52 44.09
CA LEU G 256 -24.82 58.27 43.77
C LEU G 256 -23.31 58.43 43.88
N LEU G 257 -22.78 59.53 43.37
CA LEU G 257 -21.34 59.79 43.50
C LEU G 257 -20.95 59.95 44.97
N GLU G 258 -21.77 60.63 45.75
CA GLU G 258 -21.48 60.82 47.17
C GLU G 258 -21.45 59.49 47.91
N GLU G 259 -22.41 58.61 47.64
CA GLU G 259 -22.43 57.29 48.27
C GLU G 259 -21.23 56.45 47.82
N GLN G 260 -20.84 56.58 46.55
CA GLN G 260 -19.65 55.88 46.09
C GLN G 260 -18.40 56.35 46.83
N ARG G 261 -18.27 57.66 47.04
CA ARG G 261 -17.09 58.20 47.71
C ARG G 261 -17.10 57.89 49.19
N ARG G 262 -18.27 57.82 49.81
CA ARG G 262 -18.36 57.60 51.25
C ARG G 262 -17.78 56.24 51.65
N VAL G 263 -17.83 55.25 50.75
CA VAL G 263 -17.28 53.94 51.03
C VAL G 263 -15.76 53.95 51.02
N GLN G 264 -15.13 55.04 50.60
CA GLN G 264 -13.68 55.12 50.55
C GLN G 264 -13.08 55.92 51.69
N VAL G 265 -13.88 56.66 52.46
CA VAL G 265 -13.39 57.32 53.67
C VAL G 265 -13.88 56.63 54.93
N TYR G 266 -14.86 55.73 54.83
CA TYR G 266 -15.26 54.89 55.94
C TYR G 266 -14.89 53.48 55.50
N LEU G 267 -13.68 53.36 54.95
CA LEU G 267 -13.40 52.36 53.92
C LEU G 267 -13.51 50.93 54.40
N HIS G 268 -14.41 50.18 53.77
CA HIS G 268 -14.25 48.75 53.59
C HIS G 268 -14.58 48.42 52.14
N GLU G 269 -13.75 47.57 51.54
CA GLU G 269 -13.80 47.39 50.10
C GLU G 269 -15.10 46.73 49.66
N SER G 270 -15.60 45.75 50.42
CA SER G 270 -16.77 44.98 50.01
C SER G 270 -18.02 45.58 50.66
N THR G 271 -18.38 46.78 50.22
CA THR G 271 -19.72 47.33 50.42
C THR G 271 -20.21 48.06 49.18
N GLN G 272 -19.32 48.39 48.24
CA GLN G 272 -19.67 49.29 47.14
C GLN G 272 -20.74 48.70 46.24
N ASP G 273 -20.63 47.41 45.91
CA ASP G 273 -21.60 46.79 45.02
C ASP G 273 -23.00 46.82 45.61
N GLU G 274 -23.13 46.36 46.86
CA GLU G 274 -24.45 46.28 47.48
C GLU G 274 -25.05 47.66 47.73
N LEU G 275 -24.23 48.62 48.19
CA LEU G 275 -24.71 49.97 48.40
C LEU G 275 -25.14 50.61 47.09
N ALA G 276 -24.37 50.39 46.03
CA ALA G 276 -24.74 50.93 44.72
C ALA G 276 -26.05 50.32 44.24
N ARG G 277 -26.24 49.02 44.45
CA ARG G 277 -27.48 48.39 44.01
C ARG G 277 -28.68 48.92 44.79
N LYS G 278 -28.52 49.12 46.10
CA LYS G 278 -29.58 49.75 46.90
C LYS G 278 -29.89 51.14 46.37
N CYS G 279 -28.85 51.95 46.14
CA CYS G 279 -29.06 53.34 45.73
C CYS G 279 -29.71 53.42 44.35
N GLU G 280 -29.29 52.57 43.42
CA GLU G 280 -29.90 52.57 42.10
C GLU G 280 -31.34 52.06 42.15
N GLN G 281 -31.62 51.06 42.98
CA GLN G 281 -32.99 50.55 43.05
C GLN G 281 -33.92 51.54 43.74
N VAL G 282 -33.40 52.39 44.62
CA VAL G 282 -34.25 53.35 45.32
C VAL G 282 -34.39 54.66 44.53
N LEU G 283 -33.28 55.24 44.10
CA LEU G 283 -33.33 56.53 43.41
C LEU G 283 -33.94 56.38 42.01
N ILE G 284 -33.52 55.34 41.28
CA ILE G 284 -34.08 55.03 39.97
C ILE G 284 -34.78 53.70 40.15
N GLU G 285 -35.43 53.18 39.10
CA GLU G 285 -36.16 51.91 39.10
C GLU G 285 -37.40 51.99 39.98
N LYS G 286 -37.65 53.11 40.65
CA LYS G 286 -38.88 53.36 41.37
C LYS G 286 -39.63 54.56 40.84
N HIS G 287 -38.97 55.42 40.06
CA HIS G 287 -39.60 56.55 39.39
C HIS G 287 -39.44 56.46 37.88
N LEU G 288 -39.47 55.24 37.34
CA LEU G 288 -39.34 55.05 35.89
C LEU G 288 -40.60 55.51 35.16
N GLU G 289 -41.76 55.36 35.80
CA GLU G 289 -43.02 55.68 35.14
C GLU G 289 -43.09 57.17 34.78
N ILE G 290 -42.57 58.03 35.65
CA ILE G 290 -42.47 59.45 35.32
C ILE G 290 -41.26 59.73 34.43
N PHE G 291 -40.22 58.89 34.49
CA PHE G 291 -39.10 59.04 33.56
C PHE G 291 -39.55 58.91 32.12
N HIS G 292 -40.48 58.00 31.85
CA HIS G 292 -40.95 57.82 30.47
C HIS G 292 -41.68 59.06 29.96
N THR G 293 -42.59 59.61 30.76
CA THR G 293 -43.30 60.82 30.35
C THR G 293 -42.35 62.00 30.20
N GLU G 294 -41.39 62.13 31.11
CA GLU G 294 -40.40 63.19 30.97
C GLU G 294 -39.54 62.97 29.73
N PHE G 295 -39.26 61.72 29.37
CA PHE G 295 -38.54 61.43 28.14
C PHE G 295 -39.31 61.93 26.93
N GLN G 296 -40.62 61.65 26.87
CA GLN G 296 -41.41 62.14 25.75
C GLN G 296 -41.42 63.67 25.71
N ASN G 297 -41.60 64.31 26.86
CA ASN G 297 -41.63 65.77 26.89
C ASN G 297 -40.28 66.38 26.55
N LEU G 298 -39.19 65.69 26.88
CA LEU G 298 -37.85 66.16 26.52
C LEU G 298 -37.59 65.97 25.04
N LEU G 299 -38.16 64.91 24.46
CA LEU G 299 -38.05 64.72 23.01
C LEU G 299 -38.80 65.81 22.25
N ASP G 300 -39.99 66.19 22.75
CA ASP G 300 -40.78 67.19 22.05
C ASP G 300 -40.04 68.50 21.91
N ALA G 301 -39.49 69.02 23.00
CA ALA G 301 -38.68 70.23 23.01
C ALA G 301 -37.23 69.82 23.24
N ASP G 302 -36.41 69.92 22.20
CA ASP G 302 -35.15 69.19 22.20
C ASP G 302 -34.15 69.74 23.21
N LYS G 303 -34.09 69.08 24.37
CA LYS G 303 -33.08 69.33 25.39
C LYS G 303 -32.13 68.15 25.36
N ASN G 304 -31.04 68.29 24.62
CA ASN G 304 -30.15 67.16 24.36
C ASN G 304 -29.19 66.89 25.51
N GLU G 305 -29.15 67.76 26.51
CA GLU G 305 -28.28 67.53 27.66
C GLU G 305 -28.99 66.71 28.73
N ASP G 306 -30.31 66.85 28.86
CA ASP G 306 -31.05 66.07 29.84
C ASP G 306 -31.23 64.63 29.39
N LEU G 307 -31.29 64.39 28.07
CA LEU G 307 -31.46 63.04 27.57
C LEU G 307 -30.25 62.17 27.84
N GLY G 308 -29.05 62.76 27.82
CA GLY G 308 -27.87 61.98 28.20
C GLY G 308 -27.90 61.55 29.65
N ARG G 309 -28.32 62.47 30.54
CA ARG G 309 -28.47 62.13 31.95
C ARG G 309 -29.49 61.02 32.14
N MET G 310 -30.63 61.13 31.45
CA MET G 310 -31.64 60.08 31.56
C MET G 310 -31.11 58.75 31.03
N TYR G 311 -30.38 58.78 29.92
CA TYR G 311 -29.83 57.54 29.36
C TYR G 311 -28.87 56.89 30.35
N ASN G 312 -28.00 57.68 30.97
CA ASN G 312 -27.09 57.11 31.96
C ASN G 312 -27.84 56.53 33.15
N LEU G 313 -28.83 57.27 33.67
CA LEU G 313 -29.56 56.81 34.85
C LEU G 313 -30.33 55.52 34.57
N VAL G 314 -31.00 55.44 33.42
CA VAL G 314 -31.77 54.24 33.11
C VAL G 314 -30.87 53.11 32.61
N SER G 315 -29.67 53.41 32.10
CA SER G 315 -28.75 52.37 31.72
C SER G 315 -28.04 51.75 32.91
N ARG G 316 -27.95 52.48 34.03
CA ARG G 316 -27.48 51.85 35.27
C ARG G 316 -28.38 50.67 35.65
N ILE G 317 -29.68 50.76 35.34
CA ILE G 317 -30.59 49.64 35.57
C ILE G 317 -30.31 48.53 34.57
N GLN G 318 -30.66 47.30 34.96
CA GLN G 318 -30.68 46.16 34.06
C GLN G 318 -32.04 46.09 33.38
N ASP G 319 -32.04 46.13 32.04
CA ASP G 319 -33.25 46.02 31.23
C ASP G 319 -34.26 47.11 31.59
N GLY G 320 -33.87 48.36 31.34
CA GLY G 320 -34.73 49.49 31.65
C GLY G 320 -34.95 50.43 30.48
N LEU G 321 -34.15 50.30 29.43
CA LEU G 321 -34.21 51.19 28.28
C LEU G 321 -35.29 50.81 27.27
N GLY G 322 -36.13 49.81 27.59
CA GLY G 322 -37.05 49.28 26.59
C GLY G 322 -38.08 50.30 26.13
N GLU G 323 -38.70 51.02 27.07
CA GLU G 323 -39.75 51.96 26.67
C GLU G 323 -39.18 53.23 26.06
N LEU G 324 -38.02 53.67 26.52
CA LEU G 324 -37.35 54.81 25.89
C LEU G 324 -36.98 54.47 24.45
N LYS G 325 -36.49 53.25 24.22
CA LYS G 325 -36.05 52.83 22.90
C LYS G 325 -37.20 52.72 21.91
N LYS G 326 -38.43 52.60 22.39
CA LYS G 326 -39.62 52.59 21.55
C LYS G 326 -40.23 53.98 21.38
N LEU G 327 -40.21 54.80 22.44
CA LEU G 327 -40.67 56.17 22.33
C LEU G 327 -39.82 56.95 21.34
N LEU G 328 -38.51 56.71 21.34
CA LEU G 328 -37.63 57.36 20.38
C LEU G 328 -38.04 57.04 18.95
N GLU G 329 -38.24 55.75 18.66
CA GLU G 329 -38.60 55.35 17.31
C GLU G 329 -39.93 55.93 16.89
N THR G 330 -40.93 55.88 17.78
CA THR G 330 -42.24 56.45 17.44
C THR G 330 -42.14 57.95 17.18
N HIS G 331 -41.41 58.66 18.04
CA HIS G 331 -41.28 60.11 17.89
C HIS G 331 -40.60 60.47 16.58
N ILE G 332 -39.51 59.78 16.25
CA ILE G 332 -38.77 60.15 15.05
C ILE G 332 -39.53 59.75 13.79
N HIS G 333 -40.31 58.66 13.84
CA HIS G 333 -41.15 58.32 12.71
C HIS G 333 -42.21 59.39 12.47
N ASN G 334 -42.92 59.79 13.54
CA ASN G 334 -43.90 60.85 13.39
C ASN G 334 -43.26 62.17 12.95
N GLN G 335 -42.02 62.41 13.36
CA GLN G 335 -41.36 63.66 12.97
C GLN G 335 -41.01 63.66 11.49
N GLY G 336 -40.50 62.55 10.97
CA GLY G 336 -40.27 62.45 9.54
C GLY G 336 -41.55 62.58 8.73
N LEU G 337 -42.61 61.90 9.19
CA LEU G 337 -43.90 62.03 8.52
C LEU G 337 -44.40 63.47 8.55
N ALA G 338 -44.25 64.14 9.70
CA ALA G 338 -44.71 65.52 9.82
C ALA G 338 -43.94 66.44 8.89
N ALA G 339 -42.62 66.25 8.77
CA ALA G 339 -41.84 67.04 7.83
C ALA G 339 -42.32 66.83 6.40
N ILE G 340 -42.59 65.57 6.03
CA ILE G 340 -43.03 65.30 4.66
C ILE G 340 -44.41 65.89 4.40
N GLU G 341 -45.31 65.83 5.39
CA GLU G 341 -46.59 66.52 5.26
C GLU G 341 -46.44 68.03 5.14
N LYS G 342 -45.53 68.61 5.93
CA LYS G 342 -45.30 70.05 5.85
C LYS G 342 -44.82 70.43 4.45
N CYS G 343 -44.03 69.56 3.82
CA CYS G 343 -43.81 69.70 2.39
C CYS G 343 -45.08 69.41 1.60
N GLY G 344 -45.56 68.16 1.67
CA GLY G 344 -46.89 67.79 1.22
C GLY G 344 -47.10 67.50 -0.25
N GLU G 345 -47.19 68.54 -1.08
CA GLU G 345 -47.61 68.37 -2.47
C GLU G 345 -46.60 68.85 -3.51
N ALA G 346 -45.65 69.71 -3.13
CA ALA G 346 -44.64 70.18 -4.07
C ALA G 346 -43.49 69.19 -4.22
N ALA G 347 -43.60 67.99 -3.67
CA ALA G 347 -42.55 66.98 -3.76
C ALA G 347 -42.82 65.90 -4.79
N LEU G 348 -44.01 65.89 -5.40
CA LEU G 348 -44.28 64.91 -6.45
C LEU G 348 -43.34 65.10 -7.63
N ASN G 349 -43.12 66.35 -8.03
CA ASN G 349 -42.39 66.66 -9.24
C ASN G 349 -41.06 67.37 -8.97
N ASP G 350 -40.53 67.28 -7.75
CA ASP G 350 -39.23 67.85 -7.41
C ASP G 350 -38.55 66.91 -6.43
N PRO G 351 -37.71 65.98 -6.90
CA PRO G 351 -37.13 64.97 -6.00
C PRO G 351 -36.05 65.52 -5.07
N LYS G 352 -35.39 66.61 -5.43
CA LYS G 352 -34.28 67.13 -4.64
C LYS G 352 -34.69 67.42 -3.20
N MET G 353 -35.75 68.21 -3.02
CA MET G 353 -36.11 68.63 -1.67
C MET G 353 -36.86 67.55 -0.90
N TYR G 354 -37.49 66.60 -1.58
CA TYR G 354 -38.02 65.41 -0.91
C TYR G 354 -36.89 64.59 -0.30
N VAL G 355 -35.86 64.28 -1.10
CA VAL G 355 -34.73 63.53 -0.59
C VAL G 355 -34.01 64.32 0.49
N GLN G 356 -33.95 65.64 0.33
CA GLN G 356 -33.29 66.47 1.34
C GLN G 356 -34.06 66.53 2.65
N THR G 357 -35.40 66.52 2.60
CA THR G 357 -36.18 66.42 3.83
C THR G 357 -35.89 65.12 4.55
N VAL G 358 -35.91 64.00 3.81
CA VAL G 358 -35.61 62.70 4.42
C VAL G 358 -34.22 62.73 5.05
N LEU G 359 -33.25 63.29 4.33
CA LEU G 359 -31.87 63.31 4.82
C LEU G 359 -31.71 64.23 6.03
N ASP G 360 -32.43 65.35 6.06
CA ASP G 360 -32.36 66.25 7.19
C ASP G 360 -32.87 65.57 8.46
N VAL G 361 -34.02 64.90 8.36
CA VAL G 361 -34.56 64.18 9.52
C VAL G 361 -33.57 63.11 9.97
N HIS G 362 -33.06 62.33 9.00
CA HIS G 362 -32.14 61.26 9.34
C HIS G 362 -30.87 61.77 10.00
N LYS G 363 -30.29 62.85 9.48
CA LYS G 363 -29.04 63.35 10.05
C LYS G 363 -29.26 63.95 11.42
N LYS G 364 -30.37 64.67 11.63
CA LYS G 364 -30.64 65.22 12.94
C LYS G 364 -30.73 64.12 13.98
N TYR G 365 -31.56 63.09 13.72
CA TYR G 365 -31.72 62.08 14.76
C TYR G 365 -30.55 61.11 14.83
N ASN G 366 -29.77 60.96 13.76
CA ASN G 366 -28.53 60.18 13.86
C ASN G 366 -27.52 60.89 14.76
N ALA G 367 -27.37 62.20 14.60
CA ALA G 367 -26.49 62.95 15.49
C ALA G 367 -26.98 62.88 16.93
N LEU G 368 -28.30 62.99 17.13
CA LEU G 368 -28.85 62.86 18.47
C LEU G 368 -28.53 61.50 19.08
N VAL G 369 -28.71 60.43 18.30
CA VAL G 369 -28.44 59.09 18.82
C VAL G 369 -26.96 58.92 19.14
N MET G 370 -26.07 59.40 18.26
CA MET G 370 -24.64 59.23 18.52
C MET G 370 -24.18 60.01 19.74
N SER G 371 -24.66 61.24 19.91
CA SER G 371 -24.18 62.07 21.00
C SER G 371 -24.86 61.71 22.33
N ALA G 372 -26.19 61.85 22.38
CA ALA G 372 -26.90 61.69 23.64
C ALA G 372 -26.99 60.24 24.09
N PHE G 373 -27.19 59.31 23.17
CA PHE G 373 -27.46 57.92 23.50
C PHE G 373 -26.23 57.02 23.37
N ASN G 374 -25.04 57.60 23.27
CA ASN G 374 -23.77 56.87 23.33
C ASN G 374 -23.64 55.82 22.22
N ASN G 375 -24.31 56.02 21.09
CA ASN G 375 -24.21 55.13 19.94
C ASN G 375 -24.56 53.68 20.30
N ASP G 376 -25.61 53.53 21.11
CA ASP G 376 -26.07 52.20 21.48
C ASP G 376 -26.63 51.47 20.26
N ALA G 377 -26.59 50.14 20.32
CA ALA G 377 -27.05 49.34 19.19
C ALA G 377 -28.56 49.42 19.03
N GLY G 378 -29.31 49.29 20.12
CA GLY G 378 -30.76 49.33 20.05
C GLY G 378 -31.30 50.68 19.58
N PHE G 379 -30.63 51.76 19.96
CA PHE G 379 -31.12 53.09 19.58
C PHE G 379 -30.88 53.35 18.09
N VAL G 380 -29.73 52.93 17.57
CA VAL G 380 -29.50 53.00 16.13
C VAL G 380 -30.47 52.08 15.39
N ALA G 381 -30.80 50.93 15.99
CA ALA G 381 -31.79 50.05 15.39
C ALA G 381 -33.16 50.73 15.30
N ALA G 382 -33.56 51.43 16.37
CA ALA G 382 -34.81 52.17 16.33
C ALA G 382 -34.79 53.26 15.27
N LEU G 383 -33.66 53.97 15.16
CA LEU G 383 -33.49 54.95 14.09
C LEU G 383 -33.71 54.31 12.72
N ASP G 384 -33.05 53.17 12.49
CA ASP G 384 -33.15 52.51 11.19
C ASP G 384 -34.57 52.07 10.89
N LYS G 385 -35.25 51.46 11.87
CA LYS G 385 -36.61 50.97 11.64
C LYS G 385 -37.56 52.12 11.36
N ALA G 386 -37.50 53.20 12.15
CA ALA G 386 -38.39 54.33 11.92
C ALA G 386 -38.10 55.01 10.58
N CYS G 387 -36.83 55.11 10.21
CA CYS G 387 -36.48 55.76 8.95
C CYS G 387 -36.97 54.94 7.77
N GLY G 388 -36.75 53.63 7.81
CA GLY G 388 -37.28 52.76 6.77
C GLY G 388 -38.79 52.73 6.74
N ARG G 389 -39.43 52.98 7.89
CA ARG G 389 -40.88 53.02 7.91
C ARG G 389 -41.41 54.29 7.24
N PHE G 390 -40.82 55.45 7.53
CA PHE G 390 -41.41 56.67 6.97
C PHE G 390 -40.88 57.01 5.58
N ILE G 391 -39.84 56.32 5.09
CA ILE G 391 -39.40 56.57 3.72
C ILE G 391 -40.35 55.92 2.72
N ASN G 392 -40.76 54.68 2.98
CA ASN G 392 -41.51 53.90 2.00
C ASN G 392 -42.99 54.22 1.95
N ASN G 393 -43.53 54.93 2.95
CA ASN G 393 -44.96 55.26 2.98
C ASN G 393 -45.11 56.60 3.68
N ASN G 394 -45.42 57.63 2.90
CA ASN G 394 -45.50 59.00 3.41
C ASN G 394 -46.55 59.75 2.60
N ALA G 395 -46.50 61.09 2.66
CA ALA G 395 -47.52 61.91 2.03
C ALA G 395 -47.54 61.74 0.50
N VAL G 396 -46.39 61.86 -0.15
CA VAL G 396 -46.37 61.77 -1.60
C VAL G 396 -46.65 60.35 -2.06
N THR G 397 -46.18 59.36 -1.30
CA THR G 397 -46.47 57.97 -1.64
C THR G 397 -47.97 57.69 -1.59
N LYS G 398 -48.64 58.17 -0.53
CA LYS G 398 -50.08 58.02 -0.44
C LYS G 398 -50.78 58.78 -1.55
N MET G 399 -50.31 59.99 -1.86
CA MET G 399 -50.96 60.83 -2.85
C MET G 399 -50.86 60.20 -4.24
N ALA G 400 -49.73 59.58 -4.56
CA ALA G 400 -49.57 58.85 -5.81
C ALA G 400 -50.08 57.42 -5.73
N GLN G 401 -50.45 56.95 -4.54
CA GLN G 401 -50.98 55.60 -4.33
C GLN G 401 -50.05 54.54 -4.90
N SER G 402 -48.75 54.72 -4.66
CA SER G 402 -47.74 53.77 -5.14
C SER G 402 -46.48 53.95 -4.32
N SER G 403 -46.06 52.90 -3.61
CA SER G 403 -44.81 52.97 -2.88
C SER G 403 -43.62 53.13 -3.81
N SER G 404 -43.74 52.70 -5.06
CA SER G 404 -42.66 52.86 -6.03
C SER G 404 -42.42 54.32 -6.39
N LYS G 405 -43.30 55.23 -5.98
CA LYS G 405 -43.03 56.65 -6.14
C LYS G 405 -41.89 57.11 -5.25
N SER G 406 -41.56 56.32 -4.21
CA SER G 406 -40.45 56.71 -3.33
C SER G 406 -39.09 56.41 -3.96
N PRO G 407 -38.82 55.21 -4.51
CA PRO G 407 -37.53 54.99 -5.19
C PRO G 407 -37.42 55.74 -6.50
N GLU G 408 -38.51 55.79 -7.27
CA GLU G 408 -38.53 56.55 -8.52
C GLU G 408 -37.95 57.93 -8.35
N LEU G 409 -38.52 58.72 -7.43
CA LEU G 409 -38.00 60.06 -7.16
C LEU G 409 -36.51 60.00 -6.83
N LEU G 410 -36.11 59.07 -5.96
CA LEU G 410 -34.70 58.90 -5.65
C LEU G 410 -33.88 58.72 -6.93
N ALA G 411 -34.33 57.82 -7.80
CA ALA G 411 -33.64 57.62 -9.07
C ALA G 411 -33.54 58.93 -9.84
N ARG G 412 -34.65 59.68 -9.92
CA ARG G 412 -34.62 60.96 -10.60
C ARG G 412 -33.60 61.89 -9.97
N TYR G 413 -33.53 61.89 -8.64
CA TYR G 413 -32.54 62.70 -7.95
C TYR G 413 -31.14 62.35 -8.44
N CYS G 414 -30.85 61.05 -8.54
CA CYS G 414 -29.56 60.62 -9.07
C CYS G 414 -29.33 61.21 -10.46
N ASP G 415 -30.35 61.13 -11.32
CA ASP G 415 -30.23 61.72 -12.66
C ASP G 415 -29.90 63.20 -12.55
N SER G 416 -30.57 63.91 -11.64
CA SER G 416 -30.33 65.34 -11.51
C SER G 416 -28.89 65.62 -11.09
N LEU G 417 -28.27 64.69 -10.35
CA LEU G 417 -26.88 64.86 -9.95
C LEU G 417 -25.89 64.55 -11.07
N LEU G 418 -26.30 63.77 -12.07
CA LEU G 418 -25.36 63.22 -13.04
C LEU G 418 -25.59 63.70 -14.46
N LYS G 419 -26.35 64.77 -14.65
CA LYS G 419 -26.51 65.37 -15.96
C LYS G 419 -25.31 66.27 -16.25
N LYS G 420 -25.39 67.04 -17.33
CA LYS G 420 -24.32 67.98 -17.67
C LYS G 420 -24.88 69.38 -17.86
N GLU G 426 -15.90 70.31 -5.92
CA GLU G 426 -15.88 69.63 -7.20
C GLU G 426 -16.27 68.16 -7.04
N GLU G 427 -15.28 67.27 -7.15
CA GLU G 427 -15.55 65.84 -7.07
C GLU G 427 -15.95 65.43 -5.66
N ALA G 428 -15.33 66.04 -4.64
CA ALA G 428 -15.61 65.66 -3.26
C ALA G 428 -17.06 65.96 -2.87
N GLU G 429 -17.57 67.12 -3.28
CA GLU G 429 -18.95 67.48 -2.97
C GLU G 429 -19.93 66.51 -3.61
N LEU G 430 -19.70 66.17 -4.89
CA LEU G 430 -20.57 65.22 -5.57
C LEU G 430 -20.48 63.84 -4.94
N GLU G 431 -19.27 63.42 -4.53
CA GLU G 431 -19.11 62.12 -3.91
C GLU G 431 -19.85 62.05 -2.57
N ASP G 432 -19.78 63.13 -1.79
CA ASP G 432 -20.53 63.18 -0.54
C ASP G 432 -22.03 63.14 -0.80
N THR G 433 -22.49 63.86 -1.84
CA THR G 433 -23.92 63.84 -2.17
C THR G 433 -24.37 62.45 -2.57
N LEU G 434 -23.56 61.73 -3.35
CA LEU G 434 -23.93 60.37 -3.73
C LEU G 434 -23.84 59.41 -2.55
N ASN G 435 -22.94 59.65 -1.59
CA ASN G 435 -22.95 58.83 -0.38
C ASN G 435 -24.21 59.07 0.44
N GLN G 436 -24.70 60.31 0.46
CA GLN G 436 -25.99 60.59 1.08
C GLN G 436 -27.13 59.89 0.34
N VAL G 437 -27.05 59.88 -0.99
CA VAL G 437 -28.00 59.11 -1.78
C VAL G 437 -27.97 57.64 -1.38
N MET G 438 -26.77 57.11 -1.11
CA MET G 438 -26.65 55.73 -0.66
C MET G 438 -27.25 55.51 0.72
N VAL G 439 -27.07 56.47 1.64
CA VAL G 439 -27.63 56.26 2.98
C VAL G 439 -29.16 56.37 2.93
N VAL G 440 -29.70 57.07 1.93
CA VAL G 440 -31.13 56.98 1.68
C VAL G 440 -31.49 55.63 1.06
N PHE G 441 -30.70 55.17 0.09
CA PHE G 441 -31.04 53.98 -0.69
C PHE G 441 -31.00 52.72 0.14
N LYS G 442 -30.19 52.68 1.21
CA LYS G 442 -30.13 51.48 2.03
C LYS G 442 -31.45 51.18 2.72
N TYR G 443 -32.37 52.15 2.77
CA TYR G 443 -33.68 51.97 3.38
C TYR G 443 -34.76 51.64 2.36
N ILE G 444 -34.41 51.51 1.08
CA ILE G 444 -35.39 51.26 0.04
C ILE G 444 -35.67 49.76 -0.06
N GLU G 445 -36.95 49.40 0.07
CA GLU G 445 -37.36 48.00 -0.11
C GLU G 445 -37.73 47.66 -1.54
N ASP G 446 -38.12 48.66 -2.34
CA ASP G 446 -38.39 48.46 -3.76
C ASP G 446 -37.12 48.81 -4.56
N LYS G 447 -36.09 47.99 -4.37
CA LYS G 447 -34.81 48.25 -5.01
C LYS G 447 -34.85 47.97 -6.50
N ASP G 448 -35.68 47.03 -6.93
CA ASP G 448 -35.76 46.71 -8.36
C ASP G 448 -36.41 47.86 -9.14
N VAL G 449 -37.40 48.52 -8.54
CA VAL G 449 -38.04 49.66 -9.21
C VAL G 449 -37.02 50.77 -9.43
N PHE G 450 -36.29 51.13 -8.36
CA PHE G 450 -35.25 52.15 -8.49
C PHE G 450 -34.19 51.73 -9.48
N GLN G 451 -33.82 50.45 -9.48
CA GLN G 451 -32.75 50.00 -10.35
C GLN G 451 -33.17 50.03 -11.82
N LYS G 452 -34.43 49.69 -12.12
CA LYS G 452 -34.90 49.79 -13.49
C LYS G 452 -34.98 51.25 -13.94
N PHE G 453 -35.49 52.14 -13.07
CA PHE G 453 -35.52 53.56 -13.42
C PHE G 453 -34.11 54.08 -13.68
N TYR G 454 -33.16 53.74 -12.81
CA TYR G 454 -31.81 54.24 -12.95
C TYR G 454 -31.11 53.64 -14.17
N ALA G 455 -31.41 52.38 -14.51
CA ALA G 455 -30.85 51.79 -15.72
C ALA G 455 -31.37 52.50 -16.97
N LYS G 456 -32.67 52.78 -17.03
CA LYS G 456 -33.20 53.47 -18.20
C LYS G 456 -32.64 54.90 -18.30
N MET G 457 -32.49 55.58 -17.16
CA MET G 457 -31.95 56.93 -17.19
C MET G 457 -30.47 56.92 -17.55
N LEU G 458 -29.71 55.93 -17.06
CA LEU G 458 -28.31 55.81 -17.43
C LEU G 458 -28.16 55.51 -18.92
N ALA G 459 -29.05 54.68 -19.47
CA ALA G 459 -29.01 54.44 -20.91
C ALA G 459 -29.27 55.71 -21.69
N LYS G 460 -30.31 56.45 -21.31
CA LYS G 460 -30.62 57.71 -22.00
C LYS G 460 -29.46 58.69 -21.89
N ARG G 461 -28.77 58.69 -20.75
CA ARG G 461 -27.60 59.57 -20.60
C ARG G 461 -26.45 59.12 -21.48
N LEU G 462 -26.13 57.83 -21.46
CA LEU G 462 -24.92 57.34 -22.11
C LEU G 462 -25.05 57.29 -23.63
N VAL G 463 -26.28 57.24 -24.15
CA VAL G 463 -26.46 57.09 -25.60
C VAL G 463 -25.77 58.23 -26.35
N HIS G 464 -26.23 59.46 -26.14
CA HIS G 464 -25.79 60.57 -26.97
C HIS G 464 -24.84 61.53 -26.24
N GLN G 465 -25.29 62.13 -25.15
CA GLN G 465 -24.56 63.20 -24.49
C GLN G 465 -25.15 63.38 -23.10
N ASN G 466 -24.79 64.49 -22.43
CA ASN G 466 -25.33 64.86 -21.12
C ASN G 466 -24.91 63.85 -20.06
N SER G 467 -23.60 63.76 -19.84
CA SER G 467 -23.02 62.95 -18.79
C SER G 467 -21.92 63.74 -18.10
N ALA G 468 -21.89 63.66 -16.77
CA ALA G 468 -20.86 64.33 -15.99
C ALA G 468 -19.58 63.51 -16.04
N SER G 469 -18.62 63.83 -15.17
CA SER G 469 -17.37 63.09 -15.12
C SER G 469 -17.65 61.61 -14.88
N ASP G 470 -17.11 60.77 -15.77
CA ASP G 470 -17.35 59.33 -15.68
C ASP G 470 -16.73 58.71 -14.45
N ASP G 471 -15.84 59.42 -13.75
CA ASP G 471 -15.38 58.97 -12.45
C ASP G 471 -16.56 58.84 -11.48
N ALA G 472 -17.47 59.83 -11.50
CA ALA G 472 -18.66 59.77 -10.66
C ALA G 472 -19.56 58.60 -11.02
N GLU G 473 -19.74 58.33 -12.31
CA GLU G 473 -20.58 57.22 -12.73
C GLU G 473 -19.97 55.88 -12.33
N ALA G 474 -18.66 55.74 -12.50
CA ALA G 474 -17.99 54.51 -12.08
C ALA G 474 -18.07 54.33 -10.57
N SER G 475 -17.93 55.43 -9.82
CA SER G 475 -18.06 55.36 -8.36
C SER G 475 -19.47 54.97 -7.94
N MET G 476 -20.48 55.49 -8.64
CA MET G 476 -21.86 55.08 -8.39
C MET G 476 -22.06 53.60 -8.65
N ILE G 477 -21.48 53.09 -9.74
CA ILE G 477 -21.61 51.66 -10.04
C ILE G 477 -20.90 50.82 -8.98
N SER G 478 -19.74 51.31 -8.51
CA SER G 478 -19.03 50.60 -7.44
C SER G 478 -19.81 50.59 -6.14
N LYS G 479 -20.47 51.71 -5.82
CA LYS G 479 -21.28 51.77 -4.61
C LYS G 479 -22.48 50.82 -4.70
N LEU G 480 -23.11 50.76 -5.87
CA LEU G 480 -24.16 49.77 -6.09
C LEU G 480 -23.60 48.34 -6.00
N LYS G 481 -22.34 48.16 -6.41
CA LYS G 481 -21.69 46.85 -6.27
C LYS G 481 -21.59 46.46 -4.80
N GLN G 482 -21.05 47.35 -3.98
CA GLN G 482 -20.90 47.04 -2.55
C GLN G 482 -22.23 46.85 -1.86
N ALA G 483 -23.22 47.70 -2.19
CA ALA G 483 -24.50 47.63 -1.50
C ALA G 483 -25.33 46.44 -1.97
N CYS G 484 -25.67 46.41 -3.26
CA CYS G 484 -26.52 45.37 -3.81
C CYS G 484 -25.70 44.12 -4.13
N GLY G 485 -26.30 43.20 -4.87
CA GLY G 485 -25.65 41.96 -5.24
C GLY G 485 -24.59 42.13 -6.32
N PHE G 486 -24.46 41.12 -7.17
CA PHE G 486 -23.36 41.06 -8.13
C PHE G 486 -23.81 41.11 -9.58
N GLU G 487 -25.01 40.62 -9.90
CA GLU G 487 -25.41 40.48 -11.30
C GLU G 487 -25.84 41.81 -11.93
N TYR G 488 -26.64 42.60 -11.21
CA TYR G 488 -27.19 43.82 -11.81
C TYR G 488 -26.09 44.86 -12.06
N THR G 489 -25.20 45.04 -11.08
CA THR G 489 -24.08 45.94 -11.27
C THR G 489 -23.16 45.44 -12.38
N SER G 490 -23.07 44.13 -12.60
CA SER G 490 -22.33 43.63 -13.74
C SER G 490 -23.03 43.95 -15.05
N LYS G 491 -24.37 43.95 -15.06
CA LYS G 491 -25.11 44.42 -16.23
C LYS G 491 -24.76 45.87 -16.55
N LEU G 492 -24.77 46.72 -15.53
CA LEU G 492 -24.43 48.13 -15.73
C LEU G 492 -22.97 48.28 -16.20
N GLN G 493 -22.05 47.55 -15.58
CA GLN G 493 -20.66 47.60 -16.00
C GLN G 493 -20.51 47.08 -17.43
N ARG G 494 -21.36 46.14 -17.83
CA ARG G 494 -21.28 45.60 -19.18
C ARG G 494 -21.75 46.62 -20.21
N MET G 495 -22.77 47.42 -19.88
CA MET G 495 -23.14 48.47 -20.83
C MET G 495 -22.12 49.60 -20.86
N PHE G 496 -21.46 49.88 -19.73
CA PHE G 496 -20.31 50.79 -19.76
C PHE G 496 -19.20 50.24 -20.65
N GLN G 497 -18.91 48.94 -20.51
CA GLN G 497 -17.90 48.32 -21.37
C GLN G 497 -18.33 48.34 -22.84
N ASP G 498 -19.64 48.26 -23.09
CA ASP G 498 -20.13 48.35 -24.46
C ASP G 498 -19.87 49.73 -25.05
N ILE G 499 -20.14 50.79 -24.28
CA ILE G 499 -19.88 52.12 -24.81
C ILE G 499 -18.37 52.33 -24.98
N GLY G 500 -17.56 51.76 -24.10
CA GLY G 500 -16.13 51.83 -24.27
C GLY G 500 -15.64 51.09 -25.51
N VAL G 501 -16.22 49.92 -25.79
CA VAL G 501 -15.87 49.15 -26.97
C VAL G 501 -16.27 49.90 -28.23
N SER G 502 -17.44 50.53 -28.22
CA SER G 502 -17.86 51.34 -29.37
C SER G 502 -16.91 52.51 -29.59
N LYS G 503 -16.47 53.15 -28.51
CA LYS G 503 -15.48 54.23 -28.65
C LYS G 503 -14.18 53.71 -29.21
N ASP G 504 -13.74 52.53 -28.77
CA ASP G 504 -12.51 51.94 -29.30
C ASP G 504 -12.65 51.61 -30.78
N LEU G 505 -13.82 51.11 -31.19
CA LEU G 505 -14.05 50.83 -32.61
C LEU G 505 -14.03 52.12 -33.42
N ASN G 506 -14.61 53.20 -32.89
CA ASN G 506 -14.53 54.49 -33.58
C ASN G 506 -13.09 54.97 -33.70
N GLU G 507 -12.30 54.79 -32.65
CA GLU G 507 -10.88 55.15 -32.71
C GLU G 507 -10.15 54.31 -33.76
N GLN G 508 -10.47 53.02 -33.84
CA GLN G 508 -9.87 52.17 -34.86
C GLN G 508 -10.24 52.64 -36.27
N PHE G 509 -11.50 53.03 -36.46
CA PHE G 509 -11.92 53.56 -37.76
C PHE G 509 -11.19 54.85 -38.10
N LYS G 510 -11.02 55.73 -37.11
CA LYS G 510 -10.28 56.96 -37.34
C LYS G 510 -8.82 56.68 -37.69
N LYS G 511 -8.21 55.71 -37.00
CA LYS G 511 -6.84 55.33 -37.33
C LYS G 511 -6.75 54.75 -38.74
N HIS G 512 -7.73 53.94 -39.13
CA HIS G 512 -7.74 53.39 -40.49
C HIS G 512 -7.85 54.50 -41.53
N LEU G 513 -8.70 55.50 -41.27
CA LEU G 513 -8.81 56.62 -42.20
C LEU G 513 -7.57 57.50 -42.19
N THR G 514 -6.83 57.51 -41.08
CA THR G 514 -5.63 58.35 -40.98
C THR G 514 -4.58 57.93 -41.99
N ASN G 515 -4.35 56.62 -42.14
CA ASN G 515 -3.36 56.09 -43.06
C ASN G 515 -3.97 55.68 -44.40
N SER G 516 -5.04 56.35 -44.81
CA SER G 516 -5.69 56.08 -46.09
C SER G 516 -6.33 57.36 -46.59
N GLU G 517 -7.17 57.25 -47.60
CA GLU G 517 -7.84 58.41 -48.17
C GLU G 517 -9.15 58.66 -47.43
N PRO G 518 -9.29 59.78 -46.72
CA PRO G 518 -10.53 60.02 -45.99
C PRO G 518 -11.72 60.21 -46.92
N LEU G 519 -12.89 59.80 -46.43
CA LEU G 519 -14.11 59.89 -47.21
C LEU G 519 -14.60 61.33 -47.30
N ASP G 520 -15.63 61.53 -48.14
CA ASP G 520 -16.20 62.86 -48.31
C ASP G 520 -16.94 63.34 -47.06
N LEU G 521 -17.40 62.42 -46.22
CA LEU G 521 -18.12 62.79 -45.00
C LEU G 521 -17.73 61.82 -43.89
N ASP G 522 -17.91 62.27 -42.66
CA ASP G 522 -17.56 61.50 -41.48
C ASP G 522 -18.78 60.78 -40.94
N PHE G 523 -18.64 59.48 -40.69
CA PHE G 523 -19.71 58.66 -40.16
C PHE G 523 -19.34 58.17 -38.76
N SER G 524 -20.28 58.28 -37.83
CA SER G 524 -20.09 57.85 -36.46
C SER G 524 -21.27 56.99 -36.04
N ILE G 525 -20.97 55.85 -35.41
CA ILE G 525 -22.00 54.91 -34.97
C ILE G 525 -21.66 54.44 -33.57
N GLN G 526 -22.69 53.97 -32.86
CA GLN G 526 -22.55 53.39 -31.53
C GLN G 526 -23.10 51.97 -31.57
N VAL G 527 -22.22 50.98 -31.63
CA VAL G 527 -22.61 49.58 -31.73
C VAL G 527 -22.81 49.05 -30.32
N LEU G 528 -24.05 48.74 -29.96
CA LEU G 528 -24.45 48.40 -28.60
C LEU G 528 -25.08 47.02 -28.56
N SER G 529 -24.80 46.29 -27.48
CA SER G 529 -25.42 44.98 -27.29
C SER G 529 -26.91 45.11 -27.04
N SER G 530 -27.70 44.29 -27.74
CA SER G 530 -29.15 44.35 -27.59
C SER G 530 -29.60 43.91 -26.20
N GLY G 531 -28.96 42.88 -25.65
CA GLY G 531 -29.40 42.34 -24.37
C GLY G 531 -29.22 43.32 -23.23
N SER G 532 -28.11 44.04 -23.21
CA SER G 532 -27.81 44.96 -22.12
C SER G 532 -28.64 46.23 -22.15
N TRP G 533 -29.13 46.65 -23.32
CA TRP G 533 -29.75 47.95 -23.43
C TRP G 533 -31.26 47.80 -23.61
N PRO G 534 -32.07 48.56 -22.88
CA PRO G 534 -33.51 48.29 -22.82
C PRO G 534 -34.31 48.80 -24.00
N PHE G 535 -33.64 49.13 -25.10
CA PHE G 535 -34.33 49.72 -26.24
C PHE G 535 -35.21 48.70 -26.96
N GLN G 536 -36.25 49.21 -27.61
CA GLN G 536 -37.23 48.40 -28.31
C GLN G 536 -37.35 48.88 -29.75
N GLN G 537 -37.66 47.95 -30.65
CA GLN G 537 -37.79 48.28 -32.07
C GLN G 537 -38.95 49.25 -32.29
N SER G 538 -38.72 50.23 -33.16
CA SER G 538 -39.70 51.27 -33.45
C SER G 538 -40.40 50.96 -34.77
N CYS G 539 -41.22 51.90 -35.24
CA CYS G 539 -41.92 51.73 -36.51
C CYS G 539 -40.94 51.70 -37.67
N THR G 540 -41.35 51.03 -38.75
CA THR G 540 -40.50 50.91 -39.92
C THR G 540 -40.29 52.26 -40.58
N PHE G 541 -39.05 52.50 -41.04
CA PHE G 541 -38.70 53.73 -41.72
C PHE G 541 -37.90 53.40 -42.96
N ALA G 542 -38.13 54.14 -44.04
CA ALA G 542 -37.47 53.92 -45.31
C ALA G 542 -36.35 54.94 -45.49
N LEU G 543 -35.14 54.46 -45.73
CA LEU G 543 -34.00 55.34 -45.92
C LEU G 543 -34.17 56.13 -47.21
N PRO G 544 -33.92 57.44 -47.19
CA PRO G 544 -34.01 58.25 -48.40
C PRO G 544 -32.88 57.92 -49.38
N SER G 545 -33.07 58.34 -50.62
CA SER G 545 -32.12 58.04 -51.69
C SER G 545 -30.80 58.80 -51.54
N GLU G 546 -30.73 59.78 -50.63
CA GLU G 546 -29.51 60.58 -50.50
C GLU G 546 -28.37 59.84 -49.83
N LEU G 547 -28.62 58.71 -49.15
CA LEU G 547 -27.59 57.99 -48.43
C LEU G 547 -27.59 56.49 -48.72
N GLU G 548 -28.40 56.03 -49.67
CA GLU G 548 -28.50 54.60 -49.92
C GLU G 548 -27.18 54.02 -50.44
N ARG G 549 -26.50 54.75 -51.33
CA ARG G 549 -25.23 54.25 -51.86
C ARG G 549 -24.17 54.15 -50.77
N SER G 550 -24.08 55.16 -49.91
CA SER G 550 -23.11 55.12 -48.81
C SER G 550 -23.45 54.00 -47.83
N TYR G 551 -24.74 53.80 -47.53
CA TYR G 551 -25.13 52.74 -46.62
C TYR G 551 -24.80 51.37 -47.20
N GLN G 552 -25.05 51.18 -48.50
CA GLN G 552 -24.71 49.92 -49.15
C GLN G 552 -23.20 49.68 -49.14
N ARG G 553 -22.42 50.73 -49.42
CA ARG G 553 -20.96 50.58 -49.42
C ARG G 553 -20.45 50.20 -48.04
N PHE G 554 -20.95 50.86 -46.99
CA PHE G 554 -20.50 50.53 -45.65
C PHE G 554 -20.97 49.14 -45.23
N THR G 555 -22.17 48.73 -45.65
CA THR G 555 -22.64 47.39 -45.35
C THR G 555 -21.75 46.34 -46.02
N ALA G 556 -21.37 46.57 -47.28
CA ALA G 556 -20.46 45.66 -47.96
C ALA G 556 -19.11 45.60 -47.28
N PHE G 557 -18.59 46.76 -46.86
CA PHE G 557 -17.30 46.79 -46.16
C PHE G 557 -17.38 46.04 -44.83
N TYR G 558 -18.48 46.22 -44.10
CA TYR G 558 -18.65 45.54 -42.83
C TYR G 558 -18.76 44.02 -43.04
N ALA G 559 -19.50 43.61 -44.07
CA ALA G 559 -19.61 42.18 -44.37
C ALA G 559 -18.26 41.60 -44.73
N SER G 560 -17.45 42.34 -45.51
CA SER G 560 -16.11 41.87 -45.83
C SER G 560 -15.26 41.75 -44.57
N ARG G 561 -15.34 42.74 -43.68
CA ARG G 561 -14.54 42.71 -42.45
C ARG G 561 -15.12 41.72 -41.45
N HIS G 562 -16.44 41.73 -41.26
CA HIS G 562 -17.12 40.86 -40.29
C HIS G 562 -18.50 40.53 -40.86
N SER G 563 -18.60 39.37 -41.52
CA SER G 563 -19.87 38.96 -42.13
C SER G 563 -20.84 38.36 -41.12
N GLY G 564 -20.37 38.01 -39.93
CA GLY G 564 -21.21 37.36 -38.94
C GLY G 564 -22.01 38.28 -38.04
N ARG G 565 -21.93 39.59 -38.24
CA ARG G 565 -22.63 40.55 -37.41
C ARG G 565 -23.53 41.42 -38.29
N LYS G 566 -24.74 41.68 -37.81
CA LYS G 566 -25.70 42.54 -38.48
C LYS G 566 -26.07 43.70 -37.56
N LEU G 567 -26.34 44.85 -38.16
CA LEU G 567 -26.61 46.08 -37.42
C LEU G 567 -28.11 46.38 -37.49
N THR G 568 -28.74 46.45 -36.32
CA THR G 568 -30.15 46.80 -36.20
C THR G 568 -30.25 48.30 -35.96
N TRP G 569 -30.45 49.06 -37.03
CA TRP G 569 -30.41 50.51 -36.96
C TRP G 569 -31.66 51.06 -36.28
N LEU G 570 -31.47 51.96 -35.33
CA LEU G 570 -32.57 52.64 -34.63
C LEU G 570 -32.55 54.10 -35.07
N TYR G 571 -33.38 54.43 -36.04
CA TYR G 571 -33.43 55.80 -36.56
C TYR G 571 -34.15 56.76 -35.61
N GLN G 572 -34.83 56.24 -34.60
CA GLN G 572 -35.54 57.12 -33.65
C GLN G 572 -34.57 57.80 -32.69
N LEU G 573 -33.42 57.20 -32.43
CA LEU G 573 -32.48 57.71 -31.44
C LEU G 573 -31.26 58.39 -32.08
N SER G 574 -31.35 58.75 -33.36
CA SER G 574 -30.25 59.43 -34.03
C SER G 574 -30.27 60.92 -33.71
N LYS G 575 -29.12 61.54 -33.82
CA LYS G 575 -28.92 62.95 -33.43
C LYS G 575 -28.44 63.76 -34.63
N GLY G 576 -28.17 65.04 -34.37
CA GLY G 576 -27.72 65.95 -35.40
C GLY G 576 -27.47 67.36 -34.89
N GLU G 577 -26.38 67.97 -35.36
CA GLU G 577 -26.03 69.34 -34.99
C GLU G 577 -26.11 70.23 -36.22
N LEU G 578 -26.71 71.40 -36.05
CA LEU G 578 -26.92 72.35 -37.14
C LEU G 578 -26.31 73.70 -36.76
N VAL G 579 -25.60 74.30 -37.71
CA VAL G 579 -25.02 75.63 -37.55
C VAL G 579 -25.64 76.53 -38.61
N THR G 580 -26.25 77.63 -38.17
CA THR G 580 -26.93 78.56 -39.06
C THR G 580 -25.94 79.61 -39.53
N ASN G 581 -25.32 79.36 -40.68
CA ASN G 581 -24.35 80.29 -41.26
C ASN G 581 -25.02 81.28 -42.21
N CYS G 582 -26.04 81.97 -41.72
CA CYS G 582 -26.74 82.97 -42.50
C CYS G 582 -27.01 84.28 -41.76
N PHE G 583 -26.85 84.29 -40.44
CA PHE G 583 -27.08 85.48 -39.62
C PHE G 583 -25.74 86.06 -39.18
N LYS G 584 -25.80 87.21 -38.50
CA LYS G 584 -24.59 87.84 -37.99
C LYS G 584 -23.96 86.98 -36.90
N ASN G 585 -24.76 86.38 -36.03
CA ASN G 585 -24.29 85.54 -34.95
C ASN G 585 -24.47 84.07 -35.32
N ARG G 586 -23.55 83.24 -34.81
CA ARG G 586 -23.55 81.81 -35.10
C ARG G 586 -24.22 81.06 -33.95
N TYR G 587 -25.26 80.30 -34.28
CA TYR G 587 -25.99 79.50 -33.30
C TYR G 587 -25.69 78.02 -33.50
N THR G 588 -25.96 77.24 -32.45
CA THR G 588 -25.86 75.79 -32.49
C THR G 588 -27.22 75.22 -32.15
N LEU G 589 -27.71 74.32 -33.00
CA LEU G 589 -29.02 73.69 -32.82
C LEU G 589 -28.84 72.18 -32.71
N GLN G 590 -29.48 71.57 -31.72
CA GLN G 590 -29.49 70.13 -31.56
C GLN G 590 -30.85 69.59 -32.03
N ALA G 591 -30.83 68.72 -33.03
CA ALA G 591 -32.07 68.18 -33.58
C ALA G 591 -31.82 66.79 -34.13
N SER G 592 -32.90 66.02 -34.24
CA SER G 592 -32.80 64.64 -34.70
C SER G 592 -33.01 64.57 -36.22
N THR G 593 -33.01 63.34 -36.74
CA THR G 593 -33.20 63.14 -38.18
C THR G 593 -34.61 63.49 -38.61
N PHE G 594 -35.58 63.37 -37.71
CA PHE G 594 -36.96 63.74 -38.04
C PHE G 594 -37.05 65.23 -38.41
N GLN G 595 -36.36 66.07 -37.64
CA GLN G 595 -36.34 67.50 -37.94
C GLN G 595 -35.79 67.78 -39.33
N MET G 596 -34.67 67.14 -39.68
CA MET G 596 -34.07 67.39 -40.99
C MET G 596 -34.91 66.82 -42.11
N ALA G 597 -35.59 65.70 -41.87
CA ALA G 597 -36.49 65.17 -42.89
C ALA G 597 -37.64 66.13 -43.15
N ILE G 598 -38.23 66.68 -42.07
CA ILE G 598 -39.30 67.67 -42.22
C ILE G 598 -38.79 68.89 -42.98
N LEU G 599 -37.59 69.36 -42.63
CA LEU G 599 -37.03 70.54 -43.31
C LEU G 599 -36.77 70.26 -44.78
N LEU G 600 -36.23 69.07 -45.09
CA LEU G 600 -35.98 68.71 -46.48
C LEU G 600 -37.27 68.59 -47.27
N GLN G 601 -38.36 68.21 -46.61
CA GLN G 601 -39.64 68.17 -47.30
C GLN G 601 -40.12 69.54 -47.77
N TYR G 602 -39.56 70.63 -47.24
CA TYR G 602 -40.03 71.97 -47.57
C TYR G 602 -39.45 72.51 -48.88
N ASN G 603 -38.64 71.72 -49.58
CA ASN G 603 -38.04 72.19 -50.83
C ASN G 603 -39.07 72.42 -51.92
N THR G 604 -40.25 71.81 -51.83
CA THR G 604 -41.29 71.92 -52.85
C THR G 604 -42.45 72.79 -52.42
N GLU G 605 -42.96 72.59 -51.20
CA GLU G 605 -44.11 73.33 -50.70
C GLU G 605 -43.76 73.97 -49.36
N ASP G 606 -44.60 74.92 -48.93
CA ASP G 606 -44.40 75.63 -47.68
C ASP G 606 -45.43 75.31 -46.62
N ALA G 607 -46.70 75.13 -47.00
CA ALA G 607 -47.77 74.80 -46.06
C ALA G 607 -48.17 73.35 -46.24
N TYR G 608 -48.28 72.62 -45.13
CA TYR G 608 -48.49 71.19 -45.14
C TYR G 608 -49.77 70.80 -44.40
N THR G 609 -50.55 69.92 -45.02
CA THR G 609 -51.74 69.37 -44.40
C THR G 609 -51.40 68.04 -43.73
N VAL G 610 -51.94 67.85 -42.53
CA VAL G 610 -51.64 66.63 -41.77
C VAL G 610 -52.14 65.40 -42.52
N GLN G 611 -53.29 65.51 -43.18
CA GLN G 611 -53.88 64.36 -43.86
C GLN G 611 -52.98 63.85 -44.98
N GLN G 612 -52.42 64.76 -45.78
CA GLN G 612 -51.59 64.34 -46.91
C GLN G 612 -50.34 63.61 -46.44
N LEU G 613 -49.62 64.20 -45.48
CA LEU G 613 -48.41 63.58 -44.97
C LEU G 613 -48.72 62.26 -44.26
N THR G 614 -49.85 62.21 -43.55
CA THR G 614 -50.25 60.98 -42.88
C THR G 614 -50.53 59.87 -43.88
N ASP G 615 -51.24 60.19 -44.98
CA ASP G 615 -51.51 59.18 -46.00
C ASP G 615 -50.24 58.77 -46.72
N SER G 616 -49.30 59.70 -46.92
CA SER G 616 -48.09 59.38 -47.66
C SER G 616 -47.09 58.57 -46.83
N THR G 617 -47.00 58.84 -45.54
CA THR G 617 -45.95 58.25 -44.71
C THR G 617 -46.47 57.34 -43.60
N GLN G 618 -47.77 57.34 -43.33
CA GLN G 618 -48.37 56.47 -42.31
C GLN G 618 -47.75 56.72 -40.93
N ILE G 619 -47.96 57.93 -40.42
CA ILE G 619 -47.44 58.36 -39.14
C ILE G 619 -48.60 58.53 -38.17
N LYS G 620 -48.47 57.95 -36.97
CA LYS G 620 -49.53 57.99 -35.98
C LYS G 620 -49.73 59.42 -35.48
N MET G 621 -50.98 59.72 -35.10
CA MET G 621 -51.33 61.06 -34.65
C MET G 621 -50.58 61.45 -33.38
N ASP G 622 -50.45 60.50 -32.44
CA ASP G 622 -49.88 60.84 -31.13
C ASP G 622 -48.41 61.26 -31.23
N ILE G 623 -47.61 60.53 -32.00
CA ILE G 623 -46.19 60.84 -32.08
C ILE G 623 -45.95 62.19 -32.77
N LEU G 624 -46.69 62.46 -33.85
CA LEU G 624 -46.53 63.76 -34.50
C LEU G 624 -47.08 64.89 -33.64
N ALA G 625 -48.11 64.62 -32.85
CA ALA G 625 -48.60 65.63 -31.91
C ALA G 625 -47.55 65.95 -30.85
N GLN G 626 -46.87 64.92 -30.32
CA GLN G 626 -45.79 65.18 -29.38
C GLN G 626 -44.65 65.93 -30.03
N VAL G 627 -44.31 65.59 -31.28
CA VAL G 627 -43.25 66.30 -31.99
C VAL G 627 -43.61 67.77 -32.17
N LEU G 628 -44.86 68.05 -32.54
CA LEU G 628 -45.30 69.43 -32.72
C LEU G 628 -45.30 70.18 -31.40
N GLN G 629 -45.70 69.51 -30.30
CA GLN G 629 -45.65 70.15 -28.99
C GLN G 629 -44.22 70.49 -28.60
N ILE G 630 -43.28 69.59 -28.88
CA ILE G 630 -41.87 69.88 -28.60
C ILE G 630 -41.38 71.03 -29.46
N LEU G 631 -41.81 71.08 -30.73
CA LEU G 631 -41.44 72.18 -31.60
C LEU G 631 -41.93 73.52 -31.06
N LEU G 632 -43.18 73.55 -30.58
CA LEU G 632 -43.75 74.80 -30.09
C LEU G 632 -43.16 75.21 -28.74
N LYS G 633 -42.83 74.24 -27.89
CA LYS G 633 -42.32 74.55 -26.57
C LYS G 633 -40.94 75.19 -26.63
N SER G 634 -40.10 74.76 -27.57
CA SER G 634 -38.73 75.26 -27.69
C SER G 634 -38.67 76.68 -28.28
N LYS H 4 -29.37 80.86 -50.09
CA LYS H 4 -30.46 81.10 -49.15
C LYS H 4 -31.27 79.82 -48.92
N LYS H 5 -31.54 79.52 -47.64
CA LYS H 5 -32.28 78.32 -47.24
C LYS H 5 -31.65 77.05 -47.80
N ARG H 6 -30.32 76.98 -47.71
CA ARG H 6 -29.55 75.84 -48.17
C ARG H 6 -28.96 75.11 -46.98
N PHE H 7 -29.10 73.79 -46.96
CA PHE H 7 -28.63 72.95 -45.87
C PHE H 7 -27.72 71.85 -46.41
N GLU H 8 -26.66 71.56 -45.67
CA GLU H 8 -25.67 70.56 -46.07
C GLU H 8 -25.45 69.56 -44.94
N VAL H 9 -25.04 68.35 -45.31
CA VAL H 9 -24.76 67.28 -44.36
C VAL H 9 -23.26 67.24 -44.12
N LYS H 10 -22.86 67.31 -42.85
CA LYS H 10 -21.46 67.19 -42.47
C LYS H 10 -21.20 66.03 -41.52
N LYS H 11 -22.12 65.78 -40.58
CA LYS H 11 -21.99 64.68 -39.64
C LYS H 11 -23.30 63.92 -39.57
N TRP H 12 -23.20 62.64 -39.19
CA TRP H 12 -24.38 61.80 -39.01
C TRP H 12 -24.10 60.84 -37.87
N ASN H 13 -24.72 61.08 -36.72
CA ASN H 13 -24.53 60.26 -35.53
C ASN H 13 -25.74 59.33 -35.40
N ALA H 14 -25.53 58.06 -35.74
CA ALA H 14 -26.57 57.05 -35.68
C ALA H 14 -26.32 56.11 -34.51
N VAL H 15 -27.27 55.20 -34.29
CA VAL H 15 -27.19 54.19 -33.24
C VAL H 15 -27.66 52.86 -33.80
N ALA H 16 -26.97 51.79 -33.45
CA ALA H 16 -27.30 50.47 -33.96
C ALA H 16 -27.00 49.41 -32.90
N LEU H 17 -27.72 48.30 -32.99
CA LEU H 17 -27.56 47.17 -32.09
C LEU H 17 -27.04 45.96 -32.85
N TRP H 18 -26.17 45.19 -32.19
CA TRP H 18 -25.57 44.01 -32.80
C TRP H 18 -26.09 42.75 -32.11
N ALA H 19 -26.40 41.74 -32.92
CA ALA H 19 -26.84 40.45 -32.40
C ALA H 19 -26.36 39.36 -33.35
N TRP H 20 -26.26 38.14 -32.82
CA TRP H 20 -25.76 37.04 -33.61
C TRP H 20 -26.75 36.65 -34.70
N ASP H 21 -26.21 36.26 -35.86
CA ASP H 21 -27.03 35.95 -37.03
C ASP H 21 -27.33 34.46 -37.16
N ILE H 22 -26.93 33.63 -36.19
CA ILE H 22 -27.24 32.20 -36.28
C ILE H 22 -28.73 31.96 -36.10
N VAL H 23 -29.37 32.69 -35.19
CA VAL H 23 -30.80 32.63 -34.98
C VAL H 23 -31.33 34.04 -34.75
N PRO I 10 26.83 16.69 83.73
CA PRO I 10 26.06 16.94 82.50
C PRO I 10 24.95 15.91 82.29
N ASP I 11 23.72 16.28 82.65
CA ASP I 11 22.58 15.39 82.53
C ASP I 11 21.73 15.81 81.34
N ILE I 12 21.45 14.87 80.44
CA ILE I 12 20.63 15.18 79.28
C ILE I 12 19.15 15.21 79.65
N ASN I 13 18.75 14.48 80.69
CA ASN I 13 17.35 14.41 81.08
C ASN I 13 16.87 15.66 81.81
N GLN I 14 17.77 16.58 82.17
CA GLN I 14 17.35 17.86 82.71
C GLN I 14 16.81 18.79 81.64
N LEU I 15 17.02 18.49 80.37
CA LEU I 15 16.50 19.31 79.30
C LEU I 15 14.97 19.22 79.26
N PRO I 16 14.30 20.31 78.87
CA PRO I 16 12.84 20.26 78.79
C PRO I 16 12.40 19.24 77.76
N PRO I 17 11.20 18.68 77.92
CA PRO I 17 10.75 17.64 76.98
C PRO I 17 10.67 18.12 75.53
N SER I 18 10.46 19.41 75.29
CA SER I 18 10.44 19.93 73.93
C SER I 18 11.78 19.67 73.24
N ILE I 19 12.87 19.93 73.94
CA ILE I 19 14.20 19.72 73.38
C ILE I 19 14.46 18.24 73.14
N LEU I 20 14.05 17.38 74.07
CA LEU I 20 14.25 15.96 73.89
C LEU I 20 13.44 15.43 72.71
N LEU I 21 12.23 15.95 72.52
CA LEU I 21 11.44 15.54 71.36
C LEU I 21 12.05 16.05 70.06
N LYS I 22 12.60 17.27 70.08
CA LYS I 22 13.29 17.78 68.89
C LYS I 22 14.52 16.95 68.57
N ILE I 23 15.21 16.43 69.59
CA ILE I 23 16.35 15.55 69.37
C ILE I 23 15.89 14.21 68.81
N PHE I 24 14.82 13.64 69.38
CA PHE I 24 14.36 12.32 68.97
C PHE I 24 13.71 12.34 67.59
N SER I 25 13.22 13.49 67.14
CA SER I 25 12.67 13.58 65.78
C SER I 25 13.73 13.40 64.71
N ASN I 26 15.02 13.47 65.05
CA ASN I 26 16.10 13.28 64.10
C ASN I 26 16.58 11.85 64.04
N LEU I 27 15.76 10.89 64.48
CA LEU I 27 16.08 9.48 64.40
C LEU I 27 14.99 8.77 63.62
N SER I 28 15.37 7.78 62.81
CA SER I 28 14.40 7.03 62.05
C SER I 28 13.55 6.17 62.97
N LEU I 29 12.44 5.66 62.42
CA LEU I 29 11.54 4.84 63.21
C LEU I 29 12.24 3.58 63.72
N ASP I 30 13.12 3.00 62.90
CA ASP I 30 13.89 1.85 63.33
C ASP I 30 14.81 2.20 64.50
N GLU I 31 15.53 3.31 64.38
CA GLU I 31 16.41 3.75 65.47
C GLU I 31 15.60 4.06 66.72
N ARG I 32 14.44 4.70 66.55
CA ARG I 32 13.66 5.15 67.69
C ARG I 32 13.01 3.98 68.42
N CYS I 33 12.56 2.96 67.68
CA CYS I 33 11.89 1.82 68.28
C CYS I 33 12.82 0.65 68.60
N LEU I 34 14.09 0.72 68.21
CA LEU I 34 15.02 -0.37 68.43
C LEU I 34 16.12 -0.04 69.43
N SER I 35 16.63 1.19 69.42
CA SER I 35 17.75 1.58 70.27
C SER I 35 17.36 2.56 71.37
N ALA I 36 16.69 3.66 71.01
CA ALA I 36 16.36 4.70 71.98
C ALA I 36 15.20 4.32 72.89
N SER I 37 14.53 3.20 72.65
CA SER I 37 13.42 2.77 73.49
C SER I 37 13.83 1.75 74.54
N LEU I 38 15.11 1.36 74.60
CA LEU I 38 15.60 0.43 75.61
C LEU I 38 16.58 1.08 76.58
N VAL I 39 16.92 2.34 76.37
CA VAL I 39 17.91 2.99 77.23
C VAL I 39 17.40 3.12 78.66
N CYS I 40 16.17 3.60 78.82
CA CYS I 40 15.58 3.80 80.14
C CYS I 40 14.08 3.99 80.00
N LYS I 41 13.40 4.09 81.14
CA LYS I 41 11.95 4.30 81.13
C LYS I 41 11.59 5.64 80.48
N TYR I 42 12.34 6.70 80.80
CA TYR I 42 11.98 8.03 80.35
C TYR I 42 12.12 8.16 78.84
N TRP I 43 13.18 7.59 78.26
CA TRP I 43 13.35 7.63 76.81
C TRP I 43 12.29 6.79 76.11
N ARG I 44 11.91 5.66 76.69
CA ARG I 44 10.85 4.85 76.09
C ARG I 44 9.51 5.59 76.13
N ASP I 45 9.23 6.31 77.21
CA ASP I 45 8.00 7.08 77.29
C ASP I 45 8.04 8.29 76.37
N LEU I 46 9.22 8.84 76.10
CA LEU I 46 9.33 9.95 75.15
C LEU I 46 9.13 9.47 73.72
N CYS I 47 9.69 8.31 73.37
CA CYS I 47 9.54 7.79 72.02
C CYS I 47 8.23 7.04 71.87
N LEU I 48 7.13 7.65 72.34
CA LEU I 48 5.80 7.09 72.11
C LEU I 48 4.82 8.25 72.33
N ASP I 49 4.32 8.81 71.23
CA ASP I 49 3.52 10.03 71.27
C ASP I 49 2.52 10.03 70.12
N PHE I 50 1.67 11.05 70.10
CA PHE I 50 0.96 11.39 68.88
C PHE I 50 1.84 12.15 67.92
N GLN I 51 2.95 12.73 68.40
CA GLN I 51 3.91 13.40 67.53
C GLN I 51 4.54 12.41 66.56
N PHE I 52 5.02 11.29 67.08
CA PHE I 52 5.75 10.31 66.27
C PHE I 52 4.85 9.26 65.63
N TRP I 53 3.57 9.24 65.98
CA TRP I 53 2.63 8.24 65.49
C TRP I 53 1.43 8.90 64.85
N LYS I 54 1.67 9.95 64.05
CA LYS I 54 0.65 10.52 63.18
C LYS I 54 1.15 10.64 61.74
N GLN I 55 2.32 10.07 61.45
CA GLN I 55 2.92 10.06 60.12
C GLN I 55 3.56 8.67 59.98
N LEU I 56 2.75 7.70 59.54
CA LEU I 56 3.16 6.30 59.67
C LEU I 56 4.23 5.92 58.65
N ASP I 57 3.89 5.98 57.36
CA ASP I 57 4.82 5.69 56.27
C ASP I 57 5.47 4.31 56.45
N LEU I 58 4.62 3.29 56.41
CA LEU I 58 5.05 1.90 56.56
C LEU I 58 5.24 1.21 55.21
N SER I 59 5.72 1.96 54.22
CA SER I 59 5.85 1.41 52.87
C SER I 59 6.95 0.37 52.80
N SER I 60 6.67 -0.73 52.07
CA SER I 60 7.64 -1.78 51.79
C SER I 60 8.19 -2.41 53.06
N ARG I 61 7.30 -2.70 54.01
CA ARG I 61 7.64 -3.45 55.21
C ARG I 61 7.28 -4.92 55.09
N GLN I 62 7.06 -5.39 53.85
CA GLN I 62 6.65 -6.73 53.47
C GLN I 62 6.00 -7.58 54.56
N GLN I 63 6.44 -8.84 54.69
CA GLN I 63 5.73 -9.83 55.50
C GLN I 63 6.07 -9.67 56.99
N VAL I 64 5.84 -8.45 57.48
CA VAL I 64 5.99 -8.17 58.91
C VAL I 64 4.76 -7.53 59.52
N THR I 65 3.92 -6.84 58.75
CA THR I 65 2.71 -6.20 59.25
C THR I 65 1.50 -6.89 58.60
N ASP I 66 0.99 -7.92 59.28
CA ASP I 66 -0.18 -8.65 58.82
C ASP I 66 -1.38 -8.45 59.74
N GLU I 67 -1.23 -8.75 61.02
CA GLU I 67 -2.23 -8.44 62.02
C GLU I 67 -1.76 -7.35 62.98
N LEU I 68 -0.57 -6.79 62.76
CA LEU I 68 0.00 -5.82 63.67
C LEU I 68 -0.75 -4.49 63.64
N LEU I 69 -1.45 -4.18 62.55
CA LEU I 69 -2.14 -2.90 62.42
C LEU I 69 -3.21 -2.68 63.47
N GLU I 70 -3.47 -3.68 64.33
CA GLU I 70 -4.35 -3.47 65.48
C GLU I 70 -3.69 -2.61 66.56
N LYS I 71 -2.37 -2.65 66.68
CA LYS I 71 -1.68 -1.94 67.76
C LYS I 71 -1.19 -0.56 67.35
N ILE I 72 -0.79 -0.38 66.10
CA ILE I 72 -0.35 0.95 65.66
C ILE I 72 -1.48 1.95 65.80
N ALA I 73 -2.69 1.56 65.42
CA ALA I 73 -3.89 2.38 65.65
C ALA I 73 -4.79 1.58 66.59
N SER I 74 -4.51 1.69 67.88
CA SER I 74 -5.38 1.21 68.94
C SER I 74 -5.73 2.31 69.92
N ARG I 75 -4.74 3.04 70.41
CA ARG I 75 -4.93 4.23 71.22
C ARG I 75 -4.55 5.50 70.49
N SER I 76 -3.83 5.39 69.38
CA SER I 76 -3.52 6.56 68.56
C SER I 76 -4.80 7.15 67.99
N GLN I 77 -4.91 8.47 68.05
CA GLN I 77 -6.15 9.17 67.73
C GLN I 77 -6.08 10.01 66.47
N ASN I 78 -4.89 10.34 65.96
CA ASN I 78 -4.75 11.32 64.91
C ASN I 78 -3.82 10.82 63.79
N ILE I 79 -4.04 9.59 63.34
CA ILE I 79 -3.37 9.11 62.14
C ILE I 79 -3.91 9.89 60.94
N ILE I 80 -3.00 10.50 60.17
CA ILE I 80 -3.42 11.33 59.04
C ILE I 80 -2.57 11.05 57.80
N GLU I 81 -1.55 10.22 57.93
CA GLU I 81 -0.60 9.99 56.84
C GLU I 81 -0.32 8.49 56.69
N ILE I 82 -1.38 7.69 56.65
CA ILE I 82 -1.20 6.26 56.40
C ILE I 82 -0.56 6.05 55.03
N ASN I 83 0.49 5.24 54.99
CA ASN I 83 1.21 4.94 53.76
C ASN I 83 1.65 3.48 53.86
N ILE I 84 0.91 2.59 53.20
CA ILE I 84 1.20 1.16 53.23
C ILE I 84 1.55 0.69 51.84
N SER I 85 2.23 1.55 51.08
CA SER I 85 2.62 1.21 49.71
C SER I 85 3.52 -0.02 49.68
N ASP I 86 3.41 -0.78 48.60
CA ASP I 86 4.19 -2.01 48.39
C ASP I 86 3.92 -3.04 49.49
N CYS I 87 2.73 -3.02 50.07
CA CYS I 87 2.37 -4.00 51.08
C CYS I 87 2.07 -5.34 50.44
N ARG I 88 2.46 -6.42 51.12
CA ARG I 88 2.20 -7.76 50.62
C ARG I 88 1.81 -8.73 51.72
N SER I 89 1.46 -8.26 52.92
CA SER I 89 1.26 -9.12 54.07
C SER I 89 -0.18 -9.08 54.60
N MET I 90 -0.73 -7.90 54.84
CA MET I 90 -2.05 -7.82 55.44
C MET I 90 -3.12 -8.11 54.39
N SER I 91 -4.35 -8.32 54.88
CA SER I 91 -5.49 -8.64 54.05
C SER I 91 -6.59 -7.59 54.27
N ASP I 92 -7.77 -7.86 53.73
CA ASP I 92 -8.89 -6.92 53.86
C ASP I 92 -9.27 -6.72 55.33
N ASN I 93 -9.20 -7.79 56.13
CA ASN I 93 -9.51 -7.66 57.54
C ASN I 93 -8.54 -6.74 58.24
N GLY I 94 -7.24 -6.90 57.98
CA GLY I 94 -6.21 -6.13 58.64
C GLY I 94 -6.18 -4.66 58.26
N VAL I 95 -6.82 -4.29 57.16
CA VAL I 95 -6.96 -2.89 56.81
C VAL I 95 -8.32 -2.32 57.22
N CYS I 96 -9.38 -3.14 57.21
CA CYS I 96 -10.68 -2.63 57.64
C CYS I 96 -10.74 -2.43 59.15
N VAL I 97 -9.96 -3.20 59.91
CA VAL I 97 -9.93 -2.97 61.36
C VAL I 97 -9.41 -1.57 61.66
N LEU I 98 -8.37 -1.14 60.96
CA LEU I 98 -7.89 0.23 61.10
C LEU I 98 -8.86 1.22 60.47
N ALA I 99 -9.50 0.84 59.37
CA ALA I 99 -10.43 1.72 58.69
C ALA I 99 -11.66 2.03 59.52
N PHE I 100 -11.99 1.17 60.49
CA PHE I 100 -13.15 1.42 61.34
C PHE I 100 -13.05 2.76 62.05
N LYS I 101 -11.89 3.05 62.64
CA LYS I 101 -11.74 4.30 63.37
C LYS I 101 -11.41 5.47 62.44
N CYS I 102 -10.24 5.43 61.80
CA CYS I 102 -9.72 6.46 60.90
C CYS I 102 -10.16 7.87 61.29
N PRO I 103 -9.72 8.39 62.42
CA PRO I 103 -10.12 9.74 62.83
C PRO I 103 -9.35 10.79 62.07
N GLY I 104 -10.03 11.44 61.13
CA GLY I 104 -9.43 12.53 60.36
C GLY I 104 -8.26 12.12 59.48
N LEU I 105 -8.35 10.95 58.86
CA LEU I 105 -7.34 10.54 57.89
C LEU I 105 -7.34 11.50 56.71
N LEU I 106 -6.15 11.76 56.16
CA LEU I 106 -6.04 12.81 55.15
C LEU I 106 -5.41 12.33 53.85
N ARG I 107 -4.39 11.48 53.94
CA ARG I 107 -3.53 11.20 52.78
C ARG I 107 -3.30 9.70 52.63
N TYR I 108 -4.39 8.93 52.61
CA TYR I 108 -4.29 7.49 52.39
C TYR I 108 -3.56 7.19 51.08
N THR I 109 -2.57 6.30 51.16
CA THR I 109 -1.75 5.95 50.00
C THR I 109 -1.40 4.46 50.08
N ALA I 110 -1.68 3.74 49.00
CA ALA I 110 -1.31 2.33 48.91
C ALA I 110 -1.10 1.98 47.44
N TYR I 111 0.17 1.99 47.01
CA TYR I 111 0.51 1.59 45.66
C TYR I 111 0.79 0.10 45.59
N ARG I 112 0.49 -0.48 44.43
CA ARG I 112 0.92 -1.84 44.04
C ARG I 112 0.50 -2.91 45.04
N CYS I 113 -0.47 -2.62 45.91
CA CYS I 113 -0.95 -3.60 46.89
C CYS I 113 -2.07 -4.40 46.24
N LYS I 114 -1.66 -5.47 45.54
CA LYS I 114 -2.61 -6.24 44.74
C LYS I 114 -3.64 -6.95 45.61
N GLN I 115 -3.22 -7.46 46.77
CA GLN I 115 -4.13 -8.22 47.61
C GLN I 115 -5.32 -7.38 48.10
N LEU I 116 -5.17 -6.06 48.16
CA LEU I 116 -6.28 -5.21 48.54
C LEU I 116 -7.33 -5.19 47.44
N SER I 117 -8.60 -5.09 47.85
CA SER I 117 -9.73 -5.10 46.93
C SER I 117 -10.60 -3.88 47.23
N ASP I 118 -11.77 -3.85 46.60
CA ASP I 118 -12.69 -2.73 46.79
C ASP I 118 -13.26 -2.67 48.21
N THR I 119 -13.16 -3.77 48.97
CA THR I 119 -13.64 -3.76 50.35
C THR I 119 -12.85 -2.78 51.20
N SER I 120 -11.53 -2.69 50.98
CA SER I 120 -10.73 -1.71 51.70
C SER I 120 -11.16 -0.29 51.35
N ILE I 121 -11.46 -0.04 50.06
CA ILE I 121 -11.93 1.27 49.64
C ILE I 121 -13.25 1.61 50.31
N ILE I 122 -14.16 0.63 50.39
CA ILE I 122 -15.44 0.86 51.04
C ILE I 122 -15.24 1.16 52.53
N ALA I 123 -14.35 0.41 53.19
CA ALA I 123 -14.10 0.62 54.61
C ALA I 123 -13.50 2.00 54.86
N VAL I 124 -12.59 2.45 54.00
CA VAL I 124 -11.92 3.73 54.22
C VAL I 124 -12.75 4.92 53.77
N ALA I 125 -13.73 4.70 52.89
CA ALA I 125 -14.49 5.82 52.33
C ALA I 125 -15.71 6.22 53.15
N SER I 126 -16.15 5.38 54.08
CA SER I 126 -17.36 5.65 54.85
C SER I 126 -17.08 5.98 56.31
N HIS I 127 -15.86 5.82 56.77
CA HIS I 127 -15.53 6.05 58.18
C HIS I 127 -14.64 7.27 58.40
N CYS I 128 -14.45 8.10 57.38
CA CYS I 128 -13.75 9.37 57.52
C CYS I 128 -14.28 10.34 56.47
N PRO I 129 -15.14 11.27 56.87
CA PRO I 129 -15.72 12.21 55.90
C PRO I 129 -14.73 13.28 55.46
N LEU I 130 -13.50 13.18 55.95
CA LEU I 130 -12.42 14.11 55.62
C LEU I 130 -11.31 13.35 54.93
N LEU I 131 -10.87 13.85 53.78
CA LEU I 131 -9.74 13.28 53.04
C LEU I 131 -9.11 14.37 52.19
N GLN I 132 -7.85 14.14 51.82
CA GLN I 132 -7.12 15.07 50.96
C GLN I 132 -6.33 14.39 49.84
N LYS I 133 -6.14 13.08 49.88
CA LYS I 133 -5.31 12.39 48.90
C LYS I 133 -5.57 10.90 48.98
N VAL I 134 -5.92 10.30 47.84
CA VAL I 134 -6.32 8.89 47.78
C VAL I 134 -5.40 8.15 46.82
N HIS I 135 -4.12 8.51 46.80
CA HIS I 135 -3.20 8.10 45.74
C HIS I 135 -2.96 6.59 45.86
N VAL I 136 -3.90 5.83 45.31
CA VAL I 136 -3.74 4.39 45.17
C VAL I 136 -3.08 4.11 43.83
N GLY I 137 -2.59 2.89 43.66
CA GLY I 137 -1.72 2.60 42.53
C GLY I 137 -2.12 1.42 41.66
N ASN I 138 -1.22 0.45 41.52
CA ASN I 138 -1.36 -0.63 40.56
C ASN I 138 -2.26 -1.75 41.07
N GLN I 139 -3.13 -1.47 42.03
CA GLN I 139 -4.05 -2.47 42.56
C GLN I 139 -5.05 -2.85 41.47
N ASP I 140 -5.03 -4.12 41.07
CA ASP I 140 -6.03 -4.62 40.14
C ASP I 140 -7.29 -4.97 40.91
N LYS I 141 -8.27 -5.59 40.22
CA LYS I 141 -9.56 -5.99 40.79
C LYS I 141 -10.18 -4.89 41.66
N LEU I 142 -9.93 -3.63 41.29
CA LEU I 142 -10.55 -2.49 41.96
C LEU I 142 -11.70 -2.02 41.07
N THR I 143 -12.85 -2.68 41.24
CA THR I 143 -14.01 -2.37 40.43
C THR I 143 -14.61 -1.03 40.84
N ASP I 144 -15.57 -0.55 40.05
CA ASP I 144 -16.08 0.80 40.16
C ASP I 144 -17.22 0.95 41.17
N GLU I 145 -17.69 -0.15 41.76
CA GLU I 145 -18.81 -0.04 42.71
C GLU I 145 -18.41 0.69 43.97
N GLY I 146 -17.18 0.48 44.44
CA GLY I 146 -16.73 1.14 45.66
C GLY I 146 -16.44 2.62 45.48
N LEU I 147 -15.98 3.02 44.30
CA LEU I 147 -15.67 4.43 44.08
C LEU I 147 -16.96 5.26 44.02
N LYS I 148 -18.08 4.63 43.64
CA LYS I 148 -19.38 5.32 43.69
C LYS I 148 -19.68 5.81 45.09
N GLN I 149 -19.64 4.90 46.07
CA GLN I 149 -19.86 5.29 47.46
C GLN I 149 -18.73 6.16 47.99
N LEU I 150 -17.52 6.01 47.45
CA LEU I 150 -16.44 6.91 47.85
C LEU I 150 -16.78 8.35 47.49
N GLY I 151 -17.34 8.57 46.30
CA GLY I 151 -17.79 9.90 45.94
C GLY I 151 -19.10 10.32 46.58
N SER I 152 -19.91 9.35 47.02
CA SER I 152 -21.20 9.70 47.61
C SER I 152 -21.08 10.10 49.07
N LYS I 153 -20.31 9.35 49.86
CA LYS I 153 -20.28 9.58 51.31
C LYS I 153 -19.26 10.65 51.70
N CYS I 154 -17.99 10.47 51.34
CA CYS I 154 -16.94 11.42 51.71
C CYS I 154 -16.67 12.35 50.54
N ARG I 155 -17.50 13.40 50.44
CA ARG I 155 -17.34 14.42 49.42
C ARG I 155 -16.46 15.56 49.90
N GLU I 156 -15.28 15.21 50.40
CA GLU I 156 -14.29 16.18 50.83
C GLU I 156 -12.92 15.88 50.23
N LEU I 157 -12.79 14.77 49.50
CA LEU I 157 -11.52 14.39 48.89
C LEU I 157 -11.07 15.45 47.89
N LYS I 158 -9.75 15.65 47.81
CA LYS I 158 -9.20 16.74 47.02
C LYS I 158 -8.13 16.32 46.01
N ASP I 159 -7.80 15.03 45.91
CA ASP I 159 -6.75 14.59 45.02
C ASP I 159 -6.84 13.08 44.83
N ILE I 160 -6.88 12.63 43.58
CA ILE I 160 -6.96 11.21 43.26
C ILE I 160 -5.77 10.80 42.41
N HIS I 161 -5.58 9.49 42.31
CA HIS I 161 -4.56 8.89 41.45
C HIS I 161 -4.99 7.45 41.21
N PHE I 162 -5.30 7.12 39.96
CA PHE I 162 -5.96 5.86 39.66
C PHE I 162 -5.33 5.18 38.45
N GLY I 163 -3.99 5.16 38.41
CA GLY I 163 -3.31 4.52 37.29
C GLY I 163 -3.41 3.01 37.32
N GLN I 164 -3.42 2.42 36.13
CA GLN I 164 -3.35 0.97 35.94
C GLN I 164 -4.45 0.23 36.70
N CYS I 165 -5.68 0.74 36.63
CA CYS I 165 -6.85 0.10 37.23
C CYS I 165 -7.91 -0.01 36.15
N TYR I 166 -7.92 -1.13 35.41
CA TYR I 166 -8.80 -1.25 34.25
C TYR I 166 -10.20 -1.67 34.65
N LYS I 167 -10.77 -0.97 35.65
CA LYS I 167 -12.17 -1.18 36.03
C LYS I 167 -12.85 0.13 36.41
N ILE I 168 -12.35 1.26 35.91
CA ILE I 168 -12.85 2.59 36.26
C ILE I 168 -13.42 3.21 34.99
N SER I 169 -14.06 2.38 34.17
CA SER I 169 -14.37 2.74 32.79
C SER I 169 -15.18 4.04 32.70
N ASP I 170 -16.42 4.02 33.18
CA ASP I 170 -17.28 5.18 32.92
C ASP I 170 -17.96 5.74 34.16
N GLU I 171 -18.39 4.88 35.09
CA GLU I 171 -19.18 5.36 36.22
C GLU I 171 -18.33 6.17 37.19
N GLY I 172 -17.06 5.79 37.35
CA GLY I 172 -16.25 6.39 38.39
C GLY I 172 -16.02 7.88 38.20
N MET I 173 -15.67 8.29 36.97
CA MET I 173 -15.37 9.69 36.71
C MET I 173 -16.62 10.55 36.94
N ILE I 174 -17.76 10.11 36.43
CA ILE I 174 -18.98 10.90 36.63
C ILE I 174 -19.37 10.94 38.10
N VAL I 175 -19.16 9.83 38.84
CA VAL I 175 -19.61 9.80 40.22
C VAL I 175 -18.71 10.64 41.12
N ILE I 176 -17.38 10.54 40.97
CA ILE I 176 -16.57 11.60 41.54
C ILE I 176 -16.29 12.63 40.44
N ALA I 177 -17.36 13.18 39.89
CA ALA I 177 -17.38 14.49 39.26
C ALA I 177 -18.64 15.28 39.58
N LYS I 178 -19.75 14.64 39.93
CA LYS I 178 -20.98 15.37 40.24
C LYS I 178 -20.98 15.85 41.68
N GLY I 179 -20.71 14.96 42.63
CA GLY I 179 -20.68 15.32 44.03
C GLY I 179 -19.46 16.11 44.44
N CYS I 180 -18.28 15.49 44.32
CA CYS I 180 -17.04 16.15 44.70
C CYS I 180 -16.72 17.30 43.75
N LEU I 181 -16.18 18.38 44.32
CA LEU I 181 -15.82 19.55 43.53
C LEU I 181 -14.47 20.15 43.92
N LYS I 182 -13.87 19.70 45.02
CA LYS I 182 -12.66 20.31 45.56
C LYS I 182 -11.37 19.74 44.96
N LEU I 183 -11.48 18.89 43.95
CA LEU I 183 -10.31 18.25 43.36
C LEU I 183 -9.37 19.29 42.75
N GLN I 184 -8.07 19.06 42.90
CA GLN I 184 -7.04 19.93 42.34
C GLN I 184 -6.17 19.26 41.31
N ARG I 185 -5.70 18.04 41.57
CA ARG I 185 -4.80 17.34 40.66
C ARG I 185 -5.46 16.07 40.14
N ILE I 186 -5.11 15.70 38.91
CA ILE I 186 -5.63 14.51 38.27
C ILE I 186 -4.48 13.76 37.60
N TYR I 187 -4.53 12.43 37.66
CA TYR I 187 -3.53 11.60 37.04
C TYR I 187 -4.18 10.28 36.63
N MET I 188 -3.94 9.87 35.38
CA MET I 188 -4.51 8.64 34.85
C MET I 188 -3.45 7.96 34.01
N GLN I 189 -3.64 6.66 33.78
CA GLN I 189 -2.68 5.83 33.07
C GLN I 189 -3.45 5.01 32.05
N GLU I 190 -2.82 3.97 31.51
CA GLU I 190 -3.41 3.20 30.41
C GLU I 190 -4.64 2.44 30.91
N ASN I 191 -5.74 3.18 31.01
CA ASN I 191 -7.02 2.67 31.49
C ASN I 191 -8.01 2.72 30.33
N LYS I 192 -8.34 1.55 29.79
CA LYS I 192 -9.22 1.50 28.63
C LYS I 192 -10.66 1.72 29.03
N LEU I 193 -11.54 1.76 28.02
CA LEU I 193 -12.98 1.90 28.21
C LEU I 193 -13.34 3.22 28.87
N VAL I 194 -12.52 4.24 28.71
CA VAL I 194 -12.81 5.57 29.24
C VAL I 194 -13.45 6.38 28.12
N THR I 195 -14.73 6.71 28.30
CA THR I 195 -15.47 7.43 27.28
C THR I 195 -15.29 8.94 27.43
N ASP I 196 -15.59 9.67 26.36
CA ASP I 196 -15.48 11.12 26.38
C ASP I 196 -16.64 11.77 27.12
N GLN I 197 -17.80 11.12 27.17
CA GLN I 197 -18.97 11.74 27.78
C GLN I 197 -18.96 11.56 29.30
N SER I 198 -17.82 11.89 29.91
CA SER I 198 -17.73 11.98 31.36
C SER I 198 -16.91 13.18 31.84
N VAL I 199 -16.22 13.89 30.95
CA VAL I 199 -15.40 15.02 31.33
C VAL I 199 -15.97 16.34 30.80
N LYS I 200 -16.71 16.32 29.69
CA LYS I 200 -17.28 17.55 29.14
C LYS I 200 -18.22 18.21 30.15
N ALA I 201 -19.07 17.41 30.81
CA ALA I 201 -19.93 17.96 31.86
C ALA I 201 -19.10 18.46 33.04
N PHE I 202 -18.04 17.74 33.39
CA PHE I 202 -17.17 18.14 34.50
C PHE I 202 -16.02 19.03 34.00
N ALA I 203 -16.41 20.17 33.43
CA ALA I 203 -15.44 21.15 32.96
C ALA I 203 -15.84 22.58 33.28
N GLU I 204 -16.96 22.79 33.99
CA GLU I 204 -17.42 24.12 34.33
C GLU I 204 -17.55 24.36 35.82
N HIS I 205 -17.48 23.32 36.64
CA HIS I 205 -17.68 23.49 38.08
C HIS I 205 -16.43 24.06 38.76
N CYS I 206 -15.32 23.33 38.67
CA CYS I 206 -14.08 23.72 39.34
C CYS I 206 -13.00 24.05 38.31
N PRO I 207 -12.75 25.32 38.01
CA PRO I 207 -11.73 25.68 37.03
C PRO I 207 -10.34 25.87 37.64
N GLU I 208 -10.15 25.44 38.88
CA GLU I 208 -8.91 25.66 39.60
C GLU I 208 -7.90 24.53 39.44
N LEU I 209 -8.15 23.60 38.53
CA LEU I 209 -7.19 22.52 38.29
C LEU I 209 -5.90 23.06 37.70
N GLN I 210 -4.78 22.50 38.17
CA GLN I 210 -3.46 22.92 37.71
C GLN I 210 -2.70 21.80 37.02
N TYR I 211 -2.76 20.58 37.55
CA TYR I 211 -2.08 19.43 36.95
C TYR I 211 -3.12 18.54 36.27
N VAL I 212 -2.87 18.21 35.00
CA VAL I 212 -3.74 17.33 34.23
C VAL I 212 -2.89 16.26 33.57
N GLY I 213 -3.22 15.00 33.82
CA GLY I 213 -2.51 13.89 33.22
C GLY I 213 -3.43 12.79 32.73
N PHE I 214 -3.38 12.49 31.44
CA PHE I 214 -4.22 11.47 30.82
C PHE I 214 -3.40 10.61 29.87
N MET I 215 -2.24 10.15 30.35
CA MET I 215 -1.35 9.35 29.51
C MET I 215 -2.00 8.01 29.19
N GLY I 216 -1.86 7.59 27.93
CA GLY I 216 -2.35 6.28 27.50
C GLY I 216 -3.84 6.10 27.65
N CYS I 217 -4.62 7.18 27.62
CA CYS I 217 -6.06 7.12 27.79
C CYS I 217 -6.75 7.41 26.47
N SER I 218 -8.06 7.16 26.46
CA SER I 218 -8.87 7.25 25.24
C SER I 218 -9.79 8.47 25.26
N VAL I 219 -9.30 9.60 25.76
CA VAL I 219 -10.09 10.83 25.81
C VAL I 219 -10.06 11.48 24.43
N THR I 220 -11.24 11.71 23.86
CA THR I 220 -11.34 12.35 22.56
C THR I 220 -11.19 13.87 22.74
N SER I 221 -10.76 14.54 21.66
CA SER I 221 -10.52 15.98 21.70
C SER I 221 -11.79 16.80 21.83
N LYS I 222 -12.97 16.17 21.77
CA LYS I 222 -14.21 16.92 21.91
C LYS I 222 -14.31 17.63 23.26
N GLY I 223 -13.62 17.14 24.28
CA GLY I 223 -13.57 17.81 25.56
C GLY I 223 -12.39 18.77 25.66
N VAL I 224 -11.33 18.47 24.90
CA VAL I 224 -10.17 19.36 24.87
C VAL I 224 -10.52 20.67 24.18
N ILE I 225 -11.40 20.63 23.20
CA ILE I 225 -11.81 21.85 22.49
C ILE I 225 -12.47 22.83 23.45
N HIS I 226 -13.25 22.33 24.41
CA HIS I 226 -13.97 23.17 25.35
C HIS I 226 -13.11 23.67 26.49
N LEU I 227 -11.81 23.34 26.51
CA LEU I 227 -10.92 23.77 27.59
C LEU I 227 -10.66 25.27 27.58
N THR I 228 -11.05 25.97 26.52
CA THR I 228 -10.85 27.42 26.47
C THR I 228 -11.64 28.15 27.56
N LYS I 229 -12.69 27.52 28.09
CA LYS I 229 -13.49 28.13 29.15
C LYS I 229 -12.63 28.49 30.35
N LEU I 230 -12.02 27.49 30.98
CA LEU I 230 -11.16 27.73 32.13
C LEU I 230 -9.87 28.42 31.69
N ARG I 231 -9.38 29.33 32.53
CA ARG I 231 -8.18 30.10 32.25
C ARG I 231 -7.24 30.08 33.46
N ASN I 232 -7.18 28.94 34.15
CA ASN I 232 -6.32 28.79 35.33
C ASN I 232 -5.51 27.52 35.30
N LEU I 233 -5.42 26.86 34.14
CA LEU I 233 -4.68 25.61 34.04
C LEU I 233 -3.18 25.89 34.01
N SER I 234 -2.41 25.03 34.66
CA SER I 234 -0.98 25.24 34.83
C SER I 234 -0.12 24.18 34.15
N SER I 235 -0.39 22.91 34.41
CA SER I 235 0.47 21.83 33.94
C SER I 235 -0.31 20.87 33.07
N LEU I 236 0.30 20.41 31.98
CA LEU I 236 -0.31 19.49 31.03
C LEU I 236 0.55 18.25 30.90
N ASP I 237 -0.11 17.09 30.78
CA ASP I 237 0.57 15.82 30.57
C ASP I 237 -0.17 15.00 29.52
N LEU I 238 -0.59 15.65 28.43
CA LEU I 238 -1.36 14.99 27.37
C LEU I 238 -0.39 14.24 26.45
N ARG I 239 0.07 13.09 26.92
CA ARG I 239 0.91 12.20 26.14
C ARG I 239 0.06 11.14 25.47
N HIS I 240 0.29 10.92 24.17
CA HIS I 240 -0.40 9.90 23.39
C HIS I 240 -1.92 10.13 23.42
N ILE I 241 -2.30 11.35 23.04
CA ILE I 241 -3.69 11.76 23.05
C ILE I 241 -4.23 11.71 21.62
N THR I 242 -5.57 11.64 21.51
CA THR I 242 -6.23 11.44 20.22
C THR I 242 -6.55 12.78 19.59
N GLU I 243 -5.58 13.33 18.86
CA GLU I 243 -5.76 14.47 17.95
C GLU I 243 -6.47 15.64 18.64
N LEU I 244 -5.78 16.22 19.62
CA LEU I 244 -6.26 17.44 20.24
C LEU I 244 -6.19 18.59 19.24
N ASP I 245 -7.07 19.57 19.41
CA ASP I 245 -7.17 20.68 18.48
C ASP I 245 -5.96 21.60 18.62
N ASN I 246 -5.40 22.03 17.48
CA ASN I 246 -4.24 22.91 17.49
C ASN I 246 -4.62 24.33 17.90
N GLU I 247 -5.75 24.83 17.38
CA GLU I 247 -6.16 26.20 17.69
C GLU I 247 -6.49 26.36 19.18
N THR I 248 -7.00 25.30 19.82
CA THR I 248 -7.22 25.38 21.26
C THR I 248 -5.91 25.53 22.02
N VAL I 249 -4.87 24.80 21.61
CA VAL I 249 -3.56 24.98 22.24
C VAL I 249 -3.04 26.37 21.99
N MET I 250 -3.23 26.90 20.78
CA MET I 250 -2.81 28.27 20.49
C MET I 250 -3.53 29.27 21.39
N GLU I 251 -4.83 29.11 21.56
CA GLU I 251 -5.59 30.04 22.38
C GLU I 251 -5.20 29.94 23.85
N ILE I 252 -4.95 28.73 24.34
CA ILE I 252 -4.61 28.57 25.75
C ILE I 252 -3.18 29.05 26.02
N VAL I 253 -2.30 29.00 25.01
CA VAL I 253 -0.95 29.52 25.22
C VAL I 253 -0.89 31.02 24.98
N LYS I 254 -1.84 31.59 24.24
CA LYS I 254 -1.86 33.02 24.00
C LYS I 254 -2.55 33.77 25.14
N ARG I 255 -3.69 33.25 25.61
CA ARG I 255 -4.44 33.91 26.67
C ARG I 255 -3.87 33.58 28.05
N CYS I 256 -3.81 32.29 28.38
CA CYS I 256 -3.33 31.86 29.69
C CYS I 256 -1.83 32.04 29.73
N LYS I 257 -1.37 33.19 30.25
CA LYS I 257 0.05 33.39 30.44
C LYS I 257 0.60 32.42 31.49
N ASN I 258 -0.21 32.06 32.48
CA ASN I 258 0.19 31.11 33.50
C ASN I 258 0.13 29.70 32.94
N LEU I 259 1.27 29.20 32.46
CA LEU I 259 1.38 27.83 31.97
C LEU I 259 2.75 27.30 32.35
N SER I 260 2.77 26.15 33.02
CA SER I 260 4.00 25.62 33.60
C SER I 260 4.63 24.53 32.74
N SER I 261 3.89 23.46 32.44
CA SER I 261 4.45 22.29 31.80
C SER I 261 3.63 21.90 30.59
N LEU I 262 4.31 21.44 29.54
CA LEU I 262 3.68 20.90 28.34
C LEU I 262 4.56 19.78 27.82
N ASN I 263 4.06 18.54 27.84
CA ASN I 263 4.86 17.38 27.47
C ASN I 263 4.58 16.96 26.03
N LEU I 264 3.35 16.55 25.73
CA LEU I 264 2.90 16.22 24.38
C LEU I 264 3.85 15.25 23.68
N CYS I 265 4.46 14.34 24.43
CA CYS I 265 5.42 13.42 23.85
C CYS I 265 4.71 12.27 23.13
N LEU I 266 5.44 11.65 22.21
CA LEU I 266 5.02 10.48 21.45
C LEU I 266 3.82 10.74 20.54
N ASN I 267 3.47 11.99 20.29
CA ASN I 267 2.37 12.32 19.41
C ASN I 267 2.87 12.43 17.97
N TRP I 268 2.22 11.73 17.05
CA TRP I 268 2.66 11.67 15.68
C TRP I 268 1.83 12.49 14.70
N ILE I 269 0.53 12.68 14.94
CA ILE I 269 -0.22 13.51 14.01
C ILE I 269 0.10 14.98 14.24
N ILE I 270 0.50 15.33 15.47
CA ILE I 270 0.93 16.71 15.76
C ILE I 270 2.14 17.03 14.90
N ASN I 271 2.11 18.20 14.26
CA ASN I 271 3.10 18.57 13.27
C ASN I 271 4.13 19.54 13.84
N ASP I 272 4.99 20.05 12.95
CA ASP I 272 6.09 20.93 13.31
C ASP I 272 5.62 22.36 13.61
N ARG I 273 4.41 22.71 13.20
CA ARG I 273 3.93 24.09 13.35
C ARG I 273 3.89 24.52 14.81
N CYS I 274 3.46 23.61 15.69
CA CYS I 274 3.30 23.94 17.10
C CYS I 274 4.62 24.36 17.74
N VAL I 275 5.67 23.58 17.49
CA VAL I 275 6.98 23.93 18.07
C VAL I 275 7.60 25.10 17.31
N GLU I 276 7.26 25.28 16.04
CA GLU I 276 7.72 26.48 15.33
C GLU I 276 7.16 27.74 15.97
N VAL I 277 5.88 27.72 16.35
CA VAL I 277 5.22 28.90 16.89
C VAL I 277 5.35 29.02 18.41
N ILE I 278 5.80 27.96 19.09
CA ILE I 278 5.92 28.02 20.54
C ILE I 278 7.01 28.99 20.98
N ALA I 279 7.95 29.32 20.11
CA ALA I 279 9.00 30.29 20.43
C ALA I 279 8.63 31.71 20.03
N LYS I 280 7.47 31.91 19.41
CA LYS I 280 7.07 33.25 19.00
C LYS I 280 6.75 34.12 20.22
N GLU I 281 6.03 33.57 21.20
CA GLU I 281 5.61 34.33 22.37
C GLU I 281 5.92 33.65 23.69
N GLY I 282 6.36 32.39 23.69
CA GLY I 282 6.65 31.70 24.93
C GLY I 282 7.85 32.26 25.67
N GLN I 283 7.60 32.90 26.80
CA GLN I 283 8.66 33.46 27.64
C GLN I 283 8.77 32.77 29.00
N ASN I 284 7.68 32.29 29.56
CA ASN I 284 7.68 31.61 30.85
C ASN I 284 7.77 30.10 30.74
N LEU I 285 7.88 29.57 29.52
CA LEU I 285 8.05 28.12 29.36
C LEU I 285 9.40 27.70 29.93
N LYS I 286 9.40 26.60 30.68
CA LYS I 286 10.57 26.22 31.45
C LYS I 286 11.20 24.91 31.00
N GLU I 287 10.40 23.90 30.62
CA GLU I 287 10.96 22.65 30.13
C GLU I 287 10.17 22.16 28.93
N LEU I 288 10.84 21.36 28.11
CA LEU I 288 10.21 20.69 26.97
C LEU I 288 10.74 19.27 26.90
N TYR I 289 9.82 18.30 26.83
CA TYR I 289 10.17 16.88 26.74
C TYR I 289 9.72 16.40 25.36
N LEU I 290 10.63 16.44 24.40
CA LEU I 290 10.38 15.98 23.03
C LEU I 290 11.30 14.78 22.79
N VAL I 291 10.74 13.58 22.94
CA VAL I 291 11.48 12.33 22.79
C VAL I 291 10.99 11.63 21.54
N SER I 292 11.94 11.22 20.68
CA SER I 292 11.64 10.51 19.43
C SER I 292 10.73 11.34 18.52
N CYS I 293 10.78 12.66 18.65
CA CYS I 293 9.99 13.52 17.79
C CYS I 293 10.59 13.55 16.39
N LYS I 294 9.72 13.68 15.40
CA LYS I 294 10.12 13.71 13.99
C LYS I 294 10.41 15.13 13.51
N ILE I 295 11.15 15.88 14.34
CA ILE I 295 11.46 17.26 13.98
C ILE I 295 12.38 17.28 12.77
N THR I 296 12.23 18.32 11.96
CA THR I 296 12.94 18.46 10.69
C THR I 296 14.14 19.40 10.83
N ASP I 297 14.77 19.38 12.00
CA ASP I 297 15.99 20.12 12.34
C ASP I 297 16.00 21.54 11.77
N TYR I 298 14.84 22.19 11.75
CA TYR I 298 14.71 23.54 11.23
C TYR I 298 14.26 24.55 12.27
N ALA I 299 13.61 24.12 13.35
CA ALA I 299 13.17 25.00 14.41
C ALA I 299 14.28 25.36 15.39
N LEU I 300 15.47 24.78 15.25
CA LEU I 300 16.57 25.12 16.14
C LEU I 300 16.99 26.58 15.98
N ILE I 301 17.03 27.08 14.74
CA ILE I 301 17.40 28.46 14.50
C ILE I 301 16.41 29.41 15.17
N ALA I 302 15.11 29.11 15.05
CA ALA I 302 14.11 29.95 15.69
C ALA I 302 14.17 29.84 17.21
N ILE I 303 14.40 28.64 17.74
CA ILE I 303 14.43 28.45 19.19
C ILE I 303 15.70 29.03 19.81
N GLY I 304 16.73 29.29 19.00
CA GLY I 304 17.92 29.92 19.52
C GLY I 304 17.93 31.42 19.34
N ARG I 305 17.46 31.88 18.17
CA ARG I 305 17.48 33.32 17.87
C ARG I 305 16.32 34.04 18.55
N TYR I 306 15.11 33.52 18.41
CA TYR I 306 13.91 34.20 18.85
C TYR I 306 13.53 33.88 20.29
N SER I 307 14.28 33.03 20.97
CA SER I 307 14.02 32.68 22.36
C SER I 307 15.23 33.07 23.20
N MET I 308 14.99 33.86 24.26
CA MET I 308 16.06 34.27 25.15
C MET I 308 15.92 33.72 26.56
N THR I 309 14.74 33.23 26.94
CA THR I 309 14.48 32.70 28.28
C THR I 309 14.21 31.21 28.16
N ILE I 310 15.23 30.39 28.41
CA ILE I 310 15.12 28.94 28.35
C ILE I 310 16.23 28.32 29.19
N GLU I 311 15.89 27.31 29.98
CA GLU I 311 16.86 26.66 30.85
C GLU I 311 16.84 25.14 30.80
N THR I 312 15.78 24.51 30.29
CA THR I 312 15.72 23.06 30.18
C THR I 312 15.36 22.69 28.75
N VAL I 313 16.20 21.85 28.13
CA VAL I 313 15.95 21.34 26.78
C VAL I 313 16.24 19.85 26.78
N ASP I 314 15.39 19.08 26.11
CA ASP I 314 15.51 17.63 26.07
C ASP I 314 15.48 17.18 24.61
N VAL I 315 16.60 16.62 24.14
CA VAL I 315 16.69 16.03 22.82
C VAL I 315 16.59 14.52 22.97
N GLY I 316 15.62 13.91 22.27
CA GLY I 316 15.37 12.50 22.42
C GLY I 316 16.06 11.65 21.36
N TRP I 317 15.29 10.76 20.72
CA TRP I 317 15.83 9.87 19.70
C TRP I 317 15.86 10.58 18.34
N CYS I 318 16.71 11.58 18.25
CA CYS I 318 16.85 12.36 17.04
C CYS I 318 17.84 11.69 16.09
N LYS I 319 17.34 11.21 14.95
CA LYS I 319 18.20 10.57 13.98
C LYS I 319 19.15 11.57 13.32
N GLU I 320 18.67 12.79 13.08
CA GLU I 320 19.47 13.85 12.47
C GLU I 320 19.54 15.05 13.40
N ILE I 321 20.69 15.72 13.38
CA ILE I 321 20.91 16.92 14.20
C ILE I 321 22.03 17.72 13.56
N THR I 322 22.10 19.00 13.88
CA THR I 322 23.13 19.89 13.39
C THR I 322 24.11 20.16 14.54
N ASP I 323 25.33 19.65 14.40
CA ASP I 323 26.34 19.89 15.42
C ASP I 323 26.69 21.38 15.51
N GLN I 324 26.76 22.06 14.36
CA GLN I 324 27.05 23.48 14.37
C GLN I 324 25.96 24.27 15.10
N GLY I 325 24.70 23.92 14.85
CA GLY I 325 23.61 24.62 15.53
C GLY I 325 23.60 24.38 17.02
N ALA I 326 23.84 23.13 17.44
CA ALA I 326 23.92 22.82 18.86
C ALA I 326 25.07 23.57 19.52
N THR I 327 26.23 23.61 18.85
CA THR I 327 27.36 24.36 19.39
C THR I 327 27.03 25.84 19.50
N LEU I 328 26.35 26.40 18.49
CA LEU I 328 26.00 27.81 18.53
C LEU I 328 25.05 28.10 19.69
N ILE I 329 24.04 27.25 19.88
CA ILE I 329 23.07 27.51 20.95
C ILE I 329 23.68 27.21 22.31
N ALA I 330 24.79 26.45 22.34
CA ALA I 330 25.46 26.19 23.61
C ALA I 330 25.96 27.48 24.25
N GLN I 331 26.60 28.35 23.47
CA GLN I 331 27.06 29.63 23.97
C GLN I 331 26.09 30.77 23.71
N SER I 332 25.03 30.53 22.92
CA SER I 332 24.06 31.60 22.66
C SER I 332 23.34 32.01 23.92
N SER I 333 22.94 31.04 24.75
CA SER I 333 22.25 31.33 25.99
C SER I 333 23.26 31.62 27.11
N LYS I 334 22.73 32.02 28.26
CA LYS I 334 23.54 32.35 29.43
C LYS I 334 23.56 31.26 30.48
N SER I 335 22.49 30.47 30.60
CA SER I 335 22.43 29.41 31.59
C SER I 335 21.85 28.10 31.06
N LEU I 336 21.51 28.01 29.79
CA LEU I 336 20.92 26.80 29.21
C LEU I 336 22.02 25.75 29.03
N ARG I 337 22.21 24.93 30.07
CA ARG I 337 23.17 23.83 30.03
C ARG I 337 22.47 22.58 30.56
N TYR I 338 21.71 21.90 29.70
CA TYR I 338 20.96 20.72 30.09
C TYR I 338 21.03 19.64 29.01
N LEU I 339 22.15 19.55 28.29
CA LEU I 339 22.28 18.63 27.17
C LEU I 339 22.38 17.20 27.71
N GLY I 340 21.23 16.55 27.82
CA GLY I 340 21.19 15.14 28.18
C GLY I 340 21.13 14.22 26.98
N LEU I 341 22.13 14.30 26.11
CA LEU I 341 22.10 13.55 24.86
C LEU I 341 22.20 12.05 25.11
N MET I 342 21.38 11.29 24.40
CA MET I 342 21.34 9.84 24.50
C MET I 342 21.12 9.25 23.11
N ARG I 343 21.94 8.26 22.76
CA ARG I 343 21.80 7.50 21.51
C ARG I 343 21.79 8.42 20.28
N CYS I 344 22.57 9.50 20.32
CA CYS I 344 22.67 10.43 19.20
C CYS I 344 23.78 9.96 18.29
N ASP I 345 23.42 9.16 17.28
CA ASP I 345 24.40 8.62 16.36
C ASP I 345 25.05 9.70 15.51
N LYS I 346 24.28 10.73 15.14
CA LYS I 346 24.79 11.82 14.29
C LYS I 346 25.45 12.88 15.17
N VAL I 347 26.57 12.48 15.79
CA VAL I 347 27.35 13.36 16.65
C VAL I 347 28.82 13.20 16.30
N ASN I 348 29.60 14.24 16.58
CA ASN I 348 31.03 14.21 16.38
C ASN I 348 31.72 13.84 17.70
N GLU I 349 33.05 13.90 17.72
CA GLU I 349 33.82 13.59 18.92
C GLU I 349 34.52 14.83 19.48
N VAL I 350 34.03 16.02 19.15
CA VAL I 350 34.62 17.27 19.61
C VAL I 350 33.88 17.83 20.82
N THR I 351 32.55 17.90 20.74
CA THR I 351 31.77 18.45 21.84
C THR I 351 31.95 17.64 23.11
N VAL I 352 31.82 16.31 23.00
CA VAL I 352 32.02 15.42 24.15
C VAL I 352 33.46 15.40 24.64
N GLU I 353 34.39 15.97 23.88
CA GLU I 353 35.78 16.05 24.28
C GLU I 353 36.22 17.44 24.71
N GLN I 354 35.58 18.50 24.20
CA GLN I 354 35.95 19.87 24.51
C GLN I 354 35.02 20.53 25.51
N LEU I 355 33.70 20.40 25.33
CA LEU I 355 32.76 21.10 26.19
C LEU I 355 32.74 20.55 27.61
N VAL I 356 33.31 19.36 27.84
CA VAL I 356 33.38 18.83 29.19
C VAL I 356 34.25 19.71 30.07
N GLN I 357 35.40 20.13 29.56
CA GLN I 357 36.30 20.99 30.30
C GLN I 357 36.09 22.48 30.02
N GLN I 358 35.55 22.81 28.84
CA GLN I 358 35.28 24.21 28.52
C GLN I 358 34.23 24.79 29.45
N TYR I 359 33.17 24.03 29.72
CA TYR I 359 32.12 24.43 30.66
C TYR I 359 32.11 23.45 31.82
N PRO I 360 32.72 23.79 32.96
CA PRO I 360 32.76 22.84 34.09
C PRO I 360 31.48 22.84 34.91
N HIS I 361 30.41 23.44 34.36
CA HIS I 361 29.12 23.51 35.02
C HIS I 361 28.06 22.67 34.30
N ILE I 362 28.47 21.64 33.56
CA ILE I 362 27.55 20.77 32.86
C ILE I 362 27.84 19.33 33.28
N THR I 363 26.76 18.56 33.43
CA THR I 363 26.87 17.15 33.82
C THR I 363 26.88 16.19 32.63
N PHE I 364 26.17 16.53 31.55
CA PHE I 364 26.07 15.69 30.36
C PHE I 364 25.42 14.33 30.65
N SER I 365 25.15 13.55 29.60
CA SER I 365 24.53 12.25 29.79
C SER I 365 25.12 11.18 28.88
N THR I 366 26.26 11.42 28.23
CA THR I 366 26.79 10.45 27.29
C THR I 366 27.27 9.19 28.02
N VAL I 367 27.26 8.07 27.29
CA VAL I 367 27.58 6.78 27.88
C VAL I 367 29.03 6.74 28.36
N LEU I 368 29.95 7.30 27.57
CA LEU I 368 31.36 7.26 27.92
C LEU I 368 31.67 8.00 29.22
N GLN I 369 30.84 8.98 29.59
CA GLN I 369 31.07 9.75 30.80
C GLN I 369 30.28 9.24 32.01
N ASP I 370 29.00 8.97 31.84
CA ASP I 370 28.16 8.54 32.97
C ASP I 370 28.26 7.04 33.21
N CYS I 371 29.48 6.56 33.31
CA CYS I 371 29.76 5.22 33.83
C CYS I 371 30.76 5.26 34.98
N LYS I 372 31.79 6.10 34.87
CA LYS I 372 32.72 6.30 35.99
C LYS I 372 32.11 7.21 37.05
N ARG I 373 31.36 8.24 36.63
CA ARG I 373 30.75 9.16 37.57
C ARG I 373 29.72 8.45 38.45
N THR I 374 28.90 7.58 37.85
CA THR I 374 27.90 6.85 38.62
C THR I 374 28.56 5.94 39.65
N LEU I 375 29.61 5.22 39.25
CA LEU I 375 30.32 4.37 40.19
C LEU I 375 30.96 5.18 41.30
N GLU I 376 31.55 6.33 40.94
CA GLU I 376 32.19 7.17 41.95
C GLU I 376 31.18 7.70 42.96
N ARG I 377 30.03 8.17 42.49
CA ARG I 377 29.01 8.71 43.39
C ARG I 377 28.34 7.59 44.19
N ALA I 378 28.30 6.36 43.66
CA ALA I 378 27.78 5.25 44.43
C ALA I 378 28.76 4.83 45.51
N TYR I 379 30.06 4.84 45.19
CA TYR I 379 31.06 4.48 46.19
C TYR I 379 31.12 5.51 47.30
N GLN I 380 31.05 6.81 46.97
CA GLN I 380 31.08 7.82 48.02
C GLN I 380 29.85 7.73 48.92
N MET I 381 28.68 7.51 48.34
CA MET I 381 27.45 7.42 49.13
C MET I 381 26.76 6.07 48.94
N HIS J 10 16.82 -37.64 22.61
CA HIS J 10 16.05 -36.74 21.76
C HIS J 10 16.68 -36.57 20.39
N SER J 11 15.89 -36.08 19.43
CA SER J 11 16.43 -35.78 18.10
C SER J 11 17.45 -34.66 18.15
N THR J 12 17.43 -33.83 19.19
CA THR J 12 18.49 -32.84 19.36
C THR J 12 19.83 -33.51 19.61
N ASN J 13 19.82 -34.70 20.22
CA ASN J 13 21.05 -35.50 20.28
C ASN J 13 21.51 -35.86 18.88
N VAL J 14 20.57 -36.22 18.00
CA VAL J 14 20.93 -36.46 16.60
C VAL J 14 21.53 -35.22 15.98
N LEU J 15 20.93 -34.07 16.23
CA LEU J 15 21.43 -32.83 15.65
C LEU J 15 22.83 -32.51 16.14
N LEU J 16 23.06 -32.67 17.44
CA LEU J 16 24.38 -32.36 17.99
C LEU J 16 25.43 -33.35 17.47
N SER J 17 25.06 -34.63 17.36
CA SER J 17 25.99 -35.60 16.79
C SER J 17 26.32 -35.27 15.34
N LEU J 18 25.32 -34.89 14.56
CA LEU J 18 25.56 -34.48 13.19
C LEU J 18 26.44 -33.23 13.15
N ASN J 19 26.23 -32.31 14.08
CA ASN J 19 27.04 -31.10 14.13
C ASN J 19 28.50 -31.43 14.40
N ASP J 20 28.75 -32.30 15.38
CA ASP J 20 30.13 -32.65 15.69
C ASP J 20 30.77 -33.39 14.52
N GLN J 21 30.00 -34.26 13.86
CA GLN J 21 30.54 -34.92 12.67
C GLN J 21 30.85 -33.92 11.58
N ARG J 22 30.00 -32.90 11.42
CA ARG J 22 30.26 -31.86 10.43
C ARG J 22 31.55 -31.14 10.76
N LYS J 23 31.78 -30.85 12.04
CA LYS J 23 32.97 -30.11 12.42
C LYS J 23 34.17 -31.05 12.55
N LYS J 24 34.35 -31.89 11.53
CA LYS J 24 35.56 -32.66 11.33
C LYS J 24 35.97 -32.71 9.87
N ASP J 25 35.19 -32.11 8.96
CA ASP J 25 35.38 -32.24 7.52
C ASP J 25 35.34 -33.70 7.09
N VAL J 26 34.34 -34.44 7.57
CA VAL J 26 34.09 -35.81 7.14
C VAL J 26 32.61 -36.11 7.35
N LEU J 27 32.08 -37.00 6.50
CA LEU J 27 30.65 -37.30 6.43
C LEU J 27 29.83 -36.09 5.99
N CYS J 28 30.49 -35.12 5.35
CA CYS J 28 29.85 -33.92 4.85
C CYS J 28 29.43 -34.13 3.41
N ASP J 29 28.20 -33.76 3.10
CA ASP J 29 27.55 -34.14 1.85
C ASP J 29 27.36 -32.98 0.89
N VAL J 30 26.95 -31.82 1.39
CA VAL J 30 26.67 -30.65 0.58
C VAL J 30 27.71 -29.58 0.90
N THR J 31 28.34 -29.03 -0.12
CA THR J 31 29.42 -28.07 0.05
C THR J 31 29.01 -26.71 -0.48
N ILE J 32 29.12 -25.68 0.37
CA ILE J 32 28.75 -24.31 0.03
C ILE J 32 30.01 -23.55 -0.33
N PHE J 33 29.94 -22.75 -1.39
CA PHE J 33 31.11 -22.02 -1.87
C PHE J 33 30.83 -20.52 -1.88
N VAL J 34 31.64 -19.76 -1.15
CA VAL J 34 31.49 -18.30 -1.05
C VAL J 34 32.84 -17.67 -1.38
N GLU J 35 32.96 -17.11 -2.59
CA GLU J 35 34.14 -16.46 -3.15
C GLU J 35 35.43 -17.24 -2.89
N GLY J 36 35.33 -18.55 -2.74
CA GLY J 36 36.49 -19.39 -2.50
C GLY J 36 36.41 -20.23 -1.24
N GLN J 37 35.87 -19.66 -0.17
CA GLN J 37 35.66 -20.41 1.06
C GLN J 37 34.69 -21.55 0.80
N ARG J 38 35.06 -22.75 1.28
CA ARG J 38 34.17 -23.90 1.22
C ARG J 38 33.71 -24.23 2.63
N PHE J 39 32.40 -24.26 2.82
CA PHE J 39 31.79 -24.61 4.08
C PHE J 39 31.02 -25.90 3.88
N ARG J 40 31.44 -26.97 4.53
CA ARG J 40 30.86 -28.29 4.31
C ARG J 40 29.73 -28.52 5.28
N ALA J 41 28.73 -29.27 4.85
CA ALA J 41 27.59 -29.61 5.69
C ALA J 41 26.92 -30.82 5.07
N HIS J 42 25.69 -31.09 5.50
CA HIS J 42 25.01 -32.31 5.10
C HIS J 42 24.00 -32.02 4.00
N ARG J 43 23.19 -33.03 3.68
CA ARG J 43 22.19 -32.95 2.62
C ARG J 43 20.79 -32.68 3.15
N SER J 44 20.38 -33.33 4.23
CA SER J 44 19.03 -33.17 4.73
C SER J 44 18.82 -31.83 5.42
N VAL J 45 19.80 -31.40 6.23
CA VAL J 45 19.56 -30.29 7.15
C VAL J 45 19.43 -28.97 6.40
N LEU J 46 20.33 -28.70 5.45
CA LEU J 46 20.19 -27.48 4.67
C LEU J 46 18.89 -27.48 3.87
N ALA J 47 18.40 -28.66 3.48
CA ALA J 47 17.09 -28.73 2.88
C ALA J 47 16.01 -28.31 3.87
N ALA J 48 16.17 -28.69 5.13
CA ALA J 48 15.17 -28.29 6.12
C ALA J 48 15.28 -26.82 6.51
N CYS J 49 16.45 -26.21 6.34
CA CYS J 49 16.66 -24.88 6.87
C CYS J 49 16.22 -23.78 5.89
N SER J 50 16.91 -23.66 4.77
CA SER J 50 16.77 -22.49 3.90
C SER J 50 16.11 -22.89 2.59
N SER J 51 14.97 -22.28 2.31
CA SER J 51 14.18 -22.67 1.16
C SER J 51 14.86 -22.39 -0.16
N TYR J 52 15.86 -21.51 -0.19
CA TYR J 52 16.63 -21.36 -1.40
C TYR J 52 17.44 -22.62 -1.69
N PHE J 53 17.83 -23.35 -0.64
CA PHE J 53 18.71 -24.51 -0.82
C PHE J 53 17.96 -25.76 -1.25
N HIS J 54 16.78 -26.00 -0.70
CA HIS J 54 16.00 -27.15 -1.15
C HIS J 54 15.75 -27.10 -2.64
N SER J 55 15.59 -25.89 -3.17
CA SER J 55 15.42 -25.73 -4.60
C SER J 55 16.57 -26.35 -5.37
N ARG J 56 17.80 -26.00 -5.01
CA ARG J 56 18.92 -26.53 -5.77
C ARG J 56 19.30 -27.94 -5.38
N ILE J 57 18.77 -28.45 -4.28
CA ILE J 57 19.16 -29.79 -3.83
C ILE J 57 18.24 -30.87 -4.38
N VAL J 58 16.92 -30.76 -4.15
CA VAL J 58 16.06 -31.92 -4.36
C VAL J 58 16.05 -32.38 -5.81
N GLY J 59 16.47 -31.53 -6.74
CA GLY J 59 16.47 -31.90 -8.13
C GLY J 59 17.60 -32.79 -8.58
N GLN J 60 18.48 -33.20 -7.68
CA GLN J 60 19.60 -34.04 -8.05
C GLN J 60 19.74 -35.18 -7.05
N ALA J 61 20.38 -36.25 -7.51
CA ALA J 61 20.74 -37.37 -6.66
C ALA J 61 22.23 -37.68 -6.78
N ASP J 62 23.04 -36.67 -7.07
CA ASP J 62 24.47 -36.84 -7.33
C ASP J 62 25.19 -37.26 -6.05
N GLY J 63 26.51 -37.40 -6.16
CA GLY J 63 27.33 -37.67 -5.01
C GLY J 63 27.77 -36.43 -4.25
N GLU J 64 28.60 -35.62 -4.89
CA GLU J 64 29.15 -34.41 -4.28
C GLU J 64 28.52 -33.19 -4.93
N LEU J 65 27.98 -32.30 -4.12
CA LEU J 65 27.22 -31.14 -4.56
C LEU J 65 28.03 -29.86 -4.35
N ASN J 66 27.72 -28.85 -5.15
CA ASN J 66 28.49 -27.61 -5.14
C ASN J 66 27.52 -26.45 -5.34
N ILE J 67 27.03 -25.88 -4.25
CA ILE J 67 26.02 -24.82 -4.30
C ILE J 67 26.69 -23.50 -3.98
N THR J 68 26.50 -22.51 -4.86
CA THR J 68 27.06 -21.19 -4.68
C THR J 68 25.95 -20.22 -4.33
N LEU J 69 26.31 -19.16 -3.61
CA LEU J 69 25.32 -18.23 -3.11
C LEU J 69 25.53 -16.85 -3.72
N PRO J 70 24.48 -16.05 -3.88
CA PRO J 70 24.66 -14.73 -4.47
C PRO J 70 25.45 -13.81 -3.56
N GLU J 71 25.98 -12.75 -4.16
CA GLU J 71 26.68 -11.72 -3.40
C GLU J 71 25.76 -11.09 -2.36
N GLU J 72 24.44 -11.18 -2.57
CA GLU J 72 23.49 -10.59 -1.64
C GLU J 72 23.63 -11.18 -0.24
N VAL J 73 23.91 -12.48 -0.16
CA VAL J 73 24.17 -13.12 1.12
C VAL J 73 25.63 -12.92 1.49
N THR J 74 25.88 -12.39 2.68
CA THR J 74 27.22 -12.06 3.13
C THR J 74 27.76 -13.16 4.03
N VAL J 75 29.08 -13.38 3.96
CA VAL J 75 29.70 -14.40 4.78
C VAL J 75 29.52 -14.09 6.26
N LYS J 76 29.79 -12.85 6.66
CA LYS J 76 29.85 -12.49 8.07
C LYS J 76 28.57 -12.88 8.80
N GLY J 77 27.41 -12.60 8.20
CA GLY J 77 26.20 -13.14 8.77
C GLY J 77 25.99 -14.59 8.44
N PHE J 78 26.72 -15.12 7.46
CA PHE J 78 26.41 -16.46 6.99
C PHE J 78 26.87 -17.52 7.99
N GLU J 79 28.06 -17.35 8.60
CA GLU J 79 28.49 -18.40 9.52
C GLU J 79 27.49 -18.64 10.64
N PRO J 80 26.94 -17.64 11.33
CA PRO J 80 25.95 -17.94 12.37
C PRO J 80 24.64 -18.48 11.83
N LEU J 81 24.34 -18.30 10.56
CA LEU J 81 23.11 -18.86 10.01
C LEU J 81 23.11 -20.37 10.14
N ILE J 82 24.20 -21.02 9.73
CA ILE J 82 24.27 -22.47 9.83
C ILE J 82 24.29 -22.90 11.28
N GLN J 83 24.94 -22.12 12.14
CA GLN J 83 24.96 -22.44 13.56
C GLN J 83 23.56 -22.41 14.15
N PHE J 84 22.76 -21.43 13.76
CA PHE J 84 21.39 -21.36 14.28
C PHE J 84 20.51 -22.43 13.63
N ALA J 85 20.86 -22.84 12.41
CA ALA J 85 20.19 -23.98 11.80
C ALA J 85 20.46 -25.25 12.60
N TYR J 86 21.69 -25.40 13.09
CA TYR J 86 22.08 -26.63 13.77
C TYR J 86 21.61 -26.63 15.23
N THR J 87 22.12 -25.69 16.03
CA THR J 87 21.90 -25.68 17.47
C THR J 87 20.98 -24.57 17.96
N ALA J 88 20.43 -23.75 17.05
CA ALA J 88 19.46 -22.72 17.41
C ALA J 88 20.01 -21.72 18.42
N LYS J 89 21.31 -21.46 18.37
CA LYS J 89 21.95 -20.46 19.22
C LYS J 89 22.80 -19.54 18.36
N LEU J 90 22.71 -18.24 18.62
CA LEU J 90 23.41 -17.25 17.81
C LEU J 90 24.29 -16.37 18.68
N ILE J 91 25.36 -15.89 18.08
CA ILE J 91 26.23 -14.87 18.67
C ILE J 91 26.25 -13.70 17.70
N LEU J 92 25.99 -12.49 18.21
CA LEU J 92 25.96 -11.33 17.35
C LEU J 92 26.00 -10.07 18.19
N SER J 93 26.69 -9.06 17.65
CA SER J 93 26.79 -7.74 18.27
C SER J 93 26.11 -6.72 17.36
N LYS J 94 26.21 -5.45 17.74
CA LYS J 94 25.38 -4.43 17.13
C LYS J 94 25.88 -3.94 15.78
N GLU J 95 27.14 -4.23 15.41
CA GLU J 95 27.66 -3.69 14.17
C GLU J 95 27.15 -4.44 12.94
N ASN J 96 26.89 -5.74 13.06
CA ASN J 96 26.46 -6.57 11.93
C ASN J 96 25.05 -7.10 12.22
N VAL J 97 24.06 -6.27 11.93
CA VAL J 97 22.67 -6.62 12.22
C VAL J 97 21.80 -6.45 10.98
N ASP J 98 22.01 -5.34 10.26
CA ASP J 98 21.07 -4.92 9.23
C ASP J 98 20.90 -5.98 8.14
N GLU J 99 22.00 -6.57 7.68
CA GLU J 99 21.86 -7.58 6.65
C GLU J 99 21.33 -8.88 7.17
N VAL J 100 20.82 -8.88 8.40
CA VAL J 100 20.14 -10.05 8.97
C VAL J 100 18.75 -9.72 9.49
N CYS J 101 18.37 -8.44 9.59
CA CYS J 101 17.10 -8.06 10.20
C CYS J 101 15.89 -8.49 9.40
N LYS J 102 15.53 -9.76 9.48
CA LYS J 102 14.33 -10.27 8.86
C LYS J 102 13.50 -11.19 9.75
N CYS J 103 14.08 -11.78 10.79
CA CYS J 103 13.40 -12.50 11.88
C CYS J 103 12.53 -13.65 11.40
N VAL J 104 12.51 -13.89 10.10
CA VAL J 104 11.95 -15.11 9.52
C VAL J 104 13.02 -15.66 8.59
N GLU J 105 14.28 -15.44 8.99
CA GLU J 105 15.46 -15.77 8.20
C GLU J 105 15.49 -14.90 6.95
N PHE J 106 14.62 -15.21 5.99
CA PHE J 106 14.56 -14.49 4.72
C PHE J 106 15.95 -14.32 4.13
N LEU J 107 16.33 -13.08 3.86
CA LEU J 107 17.73 -12.71 3.60
C LEU J 107 18.25 -13.31 2.30
N SER J 108 17.48 -14.20 1.67
CA SER J 108 17.99 -14.99 0.56
C SER J 108 17.38 -14.56 -0.76
N VAL J 109 16.05 -14.59 -0.86
CA VAL J 109 15.38 -14.12 -2.08
C VAL J 109 14.39 -13.01 -1.74
N HIS J 110 13.45 -13.26 -0.83
CA HIS J 110 12.97 -14.42 -0.08
C HIS J 110 11.44 -14.40 -0.02
N ASN J 111 10.82 -14.09 -1.14
CA ASN J 111 9.37 -13.88 -1.18
C ASN J 111 8.67 -15.20 -0.89
N ILE J 112 8.08 -15.31 0.30
CA ILE J 112 7.32 -16.49 0.67
C ILE J 112 5.83 -16.17 0.64
#